data_8S2C
# 
_entry.id   8S2C 
# 
_audit_conform.dict_name       mmcif_pdbx.dic 
_audit_conform.dict_version    5.402 
_audit_conform.dict_location   http://mmcif.pdb.org/dictionaries/ascii/mmcif_pdbx.dic 
# 
loop_
_database_2.database_id 
_database_2.database_code 
_database_2.pdbx_database_accession 
_database_2.pdbx_DOI 
PDB   8S2C         pdb_00008s2c 10.2210/pdb8s2c/pdb 
WWPDB D_1292132400 ?            ?                   
BMRB  34903        ?            10.13018/BMR34903   
# 
_pdbx_audit_revision_history.ordinal             1 
_pdbx_audit_revision_history.data_content_type   'Structure model' 
_pdbx_audit_revision_history.major_revision      1 
_pdbx_audit_revision_history.minor_revision      0 
_pdbx_audit_revision_history.revision_date       2025-02-26 
_pdbx_audit_revision_history.part_number         ? 
# 
_pdbx_audit_revision_details.ordinal             1 
_pdbx_audit_revision_details.revision_ordinal    1 
_pdbx_audit_revision_details.data_content_type   'Structure model' 
_pdbx_audit_revision_details.provider            repository 
_pdbx_audit_revision_details.type                'Initial release' 
_pdbx_audit_revision_details.description         ? 
_pdbx_audit_revision_details.details             ? 
# 
_pdbx_database_status.status_code                     REL 
_pdbx_database_status.status_code_sf                  ? 
_pdbx_database_status.status_code_mr                  . 
_pdbx_database_status.entry_id                        8S2C 
_pdbx_database_status.recvd_initial_deposition_date   2024-02-16 
_pdbx_database_status.SG_entry                        N 
_pdbx_database_status.deposit_site                    PDBE 
_pdbx_database_status.process_site                    PDBE 
_pdbx_database_status.status_code_cs                  . 
_pdbx_database_status.status_code_nmr_data            REL 
_pdbx_database_status.methods_development_category    ? 
_pdbx_database_status.pdb_format_compatible           Y 
# 
_pdbx_database_related.db_name        BMRB 
_pdbx_database_related.details        'NMR structure of viscosin in micellar DPC solution' 
_pdbx_database_related.db_id          34903 
_pdbx_database_related.content_type   unspecified 
# 
_pdbx_contact_author.id                 2 
_pdbx_contact_author.email              jose.martins@ugent.be 
_pdbx_contact_author.name_first         Jose 
_pdbx_contact_author.name_last          Martins 
_pdbx_contact_author.name_mi            C 
_pdbx_contact_author.role               'principal investigator/group leader' 
_pdbx_contact_author.identifier_ORCID   0000-0001-7350-2253 
# 
loop_
_audit_author.name 
_audit_author.pdbx_ordinal 
_audit_author.identifier_ORCID 
'Kovacs, B.'    1 0000-0003-2715-5793 
'Geudens, N.'   2 0000-0003-0459-7142 
'Martins, J.C.' 3 0000-0001-7350-2253 
# 
_citation.abstract                  ? 
_citation.abstract_id_CAS           ? 
_citation.book_id_ISBN              ? 
_citation.book_publisher            ? 
_citation.book_publisher_city       ? 
_citation.book_title                ? 
_citation.coordinate_linkage        ? 
_citation.country                   ? 
_citation.database_id_Medline       ? 
_citation.details                   ? 
_citation.id                        primary 
_citation.journal_abbrev            'To be published' 
_citation.journal_id_ASTM           ? 
_citation.journal_id_CSD            0353 
_citation.journal_id_ISSN           ? 
_citation.journal_full              ? 
_citation.journal_issue             ? 
_citation.journal_volume            ? 
_citation.language                  ? 
_citation.page_first                ? 
_citation.page_last                 ? 
_citation.title                     'NMR structure of viscosin in micellar DPC solution' 
_citation.year                      ? 
_citation.database_id_CSD           ? 
_citation.pdbx_database_id_DOI      ? 
_citation.pdbx_database_id_PubMed   ? 
_citation.pdbx_database_id_patent   ? 
_citation.unpublished_flag          ? 
# 
loop_
_citation_author.citation_id 
_citation_author.name 
_citation_author.ordinal 
_citation_author.identifier_ORCID 
primary 'Kovacs, B.'    1 0000-0003-2715-5793 
primary 'Geudens, N.'   2 0000-0003-0459-7142 
primary 'Martins, J.C.' 3 0000-0001-7350-2253 
# 
loop_
_entity.id 
_entity.type 
_entity.src_method 
_entity.pdbx_description 
_entity.formula_weight 
_entity.pdbx_number_of_molecules 
_entity.pdbx_ec 
_entity.pdbx_mutation 
_entity.pdbx_fragment 
_entity.details 
1 polymer     nat Viscosin                          974.150 1 ? ? ? 
;1) The polypeptide chain of viscosin consists of 9 amino acids. 2) The N-terminal amino acid (Leu1) is acylated with an (R)-3-hydroxy-decanoic acid (IG8) moiety which is indicated as the first residue. 3) The side-chain of the D-Thr4 residue is of allo-configuration (2TL). 4) The depsi (ester) bond is established between the ILE10 carboxyl and allo-2TL side-chain OH group.
;
2 non-polymer syn '(3~{R})-3-oxidanyldecanoic acid' 188.264 1 ? ? ? ? 
# 
_entity_poly.entity_id                      1 
_entity_poly.type                           'polypeptide(L)' 
_entity_poly.nstd_linkage                   no 
_entity_poly.nstd_monomer                   yes 
_entity_poly.pdbx_seq_one_letter_code       'L(DGL)(2TL)(DVA)L(DSN)L(DSN)I' 
_entity_poly.pdbx_seq_one_letter_code_can   LETVLSLSI 
_entity_poly.pdbx_strand_id                 A 
_entity_poly.pdbx_target_identifier         ? 
# 
_pdbx_entity_nonpoly.entity_id   2 
_pdbx_entity_nonpoly.name        '(3~{R})-3-oxidanyldecanoic acid' 
_pdbx_entity_nonpoly.comp_id     IG8 
# 
loop_
_entity_poly_seq.entity_id 
_entity_poly_seq.num 
_entity_poly_seq.mon_id 
_entity_poly_seq.hetero 
1 1 LEU n 
1 2 DGL n 
1 3 2TL n 
1 4 DVA n 
1 5 LEU n 
1 6 DSN n 
1 7 LEU n 
1 8 DSN n 
1 9 ILE n 
# 
_entity_src_nat.entity_id                  1 
_entity_src_nat.pdbx_src_id                1 
_entity_src_nat.pdbx_alt_source_flag       sample 
_entity_src_nat.pdbx_beg_seq_num           1 
_entity_src_nat.pdbx_end_seq_num           9 
_entity_src_nat.common_name                ? 
_entity_src_nat.pdbx_organism_scientific   'Pseudomonas fluorescens SBW25' 
_entity_src_nat.pdbx_ncbi_taxonomy_id      216595 
_entity_src_nat.genus                      ? 
_entity_src_nat.species                    ? 
_entity_src_nat.strain                     ? 
_entity_src_nat.tissue                     ? 
_entity_src_nat.tissue_fraction            ? 
_entity_src_nat.pdbx_secretion             ? 
_entity_src_nat.pdbx_fragment              ? 
_entity_src_nat.pdbx_variant               ? 
_entity_src_nat.pdbx_cell_line             ? 
_entity_src_nat.pdbx_atcc                  ? 
_entity_src_nat.pdbx_cellular_location     ? 
_entity_src_nat.pdbx_organ                 ? 
_entity_src_nat.pdbx_organelle             ? 
_entity_src_nat.pdbx_cell                  ? 
_entity_src_nat.pdbx_plasmid_name          ? 
_entity_src_nat.pdbx_plasmid_details       ? 
_entity_src_nat.details                    ? 
# 
loop_
_chem_comp.id 
_chem_comp.type 
_chem_comp.mon_nstd_flag 
_chem_comp.name 
_chem_comp.pdbx_synonyms 
_chem_comp.formula 
_chem_comp.formula_weight 
2TL 'D-peptide linking' . D-allothreonine                   ? 'C4 H9 N O3'  119.119 
DGL 'D-peptide linking' . 'D-GLUTAMIC ACID'                 ? 'C5 H9 N O4'  147.129 
DSN 'D-peptide linking' . D-SERINE                          ? 'C3 H7 N O3'  105.093 
DVA 'D-peptide linking' . D-VALINE                          ? 'C5 H11 N O2' 117.146 
IG8 non-polymer         . '(3~{R})-3-oxidanyldecanoic acid' ? 'C10 H20 O3'  188.264 
ILE 'L-peptide linking' y ISOLEUCINE                        ? 'C6 H13 N O2' 131.173 
LEU 'L-peptide linking' y LEUCINE                           ? 'C6 H13 N O2' 131.173 
# 
loop_
_pdbx_poly_seq_scheme.asym_id 
_pdbx_poly_seq_scheme.entity_id 
_pdbx_poly_seq_scheme.seq_id 
_pdbx_poly_seq_scheme.mon_id 
_pdbx_poly_seq_scheme.ndb_seq_num 
_pdbx_poly_seq_scheme.pdb_seq_num 
_pdbx_poly_seq_scheme.auth_seq_num 
_pdbx_poly_seq_scheme.pdb_mon_id 
_pdbx_poly_seq_scheme.auth_mon_id 
_pdbx_poly_seq_scheme.pdb_strand_id 
_pdbx_poly_seq_scheme.pdb_ins_code 
_pdbx_poly_seq_scheme.hetero 
A 1 1 LEU 1 2  2  LEU LEU A . n 
A 1 2 DGL 2 3  3  DGL DGL A . n 
A 1 3 2TL 3 4  4  2TL 2TL A . n 
A 1 4 DVA 4 5  5  DVA DVA A . n 
A 1 5 LEU 5 6  6  LEU LEU A . n 
A 1 6 DSN 6 7  7  DSN DSN A . n 
A 1 7 LEU 7 8  8  LEU LEU A . n 
A 1 8 DSN 8 9  9  DSN DSN A . n 
A 1 9 ILE 9 10 10 ILE ILE A . n 
# 
_pdbx_nonpoly_scheme.asym_id         B 
_pdbx_nonpoly_scheme.entity_id       2 
_pdbx_nonpoly_scheme.mon_id          IG8 
_pdbx_nonpoly_scheme.ndb_seq_num     1 
_pdbx_nonpoly_scheme.pdb_seq_num     101 
_pdbx_nonpoly_scheme.auth_seq_num    1 
_pdbx_nonpoly_scheme.pdb_mon_id      IG8 
_pdbx_nonpoly_scheme.auth_mon_id     IG8 
_pdbx_nonpoly_scheme.pdb_strand_id   A 
_pdbx_nonpoly_scheme.pdb_ins_code    . 
# 
_exptl.absorpt_coefficient_mu     ? 
_exptl.absorpt_correction_T_max   ? 
_exptl.absorpt_correction_T_min   ? 
_exptl.absorpt_correction_type    ? 
_exptl.absorpt_process_details    ? 
_exptl.entry_id                   8S2C 
_exptl.crystals_number            ? 
_exptl.details                    ? 
_exptl.method                     'SOLUTION NMR' 
_exptl.method_details             ? 
# 
_struct.entry_id                     8S2C 
_struct.title                        'NMR structure of viscosin in micellar DPC solution' 
_struct.pdbx_model_details           ? 
_struct.pdbx_formula_weight          ? 
_struct.pdbx_formula_weight_method   ? 
_struct.pdbx_model_type_details      ? 
_struct.pdbx_CASP_flag               N 
# 
_struct_keywords.entry_id        8S2C 
_struct_keywords.text            
'Non-ribosomal polypeptide, Cyclic lipodepsipeptide, Antimicrobial peptide, Biosurfactant, SURFACTANT PROTEIN' 
_struct_keywords.pdbx_keywords   'SURFACTANT PROTEIN' 
# 
loop_
_struct_asym.id 
_struct_asym.pdbx_blank_PDB_chainid_flag 
_struct_asym.pdbx_modified 
_struct_asym.entity_id 
_struct_asym.details 
A N N 1 ? 
B N N 2 ? 
# 
_struct_ref.id                         1 
_struct_ref.db_name                    PDB 
_struct_ref.db_code                    8S2C 
_struct_ref.pdbx_db_accession          8S2C 
_struct_ref.pdbx_db_isoform            ? 
_struct_ref.entity_id                  1 
_struct_ref.pdbx_seq_one_letter_code   ? 
_struct_ref.pdbx_align_begin           1 
# 
_struct_ref_seq.align_id                      1 
_struct_ref_seq.ref_id                        1 
_struct_ref_seq.pdbx_PDB_id_code              8S2C 
_struct_ref_seq.pdbx_strand_id                A 
_struct_ref_seq.seq_align_beg                 1 
_struct_ref_seq.pdbx_seq_align_beg_ins_code   ? 
_struct_ref_seq.seq_align_end                 9 
_struct_ref_seq.pdbx_seq_align_end_ins_code   ? 
_struct_ref_seq.pdbx_db_accession             8S2C 
_struct_ref_seq.db_align_beg                  2 
_struct_ref_seq.pdbx_db_align_beg_ins_code    ? 
_struct_ref_seq.db_align_end                  10 
_struct_ref_seq.pdbx_db_align_end_ins_code    ? 
_struct_ref_seq.pdbx_auth_seq_align_beg       2 
_struct_ref_seq.pdbx_auth_seq_align_end       10 
# 
_pdbx_struct_assembly.id                   1 
_pdbx_struct_assembly.details              author_defined_assembly 
_pdbx_struct_assembly.method_details       ? 
_pdbx_struct_assembly.oligomeric_details   monomeric 
_pdbx_struct_assembly.oligomeric_count     1 
# 
_pdbx_struct_assembly_gen.assembly_id       1 
_pdbx_struct_assembly_gen.oper_expression   1 
_pdbx_struct_assembly_gen.asym_id_list      A,B 
# 
_pdbx_struct_assembly_auth_evidence.id                     1 
_pdbx_struct_assembly_auth_evidence.assembly_id            1 
_pdbx_struct_assembly_auth_evidence.experimental_support   'NMR Distance Restraints' 
_pdbx_struct_assembly_auth_evidence.details                'not applicable' 
# 
_pdbx_struct_oper_list.id                   1 
_pdbx_struct_oper_list.type                 'identity operation' 
_pdbx_struct_oper_list.name                 1_555 
_pdbx_struct_oper_list.symmetry_operation   ? 
_pdbx_struct_oper_list.matrix[1][1]         1.0000000000 
_pdbx_struct_oper_list.matrix[1][2]         0.0000000000 
_pdbx_struct_oper_list.matrix[1][3]         0.0000000000 
_pdbx_struct_oper_list.vector[1]            0.0000000000 
_pdbx_struct_oper_list.matrix[2][1]         0.0000000000 
_pdbx_struct_oper_list.matrix[2][2]         1.0000000000 
_pdbx_struct_oper_list.matrix[2][3]         0.0000000000 
_pdbx_struct_oper_list.vector[2]            0.0000000000 
_pdbx_struct_oper_list.matrix[3][1]         0.0000000000 
_pdbx_struct_oper_list.matrix[3][2]         0.0000000000 
_pdbx_struct_oper_list.matrix[3][3]         1.0000000000 
_pdbx_struct_oper_list.vector[3]            0.0000000000 
# 
_struct_conf.conf_type_id            HELX_P 
_struct_conf.id                      HELX_P1 
_struct_conf.pdbx_PDB_helix_id       AA1 
_struct_conf.beg_label_comp_id       2TL 
_struct_conf.beg_label_asym_id       A 
_struct_conf.beg_label_seq_id        3 
_struct_conf.pdbx_beg_PDB_ins_code   ? 
_struct_conf.end_label_comp_id       LEU 
_struct_conf.end_label_asym_id       A 
_struct_conf.end_label_seq_id        7 
_struct_conf.pdbx_end_PDB_ins_code   ? 
_struct_conf.beg_auth_comp_id        2TL 
_struct_conf.beg_auth_asym_id        A 
_struct_conf.beg_auth_seq_id         4 
_struct_conf.end_auth_comp_id        LEU 
_struct_conf.end_auth_asym_id        A 
_struct_conf.end_auth_seq_id         8 
_struct_conf.pdbx_PDB_helix_class    5 
_struct_conf.details                 ? 
_struct_conf.pdbx_PDB_helix_length   5 
# 
_struct_conf_type.id          HELX_P 
_struct_conf_type.criteria    ? 
_struct_conf_type.reference   ? 
# 
loop_
_struct_conn.id 
_struct_conn.conn_type_id 
_struct_conn.pdbx_leaving_atom_flag 
_struct_conn.pdbx_PDB_id 
_struct_conn.ptnr1_label_asym_id 
_struct_conn.ptnr1_label_comp_id 
_struct_conn.ptnr1_label_seq_id 
_struct_conn.ptnr1_label_atom_id 
_struct_conn.pdbx_ptnr1_label_alt_id 
_struct_conn.pdbx_ptnr1_PDB_ins_code 
_struct_conn.pdbx_ptnr1_standard_comp_id 
_struct_conn.ptnr1_symmetry 
_struct_conn.ptnr2_label_asym_id 
_struct_conn.ptnr2_label_comp_id 
_struct_conn.ptnr2_label_seq_id 
_struct_conn.ptnr2_label_atom_id 
_struct_conn.pdbx_ptnr2_label_alt_id 
_struct_conn.pdbx_ptnr2_PDB_ins_code 
_struct_conn.ptnr1_auth_asym_id 
_struct_conn.ptnr1_auth_comp_id 
_struct_conn.ptnr1_auth_seq_id 
_struct_conn.ptnr2_auth_asym_id 
_struct_conn.ptnr2_auth_comp_id 
_struct_conn.ptnr2_auth_seq_id 
_struct_conn.ptnr2_symmetry 
_struct_conn.pdbx_ptnr3_label_atom_id 
_struct_conn.pdbx_ptnr3_label_seq_id 
_struct_conn.pdbx_ptnr3_label_comp_id 
_struct_conn.pdbx_ptnr3_label_asym_id 
_struct_conn.pdbx_ptnr3_label_alt_id 
_struct_conn.pdbx_ptnr3_PDB_ins_code 
_struct_conn.details 
_struct_conn.pdbx_dist_value 
_struct_conn.pdbx_value_order 
_struct_conn.pdbx_role 
covale1  covale both ? A LEU 1 C   ? ? ? 1_555 A DGL 2 N ? ? A LEU 2 A DGL 3   1_555 ? ? ? ? ? ? ? 1.304 ? ? 
covale2  covale both ? A LEU 1 N   ? ? ? 1_555 B IG8 . C ? ? A LEU 2 A IG8 101 1_555 ? ? ? ? ? ? ? 1.367 ? ? 
covale3  covale both ? A DGL 2 C   ? ? ? 1_555 A 2TL 3 N ? ? A DGL 3 A 2TL 4   1_555 ? ? ? ? ? ? ? 1.320 ? ? 
covale4  covale both ? A 2TL 3 C   ? ? ? 1_555 A DVA 4 N ? ? A 2TL 4 A DVA 5   1_555 ? ? ? ? ? ? ? 1.383 ? ? 
covale5  covale one  ? A 2TL 3 OG1 ? ? ? 1_555 A ILE 9 C ? ? A 2TL 4 A ILE 10  1_555 ? ? ? ? ? ? ? 1.325 ? ? 
covale6  covale both ? A DVA 4 C   ? ? ? 1_555 A LEU 5 N ? ? A DVA 5 A LEU 6   1_555 ? ? ? ? ? ? ? 1.320 ? ? 
covale7  covale both ? A LEU 5 C   ? ? ? 1_555 A DSN 6 N ? ? A LEU 6 A DSN 7   1_555 ? ? ? ? ? ? ? 1.341 ? ? 
covale8  covale both ? A DSN 6 C   ? ? ? 1_555 A LEU 7 N ? ? A DSN 7 A LEU 8   1_555 ? ? ? ? ? ? ? 1.324 ? ? 
covale9  covale both ? A LEU 7 C   ? ? ? 1_555 A DSN 8 N ? ? A LEU 8 A DSN 9   1_555 ? ? ? ? ? ? ? 1.327 ? ? 
covale10 covale both ? A DSN 8 C   ? ? ? 1_555 A ILE 9 N ? ? A DSN 9 A ILE 10  1_555 ? ? ? ? ? ? ? 1.292 ? ? 
# 
_struct_conn_type.id          covale 
_struct_conn_type.criteria    ? 
_struct_conn_type.reference   ? 
# 
loop_
_pdbx_modification_feature.ordinal 
_pdbx_modification_feature.label_comp_id 
_pdbx_modification_feature.label_asym_id 
_pdbx_modification_feature.label_seq_id 
_pdbx_modification_feature.label_alt_id 
_pdbx_modification_feature.modified_residue_label_comp_id 
_pdbx_modification_feature.modified_residue_label_asym_id 
_pdbx_modification_feature.modified_residue_label_seq_id 
_pdbx_modification_feature.modified_residue_label_alt_id 
_pdbx_modification_feature.auth_comp_id 
_pdbx_modification_feature.auth_asym_id 
_pdbx_modification_feature.auth_seq_id 
_pdbx_modification_feature.PDB_ins_code 
_pdbx_modification_feature.symmetry 
_pdbx_modification_feature.modified_residue_auth_comp_id 
_pdbx_modification_feature.modified_residue_auth_asym_id 
_pdbx_modification_feature.modified_residue_auth_seq_id 
_pdbx_modification_feature.modified_residue_PDB_ins_code 
_pdbx_modification_feature.modified_residue_symmetry 
_pdbx_modification_feature.comp_id_linking_atom 
_pdbx_modification_feature.modified_residue_id_linking_atom 
_pdbx_modification_feature.modified_residue_id 
_pdbx_modification_feature.ref_pcm_id 
_pdbx_modification_feature.ref_comp_id 
_pdbx_modification_feature.type 
_pdbx_modification_feature.category 
1 2TL A 3 ? .   . . . 2TL A 4   ? 1_555 .   . .  . .     .   . DTH 1 2TL Stereoisomerisation 'Named protein modification' 
2 IG8 B . ? LEU A 1 ? IG8 A 101 ? 1_555 LEU A 2  ? 1_555 C   N LEU 1 IG8 None                Lipid/lipid-like             
3 2TL A 3 ? ILE A 9 ? 2TL A 4   ? 1_555 ILE A 10 ? 1_555 OG1 C .   . .   None                'Non-standard linkage'       
# 
_pdbx_entry_details.entry_id                   8S2C 
_pdbx_entry_details.has_ligand_of_interest     N 
_pdbx_entry_details.compound_details           ? 
_pdbx_entry_details.source_details             ? 
_pdbx_entry_details.nonpolymer_details         ? 
_pdbx_entry_details.sequence_details           ? 
_pdbx_entry_details.has_protein_modification   Y 
# 
loop_
_pdbx_validate_torsion.id 
_pdbx_validate_torsion.PDB_model_num 
_pdbx_validate_torsion.auth_comp_id 
_pdbx_validate_torsion.auth_asym_id 
_pdbx_validate_torsion.auth_seq_id 
_pdbx_validate_torsion.PDB_ins_code 
_pdbx_validate_torsion.label_alt_id 
_pdbx_validate_torsion.phi 
_pdbx_validate_torsion.psi 
1 1 LEU A 6 ? ? 56.54  10.96  
2 2 DSN A 9 ? ? 143.69 -23.15 
# 
_pdbx_validate_main_chain_plane.id                       1 
_pdbx_validate_main_chain_plane.PDB_model_num            1 
_pdbx_validate_main_chain_plane.auth_comp_id             2TL 
_pdbx_validate_main_chain_plane.auth_asym_id             A 
_pdbx_validate_main_chain_plane.auth_seq_id              4 
_pdbx_validate_main_chain_plane.PDB_ins_code             ? 
_pdbx_validate_main_chain_plane.label_alt_id             ? 
_pdbx_validate_main_chain_plane.improper_torsion_angle   11.03 
# 
_pdbx_nmr_ensemble.entry_id                                      8S2C 
_pdbx_nmr_ensemble.conformers_calculated_total_number            100 
_pdbx_nmr_ensemble.conformers_submitted_total_number             11 
_pdbx_nmr_ensemble.conformer_selection_criteria                  'structures with the lowest energy' 
_pdbx_nmr_ensemble.representative_conformer                      ? 
_pdbx_nmr_ensemble.average_constraints_per_residue               ? 
_pdbx_nmr_ensemble.average_constraint_violations_per_residue     ? 
_pdbx_nmr_ensemble.maximum_distance_constraint_violation         ? 
_pdbx_nmr_ensemble.average_distance_constraint_violation         ? 
_pdbx_nmr_ensemble.maximum_upper_distance_constraint_violation   ? 
_pdbx_nmr_ensemble.maximum_lower_distance_constraint_violation   ? 
_pdbx_nmr_ensemble.distance_constraint_violation_method          ? 
_pdbx_nmr_ensemble.maximum_torsion_angle_constraint_violation    ? 
_pdbx_nmr_ensemble.average_torsion_angle_constraint_violation    ? 
_pdbx_nmr_ensemble.torsion_angle_constraint_violation_method     ? 
# 
_pdbx_nmr_representative.entry_id             8S2C 
_pdbx_nmr_representative.conformer_id         1 
_pdbx_nmr_representative.selection_criteria   'closest to the average' 
# 
_pdbx_nmr_sample_details.solution_id      1 
_pdbx_nmr_sample_details.contents         '1.8 mM viscosin, 124.3 mM [U-2H] DPC, 90% H2O/10% D2O' 
_pdbx_nmr_sample_details.solvent_system   '90% H2O/10% D2O' 
_pdbx_nmr_sample_details.label            1H 
_pdbx_nmr_sample_details.type             solution 
_pdbx_nmr_sample_details.details          
;Viscosin was dissolved in the micellar solution of uniformly deuterated dodecylphosphocholine (DPC-d38). Solvent: 10 mM Na2HPO4/NaH2PO4 buffer at pH 7.4.
;
# 
loop_
_pdbx_nmr_exptl_sample.solution_id 
_pdbx_nmr_exptl_sample.component 
_pdbx_nmr_exptl_sample.concentration 
_pdbx_nmr_exptl_sample.concentration_range 
_pdbx_nmr_exptl_sample.concentration_units 
_pdbx_nmr_exptl_sample.isotopic_labeling 
1 viscosin 1.8   ? mM 'natural abundance' 
1 DPC      124.3 ? mM '[U-2H]'            
# 
_pdbx_nmr_exptl_sample_conditions.conditions_id          1 
_pdbx_nmr_exptl_sample_conditions.temperature            310 
_pdbx_nmr_exptl_sample_conditions.pressure_units         atm 
_pdbx_nmr_exptl_sample_conditions.pressure               1 
_pdbx_nmr_exptl_sample_conditions.pH                     7.4 
_pdbx_nmr_exptl_sample_conditions.ionic_strength         '26 (buffer only)' 
_pdbx_nmr_exptl_sample_conditions.details                ? 
_pdbx_nmr_exptl_sample_conditions.ionic_strength_err     ? 
_pdbx_nmr_exptl_sample_conditions.ionic_strength_units   mM 
_pdbx_nmr_exptl_sample_conditions.label                  conditions_1 
_pdbx_nmr_exptl_sample_conditions.pH_err                 ? 
_pdbx_nmr_exptl_sample_conditions.pH_units               pH 
_pdbx_nmr_exptl_sample_conditions.pressure_err           ? 
_pdbx_nmr_exptl_sample_conditions.temperature_err        ? 
_pdbx_nmr_exptl_sample_conditions.temperature_units      K 
# 
loop_
_pdbx_nmr_exptl.experiment_id 
_pdbx_nmr_exptl.conditions_id 
_pdbx_nmr_exptl.solution_id 
_pdbx_nmr_exptl.type 
_pdbx_nmr_exptl.spectrometer_id 
_pdbx_nmr_exptl.sample_state 
1 1 1 '2D NOESY'       1 isotropic 
2 1 1 '2D 1H-1H TOCSY' 1 isotropic 
3 1 1 '2D 1H-1H COSY'  1 isotropic 
4 1 1 '2D 1H-13C HSQC' 1 isotropic 
# 
_pdbx_nmr_refine.entry_id           8S2C 
_pdbx_nmr_refine.method             'molecular dynamics' 
_pdbx_nmr_refine.details            
;The lowest energy NMR structure issued from CNS was refined using unrestrained AMBER molecular dynamics simulations (against the ff14SB force field). Here, we modelled the interaction of a single peptide molecule with an explicit dodecylphosphocholine (DPC) micelle. The representative peptide conformation of the trajectory (=refined structure) was selected using cluster analysis. Solvent model: TIP3P. Occasional too-close contacts present in the NMR structure ensemble (structures #2-#11) are fully removed during the AMBER moleculary dynamics refinement (structure #1). Side-chain outlier values for the 2TL4 residue are the results of the depsi bond.
;
_pdbx_nmr_refine.software_ordinal   1 
# 
loop_
_pdbx_nmr_software.ordinal 
_pdbx_nmr_software.classification 
_pdbx_nmr_software.name 
_pdbx_nmr_software.version 
_pdbx_nmr_software.authors 
1 refinement                  Amber             ?   'Case, Darden, Cheatham III, Simmerling, Wang, Duke, Luo, ... and Kollman' 
2 'data analysis'             AmberTools        ?   'Case, Darden, Cheatham III, Simmerling, Wang, Duke, Luo, ... and Kollman' 
3 processing                  TopSpin           3.x 'Bruker Biospin'                                                           
4 collection                  TopSpin           3.x 'Bruker Biospin'                                                           
5 'peak picking'              'CcpNmr Analysis' ?   'Vuister et al.'                                                           
6 'structure calculation'     CNS               ?   'Brunger, Adams, Clore, Gros, Nilges and Read'                             
8 'chemical shift assignment' 'CcpNmr Analysis' ?   'Vuister et al.'                                                           
# 
loop_
_chem_comp_atom.comp_id 
_chem_comp_atom.atom_id 
_chem_comp_atom.type_symbol 
_chem_comp_atom.pdbx_aromatic_flag 
_chem_comp_atom.pdbx_stereo_config 
_chem_comp_atom.pdbx_ordinal 
2TL N    N N N 1   
2TL CA   C N R 2   
2TL CB   C N R 3   
2TL OG1  O N N 4   
2TL CG2  C N N 5   
2TL C    C N N 6   
2TL O    O N N 7   
2TL OXT  O N N 8   
2TL H    H N N 9   
2TL H2   H N N 10  
2TL HA   H N N 11  
2TL HB   H N N 12  
2TL HG1  H N N 13  
2TL HG21 H N N 14  
2TL HG22 H N N 15  
2TL HG23 H N N 16  
2TL HXT  H N N 17  
DGL N    N N N 18  
DGL CA   C N R 19  
DGL C    C N N 20  
DGL O    O N N 21  
DGL CB   C N N 22  
DGL CG   C N N 23  
DGL CD   C N N 24  
DGL OE1  O N N 25  
DGL OE2  O N N 26  
DGL OXT  O N N 27  
DGL H    H N N 28  
DGL H2   H N N 29  
DGL HA   H N N 30  
DGL HB2  H N N 31  
DGL HB3  H N N 32  
DGL HG2  H N N 33  
DGL HG3  H N N 34  
DGL HE2  H N N 35  
DGL HXT  H N N 36  
DSN N    N N N 37  
DSN CA   C N R 38  
DSN C    C N N 39  
DSN O    O N N 40  
DSN OXT  O N N 41  
DSN CB   C N N 42  
DSN OG   O N N 43  
DSN H    H N N 44  
DSN H2   H N N 45  
DSN HA   H N N 46  
DSN HXT  H N N 47  
DSN HB2  H N N 48  
DSN HB3  H N N 49  
DSN HG   H N N 50  
DVA N    N N N 51  
DVA CA   C N R 52  
DVA CB   C N N 53  
DVA CG1  C N N 54  
DVA CG2  C N N 55  
DVA C    C N N 56  
DVA O    O N N 57  
DVA OXT  O N N 58  
DVA H    H N N 59  
DVA H2   H N N 60  
DVA HA   H N N 61  
DVA HB   H N N 62  
DVA HG11 H N N 63  
DVA HG12 H N N 64  
DVA HG13 H N N 65  
DVA HG21 H N N 66  
DVA HG22 H N N 67  
DVA HG23 H N N 68  
DVA HXT  H N N 69  
IG8 CA   C N N 70  
IG8 C    C N N 71  
IG8 O    O N N 72  
IG8 CB   C N R 73  
IG8 CG2  C N N 74  
IG8 OG1  O N N 75  
IG8 CD   C N N 76  
IG8 CE   C N N 77  
IG8 CZ   C N N 78  
IG8 CH   C N N 79  
IG8 CI   C N N 80  
IG8 CT   C N N 81  
IG8 O1   O N N 82  
IG8 HA1  H N N 83  
IG8 HA2  H N N 84  
IG8 HB   H N N 85  
IG8 HG21 H N N 86  
IG8 HG22 H N N 87  
IG8 HG1  H N N 88  
IG8 HD1  H N N 89  
IG8 HD2  H N N 90  
IG8 HE1  H N N 91  
IG8 HE2  H N N 92  
IG8 HZ1  H N N 93  
IG8 HZ2  H N N 94  
IG8 HH1  H N N 95  
IG8 HH2  H N N 96  
IG8 HI2  H N N 97  
IG8 HI3  H N N 98  
IG8 HI1  H N N 99  
IG8 HT1  H N N 100 
IG8 HT2  H N N 101 
IG8 H1   H N N 102 
ILE N    N N N 103 
ILE CA   C N S 104 
ILE C    C N N 105 
ILE O    O N N 106 
ILE CB   C N S 107 
ILE CG1  C N N 108 
ILE CG2  C N N 109 
ILE CD1  C N N 110 
ILE OXT  O N N 111 
ILE H    H N N 112 
ILE H2   H N N 113 
ILE HA   H N N 114 
ILE HB   H N N 115 
ILE HG12 H N N 116 
ILE HG13 H N N 117 
ILE HG21 H N N 118 
ILE HG22 H N N 119 
ILE HG23 H N N 120 
ILE HD11 H N N 121 
ILE HD12 H N N 122 
ILE HD13 H N N 123 
ILE HXT  H N N 124 
LEU N    N N N 125 
LEU CA   C N S 126 
LEU C    C N N 127 
LEU O    O N N 128 
LEU CB   C N N 129 
LEU CG   C N N 130 
LEU CD1  C N N 131 
LEU CD2  C N N 132 
LEU OXT  O N N 133 
LEU H    H N N 134 
LEU H2   H N N 135 
LEU HA   H N N 136 
LEU HB2  H N N 137 
LEU HB3  H N N 138 
LEU HG   H N N 139 
LEU HD11 H N N 140 
LEU HD12 H N N 141 
LEU HD13 H N N 142 
LEU HD21 H N N 143 
LEU HD22 H N N 144 
LEU HD23 H N N 145 
LEU HXT  H N N 146 
# 
loop_
_chem_comp_bond.comp_id 
_chem_comp_bond.atom_id_1 
_chem_comp_bond.atom_id_2 
_chem_comp_bond.value_order 
_chem_comp_bond.pdbx_aromatic_flag 
_chem_comp_bond.pdbx_stereo_config 
_chem_comp_bond.pdbx_ordinal 
2TL N   CA   sing N N 1   
2TL CA  CB   sing N N 2   
2TL CA  C    sing N N 3   
2TL CB  OG1  sing N N 4   
2TL CB  CG2  sing N N 5   
2TL C   O    doub N N 6   
2TL C   OXT  sing N N 7   
2TL N   H    sing N N 8   
2TL N   H2   sing N N 9   
2TL CA  HA   sing N N 10  
2TL CB  HB   sing N N 11  
2TL OG1 HG1  sing N N 12  
2TL CG2 HG21 sing N N 13  
2TL CG2 HG22 sing N N 14  
2TL CG2 HG23 sing N N 15  
2TL OXT HXT  sing N N 16  
DGL N   CA   sing N N 17  
DGL N   H    sing N N 18  
DGL N   H2   sing N N 19  
DGL CA  C    sing N N 20  
DGL CA  CB   sing N N 21  
DGL CA  HA   sing N N 22  
DGL C   O    doub N N 23  
DGL C   OXT  sing N N 24  
DGL CB  CG   sing N N 25  
DGL CB  HB2  sing N N 26  
DGL CB  HB3  sing N N 27  
DGL CG  CD   sing N N 28  
DGL CG  HG2  sing N N 29  
DGL CG  HG3  sing N N 30  
DGL CD  OE1  doub N N 31  
DGL CD  OE2  sing N N 32  
DGL OE2 HE2  sing N N 33  
DGL OXT HXT  sing N N 34  
DSN N   CA   sing N N 35  
DSN N   H    sing N N 36  
DSN N   H2   sing N N 37  
DSN CA  C    sing N N 38  
DSN CA  CB   sing N N 39  
DSN CA  HA   sing N N 40  
DSN C   O    doub N N 41  
DSN C   OXT  sing N N 42  
DSN OXT HXT  sing N N 43  
DSN CB  OG   sing N N 44  
DSN CB  HB2  sing N N 45  
DSN CB  HB3  sing N N 46  
DSN OG  HG   sing N N 47  
DVA N   CA   sing N N 48  
DVA N   H    sing N N 49  
DVA N   H2   sing N N 50  
DVA CA  CB   sing N N 51  
DVA CA  C    sing N N 52  
DVA CA  HA   sing N N 53  
DVA CB  CG1  sing N N 54  
DVA CB  CG2  sing N N 55  
DVA CB  HB   sing N N 56  
DVA CG1 HG11 sing N N 57  
DVA CG1 HG12 sing N N 58  
DVA CG1 HG13 sing N N 59  
DVA CG2 HG21 sing N N 60  
DVA CG2 HG22 sing N N 61  
DVA CG2 HG23 sing N N 62  
DVA C   O    doub N N 63  
DVA C   OXT  sing N N 64  
DVA OXT HXT  sing N N 65  
IG8 OG1 CB   sing N N 66  
IG8 C   CA   sing N N 67  
IG8 C   O    doub N N 68  
IG8 CA  CB   sing N N 69  
IG8 CB  CG2  sing N N 70  
IG8 CG2 CD   sing N N 71  
IG8 CD  CE   sing N N 72  
IG8 CE  CZ   sing N N 73  
IG8 CZ  CH   sing N N 74  
IG8 CH  CT   sing N N 75  
IG8 CT  CI   sing N N 76  
IG8 C   O1   sing N N 77  
IG8 CA  HA1  sing N N 78  
IG8 CA  HA2  sing N N 79  
IG8 CB  HB   sing N N 80  
IG8 CG2 HG21 sing N N 81  
IG8 CG2 HG22 sing N N 82  
IG8 OG1 HG1  sing N N 83  
IG8 CD  HD1  sing N N 84  
IG8 CD  HD2  sing N N 85  
IG8 CE  HE1  sing N N 86  
IG8 CE  HE2  sing N N 87  
IG8 CZ  HZ1  sing N N 88  
IG8 CZ  HZ2  sing N N 89  
IG8 CH  HH1  sing N N 90  
IG8 CH  HH2  sing N N 91  
IG8 CI  HI2  sing N N 92  
IG8 CI  HI3  sing N N 93  
IG8 CI  HI1  sing N N 94  
IG8 CT  HT1  sing N N 95  
IG8 CT  HT2  sing N N 96  
IG8 O1  H1   sing N N 97  
ILE N   CA   sing N N 98  
ILE N   H    sing N N 99  
ILE N   H2   sing N N 100 
ILE CA  C    sing N N 101 
ILE CA  CB   sing N N 102 
ILE CA  HA   sing N N 103 
ILE C   O    doub N N 104 
ILE C   OXT  sing N N 105 
ILE CB  CG1  sing N N 106 
ILE CB  CG2  sing N N 107 
ILE CB  HB   sing N N 108 
ILE CG1 CD1  sing N N 109 
ILE CG1 HG12 sing N N 110 
ILE CG1 HG13 sing N N 111 
ILE CG2 HG21 sing N N 112 
ILE CG2 HG22 sing N N 113 
ILE CG2 HG23 sing N N 114 
ILE CD1 HD11 sing N N 115 
ILE CD1 HD12 sing N N 116 
ILE CD1 HD13 sing N N 117 
ILE OXT HXT  sing N N 118 
LEU N   CA   sing N N 119 
LEU N   H    sing N N 120 
LEU N   H2   sing N N 121 
LEU CA  C    sing N N 122 
LEU CA  CB   sing N N 123 
LEU CA  HA   sing N N 124 
LEU C   O    doub N N 125 
LEU C   OXT  sing N N 126 
LEU CB  CG   sing N N 127 
LEU CB  HB2  sing N N 128 
LEU CB  HB3  sing N N 129 
LEU CG  CD1  sing N N 130 
LEU CG  CD2  sing N N 131 
LEU CG  HG   sing N N 132 
LEU CD1 HD11 sing N N 133 
LEU CD1 HD12 sing N N 134 
LEU CD1 HD13 sing N N 135 
LEU CD2 HD21 sing N N 136 
LEU CD2 HD22 sing N N 137 
LEU CD2 HD23 sing N N 138 
LEU OXT HXT  sing N N 139 
# 
_pdbx_audit_support.funding_organization   'Research Foundation - Flanders (FWO)' 
_pdbx_audit_support.country                Belgium 
_pdbx_audit_support.grant_number           'EOS project G0G3118N (EOS ID 30650620)' 
_pdbx_audit_support.ordinal                1 
# 
_pdbx_nmr_spectrometer.spectrometer_id   1 
_pdbx_nmr_spectrometer.model             'AVANCE II' 
_pdbx_nmr_spectrometer.type              ? 
_pdbx_nmr_spectrometer.manufacturer      Bruker 
_pdbx_nmr_spectrometer.field_strength    700 
_pdbx_nmr_spectrometer.details           'Prodigy Cryoprobe' 
# 
_atom_sites.entry_id                    8S2C 
_atom_sites.Cartn_transf_matrix[1][1]   ? 
_atom_sites.Cartn_transf_matrix[1][2]   ? 
_atom_sites.Cartn_transf_matrix[1][3]   ? 
_atom_sites.Cartn_transf_matrix[2][1]   ? 
_atom_sites.Cartn_transf_matrix[2][2]   ? 
_atom_sites.Cartn_transf_matrix[2][3]   ? 
_atom_sites.Cartn_transf_matrix[3][1]   ? 
_atom_sites.Cartn_transf_matrix[3][2]   ? 
_atom_sites.Cartn_transf_matrix[3][3]   ? 
_atom_sites.Cartn_transf_vector[1]      ? 
_atom_sites.Cartn_transf_vector[2]      ? 
_atom_sites.Cartn_transf_vector[3]      ? 
_atom_sites.Cartn_transform_axes        ? 
_atom_sites.fract_transf_matrix[1][1]   1.000000 
_atom_sites.fract_transf_matrix[1][2]   0.000000 
_atom_sites.fract_transf_matrix[1][3]   0.000000 
_atom_sites.fract_transf_matrix[2][1]   0.000000 
_atom_sites.fract_transf_matrix[2][2]   1.000000 
_atom_sites.fract_transf_matrix[2][3]   0.000000 
_atom_sites.fract_transf_matrix[3][1]   0.000000 
_atom_sites.fract_transf_matrix[3][2]   0.000000 
_atom_sites.fract_transf_matrix[3][3]   1.000000 
_atom_sites.fract_transf_vector[1]      0.00000 
_atom_sites.fract_transf_vector[2]      0.00000 
_atom_sites.fract_transf_vector[3]      0.00000 
_atom_sites.solution_primary            ? 
_atom_sites.solution_secondary          ? 
_atom_sites.solution_hydrogens          ? 
_atom_sites.special_details             ? 
# 
loop_
_atom_type.symbol 
C 
H 
N 
O 
# 
loop_
_atom_site.group_PDB 
_atom_site.id 
_atom_site.type_symbol 
_atom_site.label_atom_id 
_atom_site.label_alt_id 
_atom_site.label_comp_id 
_atom_site.label_asym_id 
_atom_site.label_entity_id 
_atom_site.label_seq_id 
_atom_site.pdbx_PDB_ins_code 
_atom_site.Cartn_x 
_atom_site.Cartn_y 
_atom_site.Cartn_z 
_atom_site.occupancy 
_atom_site.B_iso_or_equiv 
_atom_site.pdbx_formal_charge 
_atom_site.auth_seq_id 
_atom_site.auth_comp_id 
_atom_site.auth_asym_id 
_atom_site.auth_atom_id 
_atom_site.pdbx_PDB_model_num 
ATOM   1    N N    . LEU A 1 1 ? -3.446  2.396  3.199  1.00 0.00 ?  2   LEU A N    1  
ATOM   2    C CA   . LEU A 1 1 ? -4.043  1.064  3.150  1.00 0.00 ?  2   LEU A CA   1  
ATOM   3    C C    . LEU A 1 1 ? -2.864  0.035  2.938  1.00 0.00 ?  2   LEU A C    1  
ATOM   4    O O    . LEU A 1 1 ? -2.769  -0.619 1.937  1.00 0.00 ?  2   LEU A O    1  
ATOM   5    C CB   . LEU A 1 1 ? -5.181  1.010  2.098  1.00 0.00 ?  2   LEU A CB   1  
ATOM   6    C CG   . LEU A 1 1 ? -6.335  2.015  2.276  1.00 0.00 ?  2   LEU A CG   1  
ATOM   7    C CD1  . LEU A 1 1 ? -7.414  1.651  1.214  1.00 0.00 ?  2   LEU A CD1  1  
ATOM   8    C CD2  . LEU A 1 1 ? -6.968  1.952  3.725  1.00 0.00 ?  2   LEU A CD2  1  
ATOM   9    H H1   . LEU A 1 1 ? -3.869  3.129  3.756  1.00 0.00 ?  2   LEU A H1   1  
ATOM   10   H HA   . LEU A 1 1 ? -4.489  0.803  4.110  1.00 0.00 ?  2   LEU A HA   1  
ATOM   11   H HB2  . LEU A 1 1 ? -4.738  1.231  1.128  1.00 0.00 ?  2   LEU A HB2  1  
ATOM   12   H HB3  . LEU A 1 1 ? -5.558  -0.009 2.177  1.00 0.00 ?  2   LEU A HB3  1  
ATOM   13   H HG   . LEU A 1 1 ? -6.055  3.067  2.203  1.00 0.00 ?  2   LEU A HG   1  
ATOM   14   H HD11 . LEU A 1 1 ? -7.001  1.625  0.198  1.00 0.00 ?  2   LEU A HD11 1  
ATOM   15   H HD12 . LEU A 1 1 ? -8.280  2.324  1.227  1.00 0.00 ?  2   LEU A HD12 1  
ATOM   16   H HD13 . LEU A 1 1 ? -7.910  0.672  1.199  1.00 0.00 ?  2   LEU A HD13 1  
ATOM   17   H HD21 . LEU A 1 1 ? -7.310  0.925  3.904  1.00 0.00 ?  2   LEU A HD21 1  
ATOM   18   H HD22 . LEU A 1 1 ? -7.833  2.623  3.664  1.00 0.00 ?  2   LEU A HD22 1  
ATOM   19   H HD23 . LEU A 1 1 ? -6.247  2.209  4.511  1.00 0.00 ?  2   LEU A HD23 1  
HETATM 20   N N    . DGL A 1 2 ? -1.954  0.040  3.872  1.00 0.00 ?  3   DGL A N    1  
HETATM 21   C CA   . DGL A 1 2 ? -0.852  -0.877 3.844  1.00 0.00 ?  3   DGL A CA   1  
HETATM 22   C C    . DGL A 1 2 ? 0.103   -0.688 2.663  1.00 0.00 ?  3   DGL A C    1  
HETATM 23   O O    . DGL A 1 2 ? 0.696   -1.685 2.190  1.00 0.00 ?  3   DGL A O    1  
HETATM 24   C CB   . DGL A 1 2 ? -0.127  -0.837 5.191  1.00 0.00 ?  3   DGL A CB   1  
HETATM 25   C CG   . DGL A 1 2 ? -0.906  -1.521 6.331  1.00 0.00 ?  3   DGL A CG   1  
HETATM 26   C CD   . DGL A 1 2 ? -0.880  -3.077 6.405  1.00 0.00 ?  3   DGL A CD   1  
HETATM 27   O OE1  . DGL A 1 2 ? -1.515  -3.638 7.359  1.00 0.00 -1 3   DGL A OE1  1  
HETATM 28   O OE2  . DGL A 1 2 ? -0.259  -3.776 5.517  1.00 0.00 ?  3   DGL A OE2  1  
HETATM 29   H H    . DGL A 1 2 ? -2.190  0.486  4.752  1.00 0.00 ?  3   DGL A H    1  
HETATM 30   H HA   . DGL A 1 2 ? -1.319  -1.861 3.795  1.00 0.00 ?  3   DGL A HA   1  
HETATM 31   H HB2  . DGL A 1 2 ? 0.827   -1.363 5.146  1.00 0.00 ?  3   DGL A HB2  1  
HETATM 32   H HB3  . DGL A 1 2 ? 0.123   0.191  5.455  1.00 0.00 ?  3   DGL A HB3  1  
HETATM 33   H HG2  . DGL A 1 2 ? -0.495  -1.120 7.259  1.00 0.00 ?  3   DGL A HG2  1  
HETATM 34   H HG3  . DGL A 1 2 ? -1.951  -1.256 6.176  1.00 0.00 ?  3   DGL A HG3  1  
HETATM 35   N N    . 2TL A 1 3 ? 0.176   0.478  2.047  1.00 0.00 ?  4   2TL A N    1  
HETATM 36   C CA   . 2TL A 1 3 ? 0.901   0.871  0.859  1.00 0.00 ?  4   2TL A CA   1  
HETATM 37   C CB   . 2TL A 1 3 ? 1.135   2.353  0.755  1.00 0.00 ?  4   2TL A CB   1  
HETATM 38   O OG1  . 2TL A 1 3 ? 1.941   2.454  -0.376 1.00 0.00 ?  4   2TL A OG1  1  
HETATM 39   C CG2  . 2TL A 1 3 ? 1.990   3.006  1.825  1.00 0.00 ?  4   2TL A CG2  1  
HETATM 40   C C    . 2TL A 1 3 ? 0.263   0.331  -0.372 1.00 0.00 ?  4   2TL A C    1  
HETATM 41   O O    . 2TL A 1 3 ? 0.853   -0.555 -1.038 1.00 0.00 ?  4   2TL A O    1  
HETATM 42   H H    . 2TL A 1 3 ? -0.349  1.195  2.531  1.00 0.00 ?  4   2TL A H    1  
HETATM 43   H HA   . 2TL A 1 3 ? 1.899   0.434  0.815  1.00 0.00 ?  4   2TL A HA   1  
HETATM 44   H HB   . 2TL A 1 3 ? 0.219   2.914  0.576  1.00 0.00 ?  4   2TL A HB   1  
HETATM 45   H HG21 . 2TL A 1 3 ? 1.419   3.175  2.746  1.00 0.00 ?  4   2TL A HG21 1  
HETATM 46   H HG22 . 2TL A 1 3 ? 2.399   3.951  1.445  1.00 0.00 ?  4   2TL A HG22 1  
HETATM 47   H HG23 . 2TL A 1 3 ? 2.849   2.377  2.094  1.00 0.00 ?  4   2TL A HG23 1  
HETATM 48   N N    . DVA A 1 4 ? -1.104  0.514  -0.464 1.00 0.00 ?  5   DVA A N    1  
HETATM 49   C CA   . DVA A 1 4 ? -1.929  -0.100 -1.544 1.00 0.00 ?  5   DVA A CA   1  
HETATM 50   C CB   . DVA A 1 4 ? -3.403  0.340  -1.655 1.00 0.00 ?  5   DVA A CB   1  
HETATM 51   C CG1  . DVA A 1 4 ? -3.582  1.888  -1.900 1.00 0.00 ?  5   DVA A CG1  1  
HETATM 52   C CG2  . DVA A 1 4 ? -4.183  -0.471 -2.741 1.00 0.00 ?  5   DVA A CG2  1  
HETATM 53   C C    . DVA A 1 4 ? -1.874  -1.607 -1.382 1.00 0.00 ?  5   DVA A C    1  
HETATM 54   O O    . DVA A 1 4 ? -1.569  -2.269 -2.396 1.00 0.00 ?  5   DVA A O    1  
HETATM 55   H H    . DVA A 1 4 ? -1.557  1.155  0.176  1.00 0.00 ?  5   DVA A H    1  
HETATM 56   H HA   . DVA A 1 4 ? -1.387  0.211  -2.439 1.00 0.00 ?  5   DVA A HA   1  
HETATM 57   H HB   . DVA A 1 4 ? -3.886  0.097  -0.708 1.00 0.00 ?  5   DVA A HB   1  
HETATM 58   H HG11 . DVA A 1 4 ? -4.561  2.335  -1.689 1.00 0.00 ?  5   DVA A HG11 1  
HETATM 59   H HG12 . DVA A 1 4 ? -3.368  2.061  -2.962 1.00 0.00 ?  5   DVA A HG12 1  
HETATM 60   H HG13 . DVA A 1 4 ? -2.850  2.374  -1.241 1.00 0.00 ?  5   DVA A HG13 1  
HETATM 61   H HG21 . DVA A 1 4 ? -5.262  -0.371 -2.578 1.00 0.00 ?  5   DVA A HG21 1  
HETATM 62   H HG22 . DVA A 1 4 ? -3.918  -1.533 -2.816 1.00 0.00 ?  5   DVA A HG22 1  
HETATM 63   H HG23 . DVA A 1 4 ? -3.932  -0.065 -3.728 1.00 0.00 ?  5   DVA A HG23 1  
ATOM   64   N N    . LEU A 1 5 ? -2.027  -2.158 -0.192 1.00 0.00 ?  6   LEU A N    1  
ATOM   65   C CA   . LEU A 1 5 ? -1.905  -3.596 0.173  1.00 0.00 ?  6   LEU A CA   1  
ATOM   66   C C    . LEU A 1 5 ? -0.577  -4.301 -0.158 1.00 0.00 ?  6   LEU A C    1  
ATOM   67   O O    . LEU A 1 5 ? -0.554  -5.511 -0.027 1.00 0.00 ?  6   LEU A O    1  
ATOM   68   C CB   . LEU A 1 5 ? -3.212  -4.309 -0.431 1.00 0.00 ?  6   LEU A CB   1  
ATOM   69   C CG   . LEU A 1 5 ? -4.590  -3.588 -0.244 1.00 0.00 ?  6   LEU A CG   1  
ATOM   70   C CD1  . LEU A 1 5 ? -5.709  -4.332 -0.962 1.00 0.00 ?  6   LEU A CD1  1  
ATOM   71   C CD2  . LEU A 1 5 ? -5.051  -3.332 1.137  1.00 0.00 ?  6   LEU A CD2  1  
ATOM   72   H H    . LEU A 1 5 ? -2.168  -1.462 0.531  1.00 0.00 ?  6   LEU A H    1  
ATOM   73   H HA   . LEU A 1 5 ? -1.977  -3.664 1.258  1.00 0.00 ?  6   LEU A HA   1  
ATOM   74   H HB2  . LEU A 1 5 ? -3.062  -4.475 -1.497 1.00 0.00 ?  6   LEU A HB2  1  
ATOM   75   H HB3  . LEU A 1 5 ? -3.341  -5.330 -0.072 1.00 0.00 ?  6   LEU A HB3  1  
ATOM   76   H HG   . LEU A 1 5 ? -4.559  -2.628 -0.758 1.00 0.00 ?  6   LEU A HG   1  
ATOM   77   H HD11 . LEU A 1 5 ? -6.615  -3.720 -1.054 1.00 0.00 ?  6   LEU A HD11 1  
ATOM   78   H HD12 . LEU A 1 5 ? -6.094  -5.190 -0.397 1.00 0.00 ?  6   LEU A HD12 1  
ATOM   79   H HD13 . LEU A 1 5 ? -5.427  -4.721 -1.948 1.00 0.00 ?  6   LEU A HD13 1  
ATOM   80   H HD21 . LEU A 1 5 ? -4.304  -2.679 1.607  1.00 0.00 ?  6   LEU A HD21 1  
ATOM   81   H HD22 . LEU A 1 5 ? -5.126  -4.253 1.729  1.00 0.00 ?  6   LEU A HD22 1  
ATOM   82   H HD23 . LEU A 1 5 ? -6.063  -2.911 1.172  1.00 0.00 ?  6   LEU A HD23 1  
HETATM 83   N N    . DSN A 1 6 ? 0.471   -3.558 -0.544 1.00 0.00 ?  7   DSN A N    1  
HETATM 84   C CA   . DSN A 1 6 ? 1.769   -4.140 -0.956 1.00 0.00 ?  7   DSN A CA   1  
HETATM 85   C C    . DSN A 1 6 ? 2.345   -3.585 -2.234 1.00 0.00 ?  7   DSN A C    1  
HETATM 86   O O    . DSN A 1 6 ? 3.422   -3.945 -2.653 1.00 0.00 ?  7   DSN A O    1  
HETATM 87   C CB   . DSN A 1 6 ? 2.877   -3.956 0.079  1.00 0.00 ?  7   DSN A CB   1  
HETATM 88   O OG   . DSN A 1 6 ? 2.988   -2.544 0.372  1.00 0.00 ?  7   DSN A OG   1  
HETATM 89   H H    . DSN A 1 6 ? 0.269   -2.568 -0.624 1.00 0.00 ?  7   DSN A H    1  
HETATM 90   H HA   . DSN A 1 6 ? 1.860   -5.217 -1.093 1.00 0.00 ?  7   DSN A HA   1  
HETATM 91   H HB2  . DSN A 1 6 ? 3.872   -4.319 -0.185 1.00 0.00 ?  7   DSN A HB2  1  
HETATM 92   H HB3  . DSN A 1 6 ? 2.672   -4.419 1.043  1.00 0.00 ?  7   DSN A HB3  1  
HETATM 93   H HG   . DSN A 1 6 ? 2.259   -2.376 0.994  1.00 0.00 ?  7   DSN A HG   1  
ATOM   94   N N    . LEU A 1 7 ? 1.618   -2.665 -2.851 1.00 0.00 ?  8   LEU A N    1  
ATOM   95   C CA   . LEU A 1 7 ? 2.143   -1.964 -4.075 1.00 0.00 ?  8   LEU A CA   1  
ATOM   96   C C    . LEU A 1 7 ? 3.377   -1.065 -3.764 1.00 0.00 ?  8   LEU A C    1  
ATOM   97   O O    . LEU A 1 7 ? 4.171   -0.831 -4.690 1.00 0.00 ?  8   LEU A O    1  
ATOM   98   C CB   . LEU A 1 7 ? 1.111   -1.057 -4.688 1.00 0.00 ?  8   LEU A CB   1  
ATOM   99   C CG   . LEU A 1 7 ? 0.091   -1.860 -5.461 1.00 0.00 ?  8   LEU A CG   1  
ATOM   100  C CD1  . LEU A 1 7 ? -1.155  -0.974 -5.620 1.00 0.00 ?  8   LEU A CD1  1  
ATOM   101  C CD2  . LEU A 1 7 ? 0.540   -2.122 -6.855 1.00 0.00 ?  8   LEU A CD2  1  
ATOM   102  H H    . LEU A 1 7 ? 0.961   -2.102 -2.324 1.00 0.00 ?  8   LEU A H    1  
ATOM   103  H HA   . LEU A 1 7 ? 2.475   -2.677 -4.828 1.00 0.00 ?  8   LEU A HA   1  
ATOM   104  H HB2  . LEU A 1 7 ? 0.516   -0.599 -3.899 1.00 0.00 ?  8   LEU A HB2  1  
ATOM   105  H HB3  . LEU A 1 7 ? 1.601   -0.299 -5.299 1.00 0.00 ?  8   LEU A HB3  1  
ATOM   106  H HG   . LEU A 1 7 ? -0.134  -2.793 -4.943 1.00 0.00 ?  8   LEU A HG   1  
ATOM   107  H HD11 . LEU A 1 7 ? -1.853  -1.361 -6.372 1.00 0.00 ?  8   LEU A HD11 1  
ATOM   108  H HD12 . LEU A 1 7 ? -0.808  0.008  -5.961 1.00 0.00 ?  8   LEU A HD12 1  
ATOM   109  H HD13 . LEU A 1 7 ? -1.697  -0.864 -4.673 1.00 0.00 ?  8   LEU A HD13 1  
ATOM   110  H HD21 . LEU A 1 7 ? 1.377   -2.832 -6.856 1.00 0.00 ?  8   LEU A HD21 1  
ATOM   111  H HD22 . LEU A 1 7 ? 0.913   -1.200 -7.318 1.00 0.00 ?  8   LEU A HD22 1  
ATOM   112  H HD23 . LEU A 1 7 ? -0.276  -2.540 -7.456 1.00 0.00 ?  8   LEU A HD23 1  
HETATM 113  N N    . DSN A 1 8 ? 3.449   -0.625 -2.515 1.00 0.00 ?  9   DSN A N    1  
HETATM 114  C CA   . DSN A 1 8 ? 4.577   0.165  -2.013 1.00 0.00 ?  9   DSN A CA   1  
HETATM 115  C C    . DSN A 1 8 ? 4.322   1.685  -2.144 1.00 0.00 ?  9   DSN A C    1  
HETATM 116  O O    . DSN A 1 8 ? 5.188   2.444  -1.650 1.00 0.00 ?  9   DSN A O    1  
HETATM 117  C CB   . DSN A 1 8 ? 5.112   -0.272 -0.566 1.00 0.00 ?  9   DSN A CB   1  
HETATM 118  O OG   . DSN A 1 8 ? 5.276   -1.672 -0.460 1.00 0.00 ?  9   DSN A OG   1  
HETATM 119  H H    . DSN A 1 8 ? 2.693   -0.851 -1.882 1.00 0.00 ?  9   DSN A H    1  
HETATM 120  H HA   . DSN A 1 8 ? 5.444   0.005  -2.654 1.00 0.00 ?  9   DSN A HA   1  
HETATM 121  H HB2  . DSN A 1 8 ? 6.030   0.248  -0.297 1.00 0.00 ?  9   DSN A HB2  1  
HETATM 122  H HB3  . DSN A 1 8 ? 4.416   0.064  0.203  1.00 0.00 ?  9   DSN A HB3  1  
HETATM 123  H HG   . DSN A 1 8 ? 4.437   -2.127 -0.271 1.00 0.00 ?  9   DSN A HG   1  
ATOM   124  N N    . ILE A 1 9 ? 3.198   2.102  -2.625 1.00 0.00 ?  10  ILE A N    1  
ATOM   125  C CA   . ILE A 1 9 ? 2.631   3.430  -2.473 1.00 0.00 ?  10  ILE A CA   1  
ATOM   126  C C    . ILE A 1 9 ? 1.827   3.524  -1.147 1.00 0.00 ?  10  ILE A C    1  
ATOM   127  O O    . ILE A 1 9 ? 1.174   4.567  -0.909 1.00 0.00 ?  10  ILE A O    1  
ATOM   128  C CB   . ILE A 1 9 ? 1.890   3.786  -3.722 1.00 0.00 ?  10  ILE A CB   1  
ATOM   129  C CG1  . ILE A 1 9 ? 0.656   2.790  -3.880 1.00 0.00 ?  10  ILE A CG1  1  
ATOM   130  C CG2  . ILE A 1 9 ? 2.799   3.785  -4.958 1.00 0.00 ?  10  ILE A CG2  1  
ATOM   131  C CD1  . ILE A 1 9 ? -0.320  3.428  -4.890 1.00 0.00 ?  10  ILE A CD1  1  
ATOM   132  H H    . ILE A 1 9 ? 2.594   1.306  -2.796 1.00 0.00 ?  10  ILE A H    1  
ATOM   133  H HA   . ILE A 1 9 ? 3.371   4.221  -2.366 1.00 0.00 ?  10  ILE A HA   1  
ATOM   134  H HB   . ILE A 1 9 ? 1.480   4.790  -3.623 1.00 0.00 ?  10  ILE A HB   1  
ATOM   135  H HG12 . ILE A 1 9 ? 0.955   1.837  -4.315 1.00 0.00 ?  10  ILE A HG12 1  
ATOM   136  H HG13 . ILE A 1 9 ? 0.170   2.675  -2.910 1.00 0.00 ?  10  ILE A HG13 1  
ATOM   137  H HG21 . ILE A 1 9 ? 2.295   4.286  -5.793 1.00 0.00 ?  10  ILE A HG21 1  
ATOM   138  H HG22 . ILE A 1 9 ? 3.163   2.793  -5.254 1.00 0.00 ?  10  ILE A HG22 1  
ATOM   139  H HG23 . ILE A 1 9 ? 3.680   4.414  -4.776 1.00 0.00 ?  10  ILE A HG23 1  
ATOM   140  H HD11 . ILE A 1 9 ? -0.763  4.372  -4.550 1.00 0.00 ?  10  ILE A HD11 1  
ATOM   141  H HD12 . ILE A 1 9 ? -1.117  2.702  -5.097 1.00 0.00 ?  10  ILE A HD12 1  
ATOM   142  H HD13 . ILE A 1 9 ? 0.141   3.443  -5.885 1.00 0.00 ?  10  ILE A HD13 1  
HETATM 143  C CA   . IG8 B 2 . ? -2.154  4.384  2.763  1.00 0.00 ?  101 IG8 A CA   1  
HETATM 144  C C    . IG8 B 2 . ? -2.413  2.930  2.482  1.00 0.00 ?  101 IG8 A C    1  
HETATM 145  O O    . IG8 B 2 . ? -1.845  2.318  1.591  1.00 0.00 ?  101 IG8 A O    1  
HETATM 146  C CB   . IG8 B 2 . ? -1.564  5.099  1.501  1.00 0.00 ?  101 IG8 A CB   1  
HETATM 147  C CG2  . IG8 B 2 . ? -2.628  5.976  0.785  1.00 0.00 ?  101 IG8 A CG2  1  
HETATM 148  O OG1  . IG8 B 2 . ? -0.599  5.942  1.986  1.00 0.00 ?  101 IG8 A OG1  1  
HETATM 149  C CD   . IG8 B 2 . ? -3.353  5.244  -0.330 1.00 0.00 ?  101 IG8 A CD   1  
HETATM 150  C CE   . IG8 B 2 . ? -4.204  6.220  -1.227 1.00 0.00 ?  101 IG8 A CE   1  
HETATM 151  C CZ   . IG8 B 2 . ? -5.037  5.524  -2.244 1.00 0.00 ?  101 IG8 A CZ   1  
HETATM 152  C CH   . IG8 B 2 . ? -5.438  6.519  -3.335 1.00 0.00 ?  101 IG8 A CH   1  
HETATM 153  C CI   . IG8 B 2 . ? -5.490  5.142  -5.497 1.00 0.00 ?  101 IG8 A CI   1  
HETATM 154  C CT   . IG8 B 2 . ? -4.725  6.247  -4.667 1.00 0.00 ?  101 IG8 A CT   1  
HETATM 155  H HA1  . IG8 B 2 . ? -1.299  4.248  3.429  1.00 0.00 ?  101 IG8 A HA1  1  
HETATM 156  H HA2  . IG8 B 2 . ? -2.829  4.947  3.411  1.00 0.00 ?  101 IG8 A HA2  1  
HETATM 157  H HB   . IG8 B 2 . ? -1.042  4.393  0.845  1.00 0.00 ?  101 IG8 A HB   1  
HETATM 158  H HG21 . IG8 B 2 . ? -2.096  6.779  0.270  1.00 0.00 ?  101 IG8 A HG21 1  
HETATM 159  H HG22 . IG8 B 2 . ? -3.324  6.505  1.441  1.00 0.00 ?  101 IG8 A HG22 1  
HETATM 160  H HG1  . IG8 B 2 . ? -0.192  6.329  1.191  1.00 0.00 ?  101 IG8 A HG1  1  
HETATM 161  H HD1  . IG8 B 2 . ? -3.981  4.448  0.074  1.00 0.00 ?  101 IG8 A HD1  1  
HETATM 162  H HD2  . IG8 B 2 . ? -2.558  4.716  -0.860 1.00 0.00 ?  101 IG8 A HD2  1  
HETATM 163  H HE1  . IG8 B 2 . ? -3.519  6.860  -1.785 1.00 0.00 ?  101 IG8 A HE1  1  
HETATM 164  H HE2  . IG8 B 2 . ? -4.696  6.932  -0.561 1.00 0.00 ?  101 IG8 A HE2  1  
HETATM 165  H HZ1  . IG8 B 2 . ? -5.946  5.222  -1.720 1.00 0.00 ?  101 IG8 A HZ1  1  
HETATM 166  H HZ2  . IG8 B 2 . ? -4.564  4.642  -2.681 1.00 0.00 ?  101 IG8 A HZ2  1  
HETATM 167  H HH1  . IG8 B 2 . ? -5.160  7.559  -3.152 1.00 0.00 ?  101 IG8 A HH1  1  
HETATM 168  H HH2  . IG8 B 2 . ? -6.519  6.481  -3.490 1.00 0.00 ?  101 IG8 A HH2  1  
HETATM 169  H HI2  . IG8 B 2 . ? -5.163  4.231  -4.989 1.00 0.00 ?  101 IG8 A HI2  1  
HETATM 170  H HI3  . IG8 B 2 . ? -5.061  5.080  -6.499 1.00 0.00 ?  101 IG8 A HI3  1  
HETATM 171  H HI1  . IG8 B 2 . ? -6.571  4.985  -5.506 1.00 0.00 ?  101 IG8 A HI1  1  
HETATM 172  H HT1  . IG8 B 2 . ? -3.757  5.809  -4.414 1.00 0.00 ?  101 IG8 A HT1  1  
HETATM 173  H HT2  . IG8 B 2 . ? -4.707  7.226  -5.154 1.00 0.00 ?  101 IG8 A HT2  1  
ATOM   174  N N    . LEU A 1 1 ? -3.761  2.608  3.184  1.00 0.00 ?  2   LEU A N    2  
ATOM   175  C CA   . LEU A 1 1 ? -4.323  1.297  2.894  1.00 0.00 ?  2   LEU A CA   2  
ATOM   176  C C    . LEU A 1 1 ? -3.217  0.238  2.973  1.00 0.00 ?  2   LEU A C    2  
ATOM   177  O O    . LEU A 1 1 ? -2.879  -0.400 1.994  1.00 0.00 ?  2   LEU A O    2  
ATOM   178  C CB   . LEU A 1 1 ? -4.939  1.299  1.483  1.00 0.00 ?  2   LEU A CB   2  
ATOM   179  C CG   . LEU A 1 1 ? -6.364  1.869  1.526  1.00 0.00 ?  2   LEU A CG   2  
ATOM   180  C CD1  . LEU A 1 1 ? -6.975  1.803  0.125  1.00 0.00 ?  2   LEU A CD1  2  
ATOM   181  C CD2  . LEU A 1 1 ? -7.226  1.051  2.491  1.00 0.00 ?  2   LEU A CD2  2  
ATOM   182  H H1   . LEU A 1 1 ? -4.124  3.142  3.921  1.00 0.00 ?  2   LEU A H1   2  
ATOM   183  H HA   . LEU A 1 1 ? -5.086  1.068  3.627  1.00 0.00 ?  2   LEU A HA   2  
ATOM   184  H HB2  . LEU A 1 1 ? -4.329  1.921  0.830  1.00 0.00 ?  2   LEU A HB2  2  
ATOM   185  H HB3  . LEU A 1 1 ? -4.973  0.275  1.098  1.00 0.00 ?  2   LEU A HB3  2  
ATOM   186  H HG   . LEU A 1 1 ? -6.333  2.900  1.853  1.00 0.00 ?  2   LEU A HG   2  
ATOM   187  H HD11 . LEU A 1 1 ? -8.046  1.689  0.205  1.00 0.00 ?  2   LEU A HD11 2  
ATOM   188  H HD12 . LEU A 1 1 ? -6.562  0.961  -0.409 1.00 0.00 ?  2   LEU A HD12 2  
ATOM   189  H HD13 . LEU A 1 1 ? -6.750  2.714  -0.409 1.00 0.00 ?  2   LEU A HD13 2  
ATOM   190  H HD21 . LEU A 1 1 ? -6.882  0.027  2.501  1.00 0.00 ?  2   LEU A HD21 2  
ATOM   191  H HD22 . LEU A 1 1 ? -8.256  1.082  2.168  1.00 0.00 ?  2   LEU A HD22 2  
ATOM   192  H HD23 . LEU A 1 1 ? -7.148  1.467  3.484  1.00 0.00 ?  2   LEU A HD23 2  
HETATM 193  N N    . DGL A 1 2 ? -2.662  0.041  4.141  1.00 0.00 ?  3   DGL A N    2  
HETATM 194  C CA   . DGL A 1 2 ? -1.613  -0.955 4.311  1.00 0.00 ?  3   DGL A CA   2  
HETATM 195  C C    . DGL A 1 2 ? -0.496  -0.773 3.269  1.00 0.00 ?  3   DGL A C    2  
HETATM 196  O O    . DGL A 1 2 ? 0.078   -1.738 2.801  1.00 0.00 ?  3   DGL A O    2  
HETATM 197  C CB   . DGL A 1 2 ? -1.017  -0.824 5.714  1.00 0.00 ?  3   DGL A CB   2  
HETATM 198  C CG   . DGL A 1 2 ? -2.012  -1.362 6.744  1.00 0.00 ?  3   DGL A CG   2  
HETATM 199  C CD   . DGL A 1 2 ? -2.860  -0.211 7.288  1.00 0.00 ?  3   DGL A CD   2  
HETATM 200  O OE1  . DGL A 1 2 ? -2.282  0.726  7.813  1.00 0.00 -1 3   DGL A OE1  2  
HETATM 201  O OE2  . DGL A 1 2 ? -4.072  -0.287 7.169  1.00 0.00 ?  3   DGL A OE2  2  
HETATM 202  H H    . DGL A 1 2 ? -2.968  0.561  4.917  1.00 0.00 ?  3   DGL A H    2  
HETATM 203  H HA   . DGL A 1 2 ? -2.040  -1.941 4.204  1.00 0.00 ?  3   DGL A HA   2  
HETATM 204  H HB2  . DGL A 1 2 ? -0.098  -1.389 5.768  1.00 0.00 ?  3   DGL A HB2  2  
HETATM 205  H HB3  . DGL A 1 2 ? -0.814  0.216  5.922  1.00 0.00 ?  3   DGL A HB3  2  
HETATM 206  H HG2  . DGL A 1 2 ? -2.655  -2.094 6.275  1.00 0.00 ?  3   DGL A HG2  2  
HETATM 207  H HG3  . DGL A 1 2 ? -1.473  -1.825 7.557  1.00 0.00 ?  3   DGL A HG3  2  
HETATM 208  N N    . 2TL A 1 3 ? -0.171  0.443  2.905  1.00 0.00 ?  4   2TL A N    2  
HETATM 209  C CA   . 2TL A 1 3 ? 0.892   0.646  1.930  1.00 0.00 ?  4   2TL A CA   2  
HETATM 210  C CB   . 2TL A 1 3 ? 1.411   2.094  1.997  1.00 0.00 ?  4   2TL A CB   2  
HETATM 211  O OG1  . 2TL A 1 3 ? 2.448   2.259  1.039  1.00 0.00 ?  4   2TL A OG1  2  
HETATM 212  C CG2  . 2TL A 1 3 ? 1.973   2.383  3.392  1.00 0.00 ?  4   2TL A CG2  2  
HETATM 213  C C    . 2TL A 1 3 ? 0.368   0.349  0.520  1.00 0.00 ?  4   2TL A C    2  
HETATM 214  O O    . 2TL A 1 3 ? 1.026   -0.305 -0.266 1.00 0.00 ?  4   2TL A O    2  
HETATM 215  H H    . 2TL A 1 3 ? -0.635  1.213  3.293  1.00 0.00 ?  4   2TL A H    2  
HETATM 216  H HA   . 2TL A 1 3 ? 1.707   -0.033 2.152  1.00 0.00 ?  4   2TL A HA   2  
HETATM 217  H HB   . 2TL A 1 3 ? 0.605   2.787  1.783  1.00 0.00 ?  4   2TL A HB   2  
HETATM 218  H HG21 . 2TL A 1 3 ? 1.332   3.086  3.903  1.00 0.00 ?  4   2TL A HG21 2  
HETATM 219  H HG22 . 2TL A 1 3 ? 2.963   2.804  3.300  1.00 0.00 ?  4   2TL A HG22 2  
HETATM 220  H HG23 . 2TL A 1 3 ? 2.027   1.465  3.960  1.00 0.00 ?  4   2TL A HG23 2  
HETATM 221  N N    . DVA A 1 4 ? -0.807  0.819  0.191  1.00 0.00 ?  5   DVA A N    2  
HETATM 222  C CA   . DVA A 1 4 ? -1.348  0.564  -1.134 1.00 0.00 ?  5   DVA A CA   2  
HETATM 223  C CB   . DVA A 1 4 ? -2.659  1.333  -1.314 1.00 0.00 ?  5   DVA A CB   2  
HETATM 224  C CG1  . DVA A 1 4 ? -2.403  2.834  -1.139 1.00 0.00 ?  5   DVA A CG1  2  
HETATM 225  C CG2  . DVA A 1 4 ? -3.216  1.076  -2.718 1.00 0.00 ?  5   DVA A CG2  2  
HETATM 226  C C    . DVA A 1 4 ? -1.605  -0.936 -1.297 1.00 0.00 ?  5   DVA A C    2  
HETATM 227  O O    . DVA A 1 4 ? -1.599  -1.459 -2.393 1.00 0.00 ?  5   DVA A O    2  
HETATM 228  H H    . DVA A 1 4 ? -1.323  1.342  0.836  1.00 0.00 ?  5   DVA A H    2  
HETATM 229  H HA   . DVA A 1 4 ? -0.639  0.889  -1.879 1.00 0.00 ?  5   DVA A HA   2  
HETATM 230  H HB   . DVA A 1 4 ? -3.373  1.003  -0.575 1.00 0.00 ?  5   DVA A HB   2  
HETATM 231  H HG11 . DVA A 1 4 ? -2.329  3.302  -2.110 1.00 0.00 ?  5   DVA A HG11 2  
HETATM 232  H HG12 . DVA A 1 4 ? -1.480  2.981  -0.598 1.00 0.00 ?  5   DVA A HG12 2  
HETATM 233  H HG13 . DVA A 1 4 ? -3.219  3.277  -0.588 1.00 0.00 ?  5   DVA A HG13 2  
HETATM 234  H HG21 . DVA A 1 4 ? -2.404  0.842  -3.390 1.00 0.00 ?  5   DVA A HG21 2  
HETATM 235  H HG22 . DVA A 1 4 ? -3.732  1.958  -3.068 1.00 0.00 ?  5   DVA A HG22 2  
HETATM 236  H HG23 . DVA A 1 4 ? -3.907  0.245  -2.683 1.00 0.00 ?  5   DVA A HG23 2  
ATOM   237  N N    . LEU A 1 5 ? -1.824  -1.636 -0.212 1.00 0.00 ?  6   LEU A N    2  
ATOM   238  C CA   . LEU A 1 5 ? -2.066  -3.069 -0.298 1.00 0.00 ?  6   LEU A CA   2  
ATOM   239  C C    . LEU A 1 5 ? -0.820  -3.759 -0.864 1.00 0.00 ?  6   LEU A C    2  
ATOM   240  O O    . LEU A 1 5 ? -0.905  -4.797 -1.493 1.00 0.00 ?  6   LEU A O    2  
ATOM   241  C CB   . LEU A 1 5 ? -3.264  -3.352 -1.217 1.00 0.00 ?  6   LEU A CB   2  
ATOM   242  C CG   . LEU A 1 5 ? -3.783  -4.766 -0.950 1.00 0.00 ?  6   LEU A CG   2  
ATOM   243  C CD1  . LEU A 1 5 ? -4.447  -4.814 0.427  1.00 0.00 ?  6   LEU A CD1  2  
ATOM   244  C CD2  . LEU A 1 5 ? -4.807  -5.142 -2.022 1.00 0.00 ?  6   LEU A CD2  2  
ATOM   245  H H    . LEU A 1 5 ? -1.816  -1.191 0.666  1.00 0.00 ?  6   LEU A H    2  
ATOM   246  H HA   . LEU A 1 5 ? -2.273  -3.458 0.688  1.00 0.00 ?  6   LEU A HA   2  
ATOM   247  H HB2  . LEU A 1 5 ? -4.061  -2.634 -1.016 1.00 0.00 ?  6   LEU A HB2  2  
ATOM   248  H HB3  . LEU A 1 5 ? -2.944  -3.277 -2.258 1.00 0.00 ?  6   LEU A HB3  2  
ATOM   249  H HG   . LEU A 1 5 ? -2.958  -5.464 -0.976 1.00 0.00 ?  6   LEU A HG   2  
ATOM   250  H HD11 . LEU A 1 5 ? -5.096  -5.675 0.484  1.00 0.00 ?  6   LEU A HD11 2  
ATOM   251  H HD12 . LEU A 1 5 ? -5.025  -3.915 0.579  1.00 0.00 ?  6   LEU A HD12 2  
ATOM   252  H HD13 . LEU A 1 5 ? -3.686  -4.886 1.191  1.00 0.00 ?  6   LEU A HD13 2  
ATOM   253  H HD21 . LEU A 1 5 ? -5.797  -4.874 -1.684 1.00 0.00 ?  6   LEU A HD21 2  
ATOM   254  H HD22 . LEU A 1 5 ? -4.765  -6.206 -2.203 1.00 0.00 ?  6   LEU A HD22 2  
ATOM   255  H HD23 . LEU A 1 5 ? -4.583  -4.612 -2.937 1.00 0.00 ?  6   LEU A HD23 2  
HETATM 256  N N    . DSN A 1 6 ? 0.337   -3.188 -0.649 1.00 0.00 ?  7   DSN A N    2  
HETATM 257  C CA   . DSN A 1 6 ? 1.556   -3.790 -1.161 1.00 0.00 ?  7   DSN A CA   2  
HETATM 258  C C    . DSN A 1 6 ? 1.733   -3.416 -2.636 1.00 0.00 ?  7   DSN A C    2  
HETATM 259  O O    . DSN A 1 6 ? 2.402   -4.103 -3.383 1.00 0.00 ?  7   DSN A O    2  
HETATM 260  C CB   . DSN A 1 6 ? 2.755   -3.278 -0.358 1.00 0.00 ?  7   DSN A CB   2  
HETATM 261  O OG   . DSN A 1 6 ? 2.927   -1.890 -0.601 1.00 0.00 ?  7   DSN A OG   2  
HETATM 262  H H    . DSN A 1 6 ? 0.382   -2.352 -0.140 1.00 0.00 ?  7   DSN A H    2  
HETATM 263  H HA   . DSN A 1 6 ? 1.496   -4.863 -1.067 1.00 0.00 ?  7   DSN A HA   2  
HETATM 264  H HB2  . DSN A 1 6 ? 3.647   -3.812 -0.665 1.00 0.00 ?  7   DSN A HB2  2  
HETATM 265  H HB3  . DSN A 1 6 ? 2.575   -3.439 0.699  1.00 0.00 ?  7   DSN A HB3  2  
HETATM 266  H HG   . DSN A 1 6 ? 3.542   -1.549 0.052  1.00 0.00 ?  7   DSN A HG   2  
ATOM   267  N N    . LEU A 1 7 ? 1.133   -2.334 -3.063 1.00 0.00 ?  8   LEU A N    2  
ATOM   268  C CA   . LEU A 1 7 ? 1.257   -1.928 -4.452 1.00 0.00 ?  8   LEU A CA   2  
ATOM   269  C C    . LEU A 1 7 ? 2.552   -1.131 -4.656 1.00 0.00 ?  8   LEU A C    2  
ATOM   270  O O    . LEU A 1 7 ? 2.998   -0.943 -5.771 1.00 0.00 ?  8   LEU A O    2  
ATOM   271  C CB   . LEU A 1 7 ? 0.063   -1.052 -4.835 1.00 0.00 ?  8   LEU A CB   2  
ATOM   272  C CG   . LEU A 1 7 ? -1.171  -1.929 -5.060 1.00 0.00 ?  8   LEU A CG   2  
ATOM   273  C CD1  . LEU A 1 7 ? -2.414  -1.043 -5.138 1.00 0.00 ?  8   LEU A CD1  2  
ATOM   274  C CD2  . LEU A 1 7 ? -1.013  -2.702 -6.371 1.00 0.00 ?  8   LEU A CD2  2  
ATOM   275  H H    . LEU A 1 7 ? 0.595   -1.797 -2.445 1.00 0.00 ?  8   LEU A H    2  
ATOM   276  H HA   . LEU A 1 7 ? 1.274   -2.804 -5.084 1.00 0.00 ?  8   LEU A HA   2  
ATOM   277  H HB2  . LEU A 1 7 ? -0.137  -0.348 -4.040 1.00 0.00 ?  8   LEU A HB2  2  
ATOM   278  H HB3  . LEU A 1 7 ? 0.290   -0.512 -5.743 1.00 0.00 ?  8   LEU A HB3  2  
ATOM   279  H HG   . LEU A 1 7 ? -1.277  -2.623 -4.238 1.00 0.00 ?  8   LEU A HG   2  
ATOM   280  H HD11 . LEU A 1 7 ? -3.112  -1.461 -5.847 1.00 0.00 ?  8   LEU A HD11 2  
ATOM   281  H HD12 . LEU A 1 7 ? -2.129  -0.050 -5.455 1.00 0.00 ?  8   LEU A HD12 2  
ATOM   282  H HD13 . LEU A 1 7 ? -2.879  -0.988 -4.165 1.00 0.00 ?  8   LEU A HD13 2  
ATOM   283  H HD21 . LEU A 1 7 ? -0.510  -2.081 -7.097 1.00 0.00 ?  8   LEU A HD21 2  
ATOM   284  H HD22 . LEU A 1 7 ? -1.988  -2.977 -6.747 1.00 0.00 ?  8   LEU A HD22 2  
ATOM   285  H HD23 . LEU A 1 7 ? -0.430  -3.595 -6.194 1.00 0.00 ?  8   LEU A HD23 2  
HETATM 286  N N    . DSN A 1 8 ? 3.161   -0.663 -3.597 1.00 0.00 ?  9   DSN A N    2  
HETATM 287  C CA   . DSN A 1 8 ? 4.393   0.095  -3.749 1.00 0.00 ?  9   DSN A CA   2  
HETATM 288  C C    . DSN A 1 8 ? 4.456   1.226  -2.713 1.00 0.00 ?  9   DSN A C    2  
HETATM 289  O O    . DSN A 1 8 ? 5.524   1.698  -2.372 1.00 0.00 ?  9   DSN A O    2  
HETATM 290  C CB   . DSN A 1 8 ? 5.588   -0.836 -3.555 1.00 0.00 ?  9   DSN A CB   2  
HETATM 291  O OG   . DSN A 1 8 ? 6.790   -0.094 -3.716 1.00 0.00 ?  9   DSN A OG   2  
HETATM 292  H H    . DSN A 1 8 ? 2.792   -0.826 -2.705 1.00 0.00 ?  9   DSN A H    2  
HETATM 293  H HA   . DSN A 1 8 ? 4.431   0.518  -4.741 1.00 0.00 ?  9   DSN A HA   2  
HETATM 294  H HB2  . DSN A 1 8 ? 5.562   -1.257 -2.559 1.00 0.00 ?  9   DSN A HB2  2  
HETATM 295  H HB3  . DSN A 1 8 ? 5.545   -1.635 -4.289 1.00 0.00 ?  9   DSN A HB3  2  
HETATM 296  H HG   . DSN A 1 8 ? 6.935   0.036  -4.656 1.00 0.00 ?  9   DSN A HG   2  
ATOM   297  N N    . ILE A 1 9 ? 3.331   1.662  -2.203 1.00 0.00 ?  10  ILE A N    2  
ATOM   298  C CA   . ILE A 1 9 ? 3.351   2.727  -1.212 1.00 0.00 ?  10  ILE A CA   2  
ATOM   299  C C    . ILE A 1 9 ? 2.152   2.575  -0.271 1.00 0.00 ?  10  ILE A C    2  
ATOM   300  O O    . ILE A 1 9 ? 1.021   2.727  -0.685 1.00 0.00 ?  10  ILE A O    2  
ATOM   301  C CB   . ILE A 1 9 ? 3.308   4.109  -1.887 1.00 0.00 ?  10  ILE A CB   2  
ATOM   302  C CG1  . ILE A 1 9 ? 2.208   4.160  -2.969 1.00 0.00 ?  10  ILE A CG1  2  
ATOM   303  C CG2  . ILE A 1 9 ? 4.676   4.423  -2.502 1.00 0.00 ?  10  ILE A CG2  2  
ATOM   304  C CD1  . ILE A 1 9 ? 2.733   3.650  -4.320 1.00 0.00 ?  10  ILE A CD1  2  
ATOM   305  H H    . ILE A 1 9 ? 2.479   1.262  -2.477 1.00 0.00 ?  10  ILE A H    2  
ATOM   306  H HA   . ILE A 1 9 ? 4.259   2.648  -0.633 1.00 0.00 ?  10  ILE A HA   2  
ATOM   307  H HB   . ILE A 1 9 ? 3.093   4.852  -1.132 1.00 0.00 ?  10  ILE A HB   2  
ATOM   308  H HG12 . ILE A 1 9 ? 1.370   3.556  -2.660 1.00 0.00 ?  10  ILE A HG12 2  
ATOM   309  H HG13 . ILE A 1 9 ? 1.879   5.182  -3.085 1.00 0.00 ?  10  ILE A HG13 2  
ATOM   310  H HG21 . ILE A 1 9 ? 4.935   3.657  -3.218 1.00 0.00 ?  10  ILE A HG21 2  
ATOM   311  H HG22 . ILE A 1 9 ? 5.423   4.454  -1.723 1.00 0.00 ?  10  ILE A HG22 2  
ATOM   312  H HG23 . ILE A 1 9 ? 4.636   5.381  -2.999 1.00 0.00 ?  10  ILE A HG23 2  
ATOM   313  H HD11 . ILE A 1 9 ? 3.609   3.039  -4.164 1.00 0.00 ?  10  ILE A HD11 2  
ATOM   314  H HD12 . ILE A 1 9 ? 2.991   4.492  -4.945 1.00 0.00 ?  10  ILE A HD12 2  
ATOM   315  H HD13 . ILE A 1 9 ? 1.966   3.066  -4.807 1.00 0.00 ?  10  ILE A HD13 2  
HETATM 316  C CA   . IG8 B 2 . ? -2.230  4.461  2.835  1.00 0.00 ?  101 IG8 A CA   2  
HETATM 317  C C    . IG8 B 2 . ? -2.770  3.077  2.469  1.00 0.00 ?  101 IG8 A C    2  
HETATM 318  O O    . IG8 B 2 . ? -2.295  2.439  1.552  1.00 0.00 ?  101 IG8 A O    2  
HETATM 319  C CB   . IG8 B 2 . ? -1.526  4.398  4.195  1.00 0.00 ?  101 IG8 A CB   2  
HETATM 320  C CG2  . IG8 B 2 . ? -2.558  4.547  5.313  1.00 0.00 ?  101 IG8 A CG2  2  
HETATM 321  O OG1  . IG8 B 2 . ? -0.855  3.152  4.327  1.00 0.00 ?  101 IG8 A OG1  2  
HETATM 322  C CD   . IG8 B 2 . ? -1.871  5.066  6.577  1.00 0.00 ?  101 IG8 A CD   2  
HETATM 323  C CE   . IG8 B 2 . ? -2.908  5.231  7.690  1.00 0.00 ?  101 IG8 A CE   2  
HETATM 324  C CZ   . IG8 B 2 . ? -2.523  6.420  8.574  1.00 0.00 ?  101 IG8 A CZ   2  
HETATM 325  C CH   . IG8 B 2 . ? -3.790  7.135  9.048  1.00 0.00 ?  101 IG8 A CH   2  
HETATM 326  C CI   . IG8 B 2 . ? -3.491  9.579  8.622  1.00 0.00 ?  101 IG8 A CI   2  
HETATM 327  C CT   . IG8 B 2 . ? -4.114  8.286  8.093  1.00 0.00 ?  101 IG8 A CT   2  
HETATM 328  H HA1  . IG8 B 2 . ? -3.047  5.165  2.887  1.00 0.00 ?  101 IG8 A HA1  2  
HETATM 329  H HA2  . IG8 B 2 . ? -1.527  4.782  2.080  1.00 0.00 ?  101 IG8 A HA2  2  
HETATM 330  H HB   . IG8 B 2 . ? -0.809  5.201  4.264  1.00 0.00 ?  101 IG8 A HB   2  
HETATM 331  H HG21 . IG8 B 2 . ? -3.007  3.586  5.518  1.00 0.00 ?  101 IG8 A HG21 2  
HETATM 332  H HG22 . IG8 B 2 . ? -3.324  5.244  5.006  1.00 0.00 ?  101 IG8 A HG22 2  
HETATM 333  H HG1  . IG8 B 2 . ? -0.287  3.201  5.100  1.00 0.00 ?  101 IG8 A HG1  2  
HETATM 334  H HD1  . IG8 B 2 . ? -1.411  6.021  6.371  1.00 0.00 ?  101 IG8 A HD1  2  
HETATM 335  H HD2  . IG8 B 2 . ? -1.114  4.360  6.890  1.00 0.00 ?  101 IG8 A HD2  2  
HETATM 336  H HE1  . IG8 B 2 . ? -2.937  4.334  8.290  1.00 0.00 ?  101 IG8 A HE1  2  
HETATM 337  H HE2  . IG8 B 2 . ? -3.880  5.406  7.253  1.00 0.00 ?  101 IG8 A HE2  2  
HETATM 338  H HZ1  . IG8 B 2 . ? -1.914  7.108  8.009  1.00 0.00 ?  101 IG8 A HZ1  2  
HETATM 339  H HZ2  . IG8 B 2 . ? -1.967  6.066  9.430  1.00 0.00 ?  101 IG8 A HZ2  2  
HETATM 340  H HH1  . IG8 B 2 . ? -3.632  7.527  10.041 1.00 0.00 ?  101 IG8 A HH1  2  
HETATM 341  H HH2  . IG8 B 2 . ? -4.614  6.436  9.063  1.00 0.00 ?  101 IG8 A HH2  2  
HETATM 342  H HI2  . IG8 B 2 . ? -2.442  9.603  8.366  1.00 0.00 ?  101 IG8 A HI2  2  
HETATM 343  H HI3  . IG8 B 2 . ? -3.600  9.619  9.696  1.00 0.00 ?  101 IG8 A HI3  2  
HETATM 344  H HI1  . IG8 B 2 . ? -3.989  10.428 8.178  1.00 0.00 ?  101 IG8 A HI1  2  
HETATM 345  H HT1  . IG8 B 2 . ? -5.184  8.407  8.025  1.00 0.00 ?  101 IG8 A HT1  2  
HETATM 346  H HT2  . IG8 B 2 . ? -3.712  8.065  7.115  1.00 0.00 ?  101 IG8 A HT2  2  
ATOM   347  N N    . LEU A 1 1 ? -3.356  3.117  3.476  1.00 0.00 ?  2   LEU A N    3  
ATOM   348  C CA   . LEU A 1 1 ? -4.168  1.919  3.325  1.00 0.00 ?  2   LEU A CA   3  
ATOM   349  C C    . LEU A 1 1 ? -3.257  0.708  3.084  1.00 0.00 ?  2   LEU A C    3  
ATOM   350  O O    . LEU A 1 1 ? -3.058  0.286  1.962  1.00 0.00 ?  2   LEU A O    3  
ATOM   351  C CB   . LEU A 1 1 ? -5.121  2.091  2.128  1.00 0.00 ?  2   LEU A CB   3  
ATOM   352  C CG   . LEU A 1 1 ? -6.368  2.881  2.553  1.00 0.00 ?  2   LEU A CG   3  
ATOM   353  C CD1  . LEU A 1 1 ? -7.320  3.001  1.362  1.00 0.00 ?  2   LEU A CD1  3  
ATOM   354  C CD2  . LEU A 1 1 ? -7.080  2.154  3.697  1.00 0.00 ?  2   LEU A CD2  3  
ATOM   355  H H1   . LEU A 1 1 ? -3.436  3.661  4.287  1.00 0.00 ?  2   LEU A H1   3  
ATOM   356  H HA   . LEU A 1 1 ? -4.741  1.760  4.229  1.00 0.00 ?  2   LEU A HA   3  
ATOM   357  H HB2  . LEU A 1 1 ? -4.605  2.640  1.340  1.00 0.00 ?  2   LEU A HB2  3  
ATOM   358  H HB3  . LEU A 1 1 ? -5.427  1.107  1.757  1.00 0.00 ?  2   LEU A HB3  3  
ATOM   359  H HG   . LEU A 1 1 ? -6.077  3.870  2.878  1.00 0.00 ?  2   LEU A HG   3  
ATOM   360  H HD11 . LEU A 1 1 ? -8.340  3.021  1.716  1.00 0.00 ?  2   LEU A HD11 3  
ATOM   361  H HD12 . LEU A 1 1 ? -7.184  2.154  0.705  1.00 0.00 ?  2   LEU A HD12 3  
ATOM   362  H HD13 . LEU A 1 1 ? -7.107  3.912  0.822  1.00 0.00 ?  2   LEU A HD13 3  
ATOM   363  H HD21 . LEU A 1 1 ? -6.596  2.393  4.632  1.00 0.00 ?  2   LEU A HD21 3  
ATOM   364  H HD22 . LEU A 1 1 ? -7.035  1.088  3.529  1.00 0.00 ?  2   LEU A HD22 3  
ATOM   365  H HD23 . LEU A 1 1 ? -8.113  2.469  3.734  1.00 0.00 ?  2   LEU A HD23 3  
HETATM 366  N N    . DGL A 1 2 ? -2.715  0.145  4.135  1.00 0.00 ?  3   DGL A N    3  
HETATM 367  C CA   . DGL A 1 2 ? -1.844  -1.018 3.990  1.00 0.00 ?  3   DGL A CA   3  
HETATM 368  C C    . DGL A 1 2 ? -0.772  -0.777 2.912  1.00 0.00 ?  3   DGL A C    3  
HETATM 369  O O    . DGL A 1 2 ? -0.262  -1.711 2.325  1.00 0.00 ?  3   DGL A O    3  
HETATM 370  C CB   . DGL A 1 2 ? -1.156  -1.307 5.328  1.00 0.00 ?  3   DGL A CB   3  
HETATM 371  C CG   . DGL A 1 2 ? -0.436  -2.655 5.249  1.00 0.00 ?  3   DGL A CG   3  
HETATM 372  C CD   . DGL A 1 2 ? -1.354  -3.757 5.780  1.00 0.00 ?  3   DGL A CD   3  
HETATM 373  O OE1  . DGL A 1 2 ? -0.937  -4.467 6.681  1.00 0.00 -1 3   DGL A OE1  3  
HETATM 374  O OE2  . DGL A 1 2 ? -2.460  -3.873 5.276  1.00 0.00 ?  3   DGL A OE2  3  
HETATM 375  H H    . DGL A 1 2 ? -2.908  0.503  5.031  1.00 0.00 ?  3   DGL A H    3  
HETATM 376  H HA   . DGL A 1 2 ? -2.440  -1.873 3.711  1.00 0.00 ?  3   DGL A HA   3  
HETATM 377  H HB2  . DGL A 1 2 ? -0.439  -0.528 5.540  1.00 0.00 ?  3   DGL A HB2  3  
HETATM 378  H HB3  . DGL A 1 2 ? -1.895  -1.343 6.115  1.00 0.00 ?  3   DGL A HB3  3  
HETATM 379  H HG2  . DGL A 1 2 ? -0.176  -2.866 4.222  1.00 0.00 ?  3   DGL A HG2  3  
HETATM 380  H HG3  . DGL A 1 2 ? 0.462   -2.619 5.848  1.00 0.00 ?  3   DGL A HG3  3  
HETATM 381  N N    . 2TL A 1 3 ? -0.421  0.458  2.645  1.00 0.00 ?  4   2TL A N    3  
HETATM 382  C CA   . 2TL A 1 3 ? 0.596   0.719  1.629  1.00 0.00 ?  4   2TL A CA   3  
HETATM 383  C CB   . 2TL A 1 3 ? 0.928   2.220  1.571  1.00 0.00 ?  4   2TL A CB   3  
HETATM 384  O OG1  . 2TL A 1 3 ? 1.789   2.458  0.467  1.00 0.00 ?  4   2TL A OG1  3  
HETATM 385  C CG2  . 2TL A 1 3 ? 1.632   2.650  2.863  1.00 0.00 ?  4   2TL A CG2  3  
HETATM 386  C C    . 2TL A 1 3 ? 0.080   0.266  0.260  1.00 0.00 ?  4   2TL A C    3  
HETATM 387  O O    . 2TL A 1 3 ? 0.845   -0.120 -0.602 1.00 0.00 ?  4   2TL A O    3  
HETATM 388  H H    . 2TL A 1 3 ? -0.838  1.201  3.125  1.00 0.00 ?  4   2TL A H    3  
HETATM 389  H HA   . 2TL A 1 3 ? 1.496   0.161  1.871  1.00 0.00 ?  4   2TL A HA   3  
HETATM 390  H HB   . 2TL A 1 3 ? 0.020   2.798  1.448  1.00 0.00 ?  4   2TL A HB   3  
HETATM 391  H HG21 . 2TL A 1 3 ? 0.979   3.294  3.435  1.00 0.00 ?  4   2TL A HG21 3  
HETATM 392  H HG22 . 2TL A 1 3 ? 2.537   3.187  2.616  1.00 0.00 ?  4   2TL A HG22 3  
HETATM 393  H HG23 . 2TL A 1 3 ? 1.882   1.779  3.449  1.00 0.00 ?  4   2TL A HG23 3  
HETATM 394  N N    . DVA A 1 4 ? -1.210  0.311  0.054  1.00 0.00 ?  5   DVA A N    3  
HETATM 395  C CA   . DVA A 1 4 ? -1.756  -0.104 -1.225 1.00 0.00 ?  5   DVA A CA   3  
HETATM 396  C CB   . DVA A 1 4 ? -3.238  0.277  -1.297 1.00 0.00 ?  5   DVA A CB   3  
HETATM 397  C CG1  . DVA A 1 4 ? -3.387  1.789  -1.110 1.00 0.00 ?  5   DVA A CG1  3  
HETATM 398  C CG2  . DVA A 1 4 ? -3.804  -0.123 -2.663 1.00 0.00 ?  5   DVA A CG2  3  
HETATM 399  C C    . DVA A 1 4 ? -1.606  -1.620 -1.376 1.00 0.00 ?  5   DVA A C    3  
HETATM 400  O O    . DVA A 1 4 ? -1.228  -2.113 -2.419 1.00 0.00 ?  5   DVA A O    3  
HETATM 401  H H    . DVA A 1 4 ? -1.808  0.626  0.764  1.00 0.00 ?  5   DVA A H    3  
HETATM 402  H HA   . DVA A 1 4 ? -1.221  0.391  -2.022 1.00 0.00 ?  5   DVA A HA   3  
HETATM 403  H HB   . DVA A 1 4 ? -3.779  -0.237 -0.515 1.00 0.00 ?  5   DVA A HB   3  
HETATM 404  H HG11 . DVA A 1 4 ? -3.494  2.262  -2.074 1.00 0.00 ?  5   DVA A HG11 3  
HETATM 405  H HG12 . DVA A 1 4 ? -2.512  2.179  -0.612 1.00 0.00 ?  5   DVA A HG12 3  
HETATM 406  H HG13 . DVA A 1 4 ? -4.262  1.992  -0.510 1.00 0.00 ?  5   DVA A HG13 3  
HETATM 407  H HG21 . DVA A 1 4 ? -4.031  -1.179 -2.663 1.00 0.00 ?  5   DVA A HG21 3  
HETATM 408  H HG22 . DVA A 1 4 ? -3.075  0.088  -3.431 1.00 0.00 ?  5   DVA A HG22 3  
HETATM 409  H HG23 . DVA A 1 4 ? -4.705  0.439  -2.857 1.00 0.00 ?  5   DVA A HG23 3  
ATOM   410  N N    . LEU A 1 5 ? -1.904  -2.364 -0.341 1.00 0.00 ?  6   LEU A N    3  
ATOM   411  C CA   . LEU A 1 5 ? -1.789  -3.813 -0.416 1.00 0.00 ?  6   LEU A CA   3  
ATOM   412  C C    . LEU A 1 5 ? -0.344  -4.210 -0.749 1.00 0.00 ?  6   LEU A C    3  
ATOM   413  O O    . LEU A 1 5 ? -0.087  -5.301 -1.220 1.00 0.00 ?  6   LEU A O    3  
ATOM   414  C CB   . LEU A 1 5 ? -2.729  -4.349 -1.507 1.00 0.00 ?  6   LEU A CB   3  
ATOM   415  C CG   . LEU A 1 5 ? -4.062  -4.785 -0.888 1.00 0.00 ?  6   LEU A CG   3  
ATOM   416  C CD1  . LEU A 1 5 ? -4.985  -5.311 -1.989 1.00 0.00 ?  6   LEU A CD1  3  
ATOM   417  C CD2  . LEU A 1 5 ? -3.816  -5.896 0.137  1.00 0.00 ?  6   LEU A CD2  3  
ATOM   418  H H    . LEU A 1 5 ? -2.209  -1.942 0.489  1.00 0.00 ?  6   LEU A H    3  
ATOM   419  H HA   . LEU A 1 5 ? -2.062  -4.240 0.539  1.00 0.00 ?  6   LEU A HA   3  
ATOM   420  H HB2  . LEU A 1 5 ? -2.918  -3.559 -2.235 1.00 0.00 ?  6   LEU A HB2  3  
ATOM   421  H HB3  . LEU A 1 5 ? -2.263  -5.208 -2.001 1.00 0.00 ?  6   LEU A HB3  3  
ATOM   422  H HG   . LEU A 1 5 ? -4.531  -3.939 -0.404 1.00 0.00 ?  6   LEU A HG   3  
ATOM   423  H HD11 . LEU A 1 5 ? -4.391  -5.741 -2.782 1.00 0.00 ?  6   LEU A HD11 3  
ATOM   424  H HD12 . LEU A 1 5 ? -5.575  -4.496 -2.383 1.00 0.00 ?  6   LEU A HD12 3  
ATOM   425  H HD13 . LEU A 1 5 ? -5.641  -6.065 -1.580 1.00 0.00 ?  6   LEU A HD13 3  
ATOM   426  H HD21 . LEU A 1 5 ? -3.691  -5.460 1.117  1.00 0.00 ?  6   LEU A HD21 3  
ATOM   427  H HD22 . LEU A 1 5 ? -2.925  -6.443 -0.131 1.00 0.00 ?  6   LEU A HD22 3  
ATOM   428  H HD23 . LEU A 1 5 ? -4.662  -6.569 0.149  1.00 0.00 ?  6   LEU A HD23 3  
HETATM 429  N N    . DSN A 1 6 ? 0.602   -3.339 -0.503 1.00 0.00 ?  7   DSN A N    3  
HETATM 430  C CA   . DSN A 1 6 ? 1.987   -3.666 -0.793 1.00 0.00 ?  7   DSN A CA   3  
HETATM 431  C C    . DSN A 1 6 ? 2.297   -3.366 -2.263 1.00 0.00 ?  7   DSN A C    3  
HETATM 432  O O    . DSN A 1 6 ? 3.175   -3.965 -2.854 1.00 0.00 ?  7   DSN A O    3  
HETATM 433  C CB   . DSN A 1 6 ? 2.907   -2.833 0.102  1.00 0.00 ?  7   DSN A CB   3  
HETATM 434  O OG   . DSN A 1 6 ? 2.905   -1.485 -0.343 1.00 0.00 ?  7   DSN A OG   3  
HETATM 435  H H    . DSN A 1 6 ? 0.376   -2.466 -0.118 1.00 0.00 ?  7   DSN A H    3  
HETATM 436  H HA   . DSN A 1 6 ? 2.155   -4.715 -0.598 1.00 0.00 ?  7   DSN A HA   3  
HETATM 437  H HB2  . DSN A 1 6 ? 3.916   -3.228 0.050  1.00 0.00 ?  7   DSN A HB2  3  
HETATM 438  H HB3  . DSN A 1 6 ? 2.548   -2.874 1.126  1.00 0.00 ?  7   DSN A HB3  3  
HETATM 439  H HG   . DSN A 1 6 ? 3.815   -1.183 -0.377 1.00 0.00 ?  7   DSN A HG   3  
ATOM   440  N N    . LEU A 1 7 ? 1.589   -2.442 -2.857 1.00 0.00 ?  8   LEU A N    3  
ATOM   441  C CA   . LEU A 1 7 ? 1.842   -2.111 -4.250 1.00 0.00 ?  8   LEU A CA   3  
ATOM   442  C C    . LEU A 1 7 ? 2.958   -1.061 -4.342 1.00 0.00 ?  8   LEU A C    3  
ATOM   443  O O    . LEU A 1 7 ? 3.352   -0.662 -5.421 1.00 0.00 ?  8   LEU A O    3  
ATOM   444  C CB   . LEU A 1 7 ? 0.566   -1.551 -4.882 1.00 0.00 ?  8   LEU A CB   3  
ATOM   445  C CG   . LEU A 1 7 ? -0.486  -2.658 -4.988 1.00 0.00 ?  8   LEU A CG   3  
ATOM   446  C CD1  . LEU A 1 7 ? -1.875  -2.025 -5.069 1.00 0.00 ?  8   LEU A CD1  3  
ATOM   447  C CD2  . LEU A 1 7 ? -0.229  -3.488 -6.248 1.00 0.00 ?  8   LEU A CD2  3  
ATOM   448  H H    . LEU A 1 7 ? 0.888   -1.969 -2.362 1.00 0.00 ?  8   LEU A H    3  
ATOM   449  H HA   . LEU A 1 7 ? 2.145   -3.001 -4.782 1.00 0.00 ?  8   LEU A HA   3  
ATOM   450  H HB2  . LEU A 1 7 ? 0.182   -0.750 -4.267 1.00 0.00 ?  8   LEU A HB2  3  
ATOM   451  H HB3  . LEU A 1 7 ? 0.790   -1.173 -5.869 1.00 0.00 ?  8   LEU A HB3  3  
ATOM   452  H HG   . LEU A 1 7 ? -0.433  -3.294 -4.116 1.00 0.00 ?  8   LEU A HG   3  
ATOM   453  H HD11 . LEU A 1 7 ? -2.606  -2.707 -4.661 1.00 0.00 ?  8   LEU A HD11 3  
ATOM   454  H HD12 . LEU A 1 7 ? -2.114  -1.814 -6.101 1.00 0.00 ?  8   LEU A HD12 3  
ATOM   455  H HD13 . LEU A 1 7 ? -1.883  -1.106 -4.501 1.00 0.00 ?  8   LEU A HD13 3  
ATOM   456  H HD21 . LEU A 1 7 ? -0.576  -4.498 -6.091 1.00 0.00 ?  8   LEU A HD21 3  
ATOM   457  H HD22 . LEU A 1 7 ? 0.830   -3.499 -6.461 1.00 0.00 ?  8   LEU A HD22 3  
ATOM   458  H HD23 . LEU A 1 7 ? -0.758  -3.049 -7.082 1.00 0.00 ?  8   LEU A HD23 3  
HETATM 459  N N    . DSN A 1 8 ? 3.474   -0.618 -3.224 1.00 0.00 ?  9   DSN A N    3  
HETATM 460  C CA   . DSN A 1 8 ? 4.539   0.372  -3.255 1.00 0.00 ?  9   DSN A CA   3  
HETATM 461  C C    . DSN A 1 8 ? 3.999   1.751  -2.851 1.00 0.00 ?  9   DSN A C    3  
HETATM 462  O O    . DSN A 1 8 ? 4.658   2.757  -3.037 1.00 0.00 ?  9   DSN A O    3  
HETATM 463  C CB   . DSN A 1 8 ? 5.644   -0.043 -2.284 1.00 0.00 ?  9   DSN A CB   3  
HETATM 464  O OG   . DSN A 1 8 ? 5.142   0.003  -0.955 1.00 0.00 ?  9   DSN A OG   3  
HETATM 465  H H    . DSN A 1 8 ? 3.147   -0.958 -2.365 1.00 0.00 ?  9   DSN A H    3  
HETATM 466  H HA   . DSN A 1 8 ? 4.947   0.426  -4.252 1.00 0.00 ?  9   DSN A HA   3  
HETATM 467  H HB2  . DSN A 1 8 ? 5.963   -1.051 -2.507 1.00 0.00 ?  9   DSN A HB2  3  
HETATM 468  H HB3  . DSN A 1 8 ? 6.486   0.636  -2.386 1.00 0.00 ?  9   DSN A HB3  3  
HETATM 469  H HG   . DSN A 1 8 ? 5.862   0.261  -0.375 1.00 0.00 ?  9   DSN A HG   3  
ATOM   470  N N    . ILE A 1 9 ? 2.819   1.811  -2.288 1.00 0.00 ?  10  ILE A N    3  
ATOM   471  C CA   . ILE A 1 9 ? 2.270   3.092  -1.875 1.00 0.00 ?  10  ILE A CA   3  
ATOM   472  C C    . ILE A 1 9 ? 1.265   2.866  -0.743 1.00 0.00 ?  10  ILE A C    3  
ATOM   473  O O    . ILE A 1 9 ? 0.077   3.040  -0.933 1.00 0.00 ?  10  ILE A O    3  
ATOM   474  C CB   . ILE A 1 9 ? 1.571   3.789  -3.054 1.00 0.00 ?  10  ILE A CB   3  
ATOM   475  C CG1  . ILE A 1 9 ? 0.569   2.825  -3.723 1.00 0.00 ?  10  ILE A CG1  3  
ATOM   476  C CG2  . ILE A 1 9 ? 2.616   4.275  -4.067 1.00 0.00 ?  10  ILE A CG2  3  
ATOM   477  C CD1  . ILE A 1 9 ? 1.244   2.007  -4.835 1.00 0.00 ?  10  ILE A CD1  3  
ATOM   478  H H    . ILE A 1 9 ? 2.309   0.991  -2.129 1.00 0.00 ?  10  ILE A H    3  
ATOM   479  H HA   . ILE A 1 9 ? 3.072   3.722  -1.516 1.00 0.00 ?  10  ILE A HA   3  
ATOM   480  H HB   . ILE A 1 9 ? 1.034   4.648  -2.676 1.00 0.00 ?  10  ILE A HB   3  
ATOM   481  H HG12 . ILE A 1 9 ? 0.168   2.154  -2.979 1.00 0.00 ?  10  ILE A HG12 3  
ATOM   482  H HG13 . ILE A 1 9 ? -0.239  3.400  -4.152 1.00 0.00 ?  10  ILE A HG13 3  
ATOM   483  H HG21 . ILE A 1 9 ? 3.308   4.944  -3.577 1.00 0.00 ?  10  ILE A HG21 3  
ATOM   484  H HG22 . ILE A 1 9 ? 2.120   4.797  -4.872 1.00 0.00 ?  10  ILE A HG22 3  
ATOM   485  H HG23 . ILE A 1 9 ? 3.155   3.429  -4.466 1.00 0.00 ?  10  ILE A HG23 3  
ATOM   486  H HD11 . ILE A 1 9 ? 2.303   1.931  -4.640 1.00 0.00 ?  10  ILE A HD11 3  
ATOM   487  H HD12 . ILE A 1 9 ? 1.089   2.497  -5.785 1.00 0.00 ?  10  ILE A HD12 3  
ATOM   488  H HD13 . ILE A 1 9 ? 0.811   1.018  -4.867 1.00 0.00 ?  10  ILE A HD13 3  
HETATM 489  C CA   . IG8 B 2 . ? -1.697  4.746  2.762  1.00 0.00 ?  101 IG8 A CA   3  
HETATM 490  C C    . IG8 B 2 . ? -2.518  3.473  2.534  1.00 0.00 ?  101 IG8 A C    3  
HETATM 491  O O    . IG8 B 2 . ? -2.395  2.819  1.517  1.00 0.00 ?  101 IG8 A O    3  
HETATM 492  C CB   . IG8 B 2 . ? -1.220  5.301  1.415  1.00 0.00 ?  101 IG8 A CB   3  
HETATM 493  C CG2  . IG8 B 2 . ? -1.781  6.710  1.211  1.00 0.00 ?  101 IG8 A CG2  3  
HETATM 494  O OG1  . IG8 B 2 . ? 0.201   5.349  1.402  1.00 0.00 ?  101 IG8 A OG1  3  
HETATM 495  C CD   . IG8 B 2 . ? -1.015  7.700  2.092  1.00 0.00 ?  101 IG8 A CD   3  
HETATM 496  C CE   . IG8 B 2 . ? -1.292  9.127  1.616  1.00 0.00 ?  101 IG8 A CE   3  
HETATM 497  C CZ   . IG8 B 2 . ? -0.036  9.981  1.800  1.00 0.00 ?  101 IG8 A CZ   3  
HETATM 498  C CH   . IG8 B 2 . ? -0.029  11.109 0.767  1.00 0.00 ?  101 IG8 A CH   3  
HETATM 499  C CI   . IG8 B 2 . ? 1.419   12.531 -0.691 1.00 0.00 ?  101 IG8 A CI   3  
HETATM 500  C CT   . IG8 B 2 . ? 1.413   11.422 0.363  1.00 0.00 ?  101 IG8 A CT   3  
HETATM 501  H HA1  . IG8 B 2 . ? -0.840  4.514  3.377  1.00 0.00 ?  101 IG8 A HA1  3  
HETATM 502  H HA2  . IG8 B 2 . ? -2.309  5.483  3.262  1.00 0.00 ?  101 IG8 A HA2  3  
HETATM 503  H HB   . IG8 B 2 . ? -1.565  4.663  0.617  1.00 0.00 ?  101 IG8 A HB   3  
HETATM 504  H HG21 . IG8 B 2 . ? -2.826  6.724  1.482  1.00 0.00 ?  101 IG8 A HG21 3  
HETATM 505  H HG22 . IG8 B 2 . ? -1.675  6.992  0.174  1.00 0.00 ?  101 IG8 A HG22 3  
HETATM 506  H HG1  . IG8 B 2 . ? 0.477   5.704  0.554  1.00 0.00 ?  101 IG8 A HG1  3  
HETATM 507  H HD1  . IG8 B 2 . ? 0.043   7.498  2.022  1.00 0.00 ?  101 IG8 A HD1  3  
HETATM 508  H HD2  . IG8 B 2 . ? -1.336  7.592  3.117  1.00 0.00 ?  101 IG8 A HD2  3  
HETATM 509  H HE1  . IG8 B 2 . ? -2.100  9.549  2.196  1.00 0.00 ?  101 IG8 A HE1  3  
HETATM 510  H HE2  . IG8 B 2 . ? -1.569  9.111  0.572  1.00 0.00 ?  101 IG8 A HE2  3  
HETATM 511  H HZ1  . IG8 B 2 . ? 0.840   9.365  1.665  1.00 0.00 ?  101 IG8 A HZ1  3  
HETATM 512  H HZ2  . IG8 B 2 . ? -0.030  10.402 2.795  1.00 0.00 ?  101 IG8 A HZ2  3  
HETATM 513  H HH1  . IG8 B 2 . ? -0.481  11.991 1.193  1.00 0.00 ?  101 IG8 A HH1  3  
HETATM 514  H HH2  . IG8 B 2 . ? -0.588  10.801 -0.105 1.00 0.00 ?  101 IG8 A HH2  3  
HETATM 515  H HI2  . IG8 B 2 . ? 0.497   12.498 -1.252 1.00 0.00 ?  101 IG8 A HI2  3  
HETATM 516  H HI3  . IG8 B 2 . ? 2.254   12.385 -1.360 1.00 0.00 ?  101 IG8 A HI3  3  
HETATM 517  H HI1  . IG8 B 2 . ? 1.511   13.490 -0.204 1.00 0.00 ?  101 IG8 A HI1  3  
HETATM 518  H HT1  . IG8 B 2 . ? 1.873   10.536 -0.047 1.00 0.00 ?  101 IG8 A HT1  3  
HETATM 519  H HT2  . IG8 B 2 . ? 1.967   11.747 1.232  1.00 0.00 ?  101 IG8 A HT2  3  
ATOM   520  N N    . LEU A 1 1 ? -3.755  2.773  3.304  1.00 0.00 ?  2   LEU A N    4  
ATOM   521  C CA   . LEU A 1 1 ? -4.329  1.525  2.820  1.00 0.00 ?  2   LEU A CA   4  
ATOM   522  C C    . LEU A 1 1 ? -3.268  0.415  2.854  1.00 0.00 ?  2   LEU A C    4  
ATOM   523  O O    . LEU A 1 1 ? -3.010  -0.243 1.866  1.00 0.00 ?  2   LEU A O    4  
ATOM   524  C CB   . LEU A 1 1 ? -4.831  1.720  1.378  1.00 0.00 ?  2   LEU A CB   4  
ATOM   525  C CG   . LEU A 1 1 ? -6.256  2.293  1.381  1.00 0.00 ?  2   LEU A CG   4  
ATOM   526  C CD1  . LEU A 1 1 ? -6.757  2.402  -0.060 1.00 0.00 ?  2   LEU A CD1  4  
ATOM   527  C CD2  . LEU A 1 1 ? -7.190  1.369  2.170  1.00 0.00 ?  2   LEU A CD2  4  
ATOM   528  H H1   . LEU A 1 1 ? -4.193  3.259  4.033  1.00 0.00 ?  2   LEU A H1   4  
ATOM   529  H HA   . LEU A 1 1 ? -5.155  1.242  3.459  1.00 0.00 ?  2   LEU A HA   4  
ATOM   530  H HB2  . LEU A 1 1 ? -4.173  2.419  0.865  1.00 0.00 ?  2   LEU A HB2  4  
ATOM   531  H HB3  . LEU A 1 1 ? -4.831  0.758  0.858  1.00 0.00 ?  2   LEU A HB3  4  
ATOM   532  H HG   . LEU A 1 1 ? -6.253  3.276  1.832  1.00 0.00 ?  2   LEU A HG   4  
ATOM   533  H HD11 . LEU A 1 1 ? -6.530  3.385  -0.446 1.00 0.00 ?  2   LEU A HD11 4  
ATOM   534  H HD12 . LEU A 1 1 ? -7.825  2.245  -0.083 1.00 0.00 ?  2   LEU A HD12 4  
ATOM   535  H HD13 . LEU A 1 1 ? -6.270  1.655  -0.669 1.00 0.00 ?  2   LEU A HD13 4  
ATOM   536  H HD21 . LEU A 1 1 ? -6.834  0.353  2.099  1.00 0.00 ?  2   LEU A HD21 4  
ATOM   537  H HD22 . LEU A 1 1 ? -8.187  1.430  1.761  1.00 0.00 ?  2   LEU A HD22 4  
ATOM   538  H HD23 . LEU A 1 1 ? -7.207  1.674  3.206  1.00 0.00 ?  2   LEU A HD23 4  
HETATM 539  N N    . DGL A 1 2 ? -2.664  0.200  3.995  1.00 0.00 ?  3   DGL A N    4  
HETATM 540  C CA   . DGL A 1 2 ? -1.654  -0.843 4.120  1.00 0.00 ?  3   DGL A CA   4  
HETATM 541  C C    . DGL A 1 2 ? -0.586  -0.715 3.023  1.00 0.00 ?  3   DGL A C    4  
HETATM 542  O O    . DGL A 1 2 ? -0.169  -1.700 2.445  1.00 0.00 ?  3   DGL A O    4  
HETATM 543  C CB   . DGL A 1 2 ? -0.984  -0.732 5.492  1.00 0.00 ?  3   DGL A CB   4  
HETATM 544  C CG   . DGL A 1 2 ? -2.022  -0.973 6.588  1.00 0.00 ?  3   DGL A CG   4  
HETATM 545  C CD   . DGL A 1 2 ? -1.320  -1.458 7.858  1.00 0.00 ?  3   DGL A CD   4  
HETATM 546  O OE1  . DGL A 1 2 ? -1.590  -2.572 8.273  1.00 0.00 -1 3   DGL A OE1  4  
HETATM 547  O OE2  . DGL A 1 2 ? -0.523  -0.705 8.394  1.00 0.00 ?  3   DGL A OE2  4  
HETATM 548  H H    . DGL A 1 2 ? -2.903  0.739  4.780  1.00 0.00 ?  3   DGL A H    4  
HETATM 549  H HA   . DGL A 1 2 ? -2.131  -1.808 4.041  1.00 0.00 ?  3   DGL A HA   4  
HETATM 550  H HB2  . DGL A 1 2 ? -0.199  -1.470 5.568  1.00 0.00 ?  3   DGL A HB2  4  
HETATM 551  H HB3  . DGL A 1 2 ? -0.564  0.255  5.607  1.00 0.00 ?  3   DGL A HB3  4  
HETATM 552  H HG2  . DGL A 1 2 ? -2.548  -0.053 6.795  1.00 0.00 ?  3   DGL A HG2  4  
HETATM 553  H HG3  . DGL A 1 2 ? -2.725  -1.724 6.260  1.00 0.00 ?  3   DGL A HG3  4  
HETATM 554  N N    . 2TL A 1 3 ? -0.129  0.478  2.739  1.00 0.00 ?  4   2TL A N    4  
HETATM 555  C CA   . 2TL A 1 3 ? 0.898   0.634  1.712  1.00 0.00 ?  4   2TL A CA   4  
HETATM 556  C CB   . 2TL A 1 3 ? 1.375   2.095  1.639  1.00 0.00 ?  4   2TL A CB   4  
HETATM 557  O OG1  . 2TL A 1 3 ? 2.252   2.232  0.530  1.00 0.00 ?  4   2TL A OG1  4  
HETATM 558  C CG2  . 2TL A 1 3 ? 2.125   2.466  2.923  1.00 0.00 ?  4   2TL A CG2  4  
HETATM 559  C C    . 2TL A 1 3 ? 0.333   0.221  0.348  1.00 0.00 ?  4   2TL A C    4  
HETATM 560  O O    . 2TL A 1 3 ? 0.981   -0.468 -0.416 1.00 0.00 ?  4   2TL A O    4  
HETATM 561  H H    . 2TL A 1 3 ? -0.470  1.262  3.220  1.00 0.00 ?  4   2TL A H    4  
HETATM 562  H HA   . 2TL A 1 3 ? 1.742   -0.006 1.951  1.00 0.00 ?  4   2TL A HA   4  
HETATM 563  H HB   . 2TL A 1 3 ? 0.527   2.759  1.512  1.00 0.00 ?  4   2TL A HB   4  
HETATM 564  H HG21 . 2TL A 1 3 ? 1.539   3.173  3.492  1.00 0.00 ?  4   2TL A HG21 4  
HETATM 565  H HG22 . 2TL A 1 3 ? 3.075   2.914  2.667  1.00 0.00 ?  4   2TL A HG22 4  
HETATM 566  H HG23 . 2TL A 1 3 ? 2.295   1.578  3.514  1.00 0.00 ?  4   2TL A HG23 4  
HETATM 567  N N    . DVA A 1 4 ? -0.865  0.638  0.037  1.00 0.00 ?  5   DVA A N    4  
HETATM 568  C CA   . DVA A 1 4 ? -1.454  0.283  -1.244 1.00 0.00 ?  5   DVA A CA   4  
HETATM 569  C CB   . DVA A 1 4 ? -2.808  0.982  -1.394 1.00 0.00 ?  5   DVA A CB   4  
HETATM 570  C CG1  . DVA A 1 4 ? -2.612  2.496  -1.301 1.00 0.00 ?  5   DVA A CG1  4  
HETATM 571  C CG2  . DVA A 1 4 ? -3.423  0.638  -2.754 1.00 0.00 ?  5   DVA A CG2  4  
HETATM 572  C C    . DVA A 1 4 ? -1.641  -1.236 -1.316 1.00 0.00 ?  5   DVA A C    4  
HETATM 573  O O    . DVA A 1 4 ? -1.621  -1.821 -2.381 1.00 0.00 ?  5   DVA A O    4  
HETATM 574  H H    . DVA A 1 4 ? -1.367  1.195  0.668  1.00 0.00 ?  5   DVA A H    4  
HETATM 575  H HA   . DVA A 1 4 ? -0.799  0.602  -2.040 1.00 0.00 ?  5   DVA A HA   4  
HETATM 576  H HB   . DVA A 1 4 ? -3.470  0.656  -0.604 1.00 0.00 ?  5   DVA A HB   4  
HETATM 577  H HG11 . DVA A 1 4 ? -2.600  2.796  -0.265 1.00 0.00 ?  5   DVA A HG11 4  
HETATM 578  H HG12 . DVA A 1 4 ? -3.422  2.996  -1.811 1.00 0.00 ?  5   DVA A HG12 4  
HETATM 579  H HG13 . DVA A 1 4 ? -1.674  2.766  -1.765 1.00 0.00 ?  5   DVA A HG13 4  
HETATM 580  H HG21 . DVA A 1 4 ? -4.487  0.818  -2.724 1.00 0.00 ?  5   DVA A HG21 4  
HETATM 581  H HG22 . DVA A 1 4 ? -3.240  -0.402 -2.980 1.00 0.00 ?  5   DVA A HG22 4  
HETATM 582  H HG23 . DVA A 1 4 ? -2.975  1.257  -3.517 1.00 0.00 ?  5   DVA A HG23 4  
ATOM   583  N N    . LEU A 1 5 ? -1.823  -1.880 -0.191 1.00 0.00 ?  6   LEU A N    4  
ATOM   584  C CA   . LEU A 1 5 ? -2.009  -3.323 -0.188 1.00 0.00 ?  6   LEU A CA   4  
ATOM   585  C C    . LEU A 1 5 ? -0.774  -4.006 -0.791 1.00 0.00 ?  6   LEU A C    4  
ATOM   586  O O    . LEU A 1 5 ? -0.865  -5.077 -1.358 1.00 0.00 ?  6   LEU A O    4  
ATOM   587  C CB   . LEU A 1 5 ? -3.252  -3.689 -1.017 1.00 0.00 ?  6   LEU A CB   4  
ATOM   588  C CG   . LEU A 1 5 ? -4.469  -3.851 -0.097 1.00 0.00 ?  6   LEU A CG   4  
ATOM   589  C CD1  . LEU A 1 5 ? -5.694  -4.219 -0.936 1.00 0.00 ?  6   LEU A CD1  4  
ATOM   590  C CD2  . LEU A 1 5 ? -4.204  -4.963 0.922  1.00 0.00 ?  6   LEU A CD2  4  
ATOM   591  H H    . LEU A 1 5 ? -1.835  -1.386 0.655  1.00 0.00 ?  6   LEU A H    4  
ATOM   592  H HA   . LEU A 1 5 ? -2.138  -3.662 0.831  1.00 0.00 ?  6   LEU A HA   4  
ATOM   593  H HB2  . LEU A 1 5 ? -3.452  -2.891 -1.733 1.00 0.00 ?  6   LEU A HB2  4  
ATOM   594  H HB3  . LEU A 1 5 ? -3.074  -4.630 -1.545 1.00 0.00 ?  6   LEU A HB3  4  
ATOM   595  H HG   . LEU A 1 5 ? -4.659  -2.920 0.421  1.00 0.00 ?  6   LEU A HG   4  
ATOM   596  H HD11 . LEU A 1 5 ? -5.640  -3.718 -1.891 1.00 0.00 ?  6   LEU A HD11 4  
ATOM   597  H HD12 . LEU A 1 5 ? -6.591  -3.912 -0.419 1.00 0.00 ?  6   LEU A HD12 4  
ATOM   598  H HD13 . LEU A 1 5 ? -5.716  -5.288 -1.091 1.00 0.00 ?  6   LEU A HD13 4  
ATOM   599  H HD21 . LEU A 1 5 ? -5.134  -5.452 1.171  1.00 0.00 ?  6   LEU A HD21 4  
ATOM   600  H HD22 . LEU A 1 5 ? -3.770  -4.538 1.815  1.00 0.00 ?  6   LEU A HD22 4  
ATOM   601  H HD23 . LEU A 1 5 ? -3.521  -5.684 0.498  1.00 0.00 ?  6   LEU A HD23 4  
HETATM 602  N N    . DSN A 1 6 ? 0.377   -3.399 -0.663 1.00 0.00 ?  7   DSN A N    4  
HETATM 603  C CA   . DSN A 1 6 ? 1.584   -4.002 -1.204 1.00 0.00 ?  7   DSN A CA   4  
HETATM 604  C C    . DSN A 1 6 ? 1.843   -3.492 -2.628 1.00 0.00 ?  7   DSN A C    4  
HETATM 605  O O    . DSN A 1 6 ? 2.587   -4.091 -3.380 1.00 0.00 ?  7   DSN A O    4  
HETATM 606  C CB   . DSN A 1 6 ? 2.773   -3.644 -0.311 1.00 0.00 ?  7   DSN A CB   4  
HETATM 607  O OG   . DSN A 1 6 ? 2.937   -2.234 -0.285 1.00 0.00 ?  7   DSN A OG   4  
HETATM 608  H H    . DSN A 1 6 ? 0.426   -2.539 -0.194 1.00 0.00 ?  7   DSN A H    4  
HETATM 609  H HA   . DSN A 1 6 ? 1.468   -5.075 -1.224 1.00 0.00 ?  7   DSN A HA   4  
HETATM 610  H HB2  . DSN A 1 6 ? 3.673   -4.103 -0.708 1.00 0.00 ?  7   DSN A HB2  4  
HETATM 611  H HB3  . DSN A 1 6 ? 2.590   -4.005 0.695  1.00 0.00 ?  7   DSN A HB3  4  
HETATM 612  H HG   . DSN A 1 6 ? 3.236   -1.986 0.593  1.00 0.00 ?  7   DSN A HG   4  
ATOM   613  N N    . LEU A 1 7 ? 1.244   -2.391 -3.005 1.00 0.00 ?  8   LEU A N    4  
ATOM   614  C CA   . LEU A 1 7 ? 1.462   -1.865 -4.343 1.00 0.00 ?  8   LEU A CA   4  
ATOM   615  C C    . LEU A 1 7 ? 2.768   -1.061 -4.379 1.00 0.00 ?  8   LEU A C    4  
ATOM   616  O O    . LEU A 1 7 ? 3.268   -0.728 -5.437 1.00 0.00 ?  8   LEU A O    4  
ATOM   617  C CB   . LEU A 1 7 ? 0.296   -0.956 -4.731 1.00 0.00 ?  8   LEU A CB   4  
ATOM   618  C CG   . LEU A 1 7 ? -0.917  -1.807 -5.115 1.00 0.00 ?  8   LEU A CG   4  
ATOM   619  C CD1  . LEU A 1 7 ? -2.156  -0.913 -5.194 1.00 0.00 ?  8   LEU A CD1  4  
ATOM   620  C CD2  . LEU A 1 7 ? -0.670  -2.459 -6.478 1.00 0.00 ?  8   LEU A CD2  4  
ATOM   621  H H    . LEU A 1 7 ? 0.650   -1.918 -2.386 1.00 0.00 ?  8   LEU A H    4  
ATOM   622  H HA   . LEU A 1 7 ? 1.528   -2.684 -5.045 1.00 0.00 ?  8   LEU A HA   4  
ATOM   623  H HB2  . LEU A 1 7 ? 0.038   -0.322 -3.893 1.00 0.00 ?  8   LEU A HB2  4  
ATOM   624  H HB3  . LEU A 1 7 ? 0.584   -0.341 -5.571 1.00 0.00 ?  8   LEU A HB3  4  
ATOM   625  H HG   . LEU A 1 7 ? -1.074  -2.572 -4.369 1.00 0.00 ?  8   LEU A HG   4  
ATOM   626  H HD11 . LEU A 1 7 ? -2.381  -0.700 -6.228 1.00 0.00 ?  8   LEU A HD11 4  
ATOM   627  H HD12 . LEU A 1 7 ? -1.966  0.010  -4.669 1.00 0.00 ?  8   LEU A HD12 4  
ATOM   628  H HD13 . LEU A 1 7 ? -2.994  -1.421 -4.739 1.00 0.00 ?  8   LEU A HD13 4  
ATOM   629  H HD21 . LEU A 1 7 ? -0.150  -3.396 -6.338 1.00 0.00 ?  8   LEU A HD21 4  
ATOM   630  H HD22 . LEU A 1 7 ? -0.069  -1.802 -7.088 1.00 0.00 ?  8   LEU A HD22 4  
ATOM   631  H HD23 . LEU A 1 7 ? -1.615  -2.641 -6.966 1.00 0.00 ?  8   LEU A HD23 4  
HETATM 632  N N    . DSN A 1 8 ? 3.327   -0.752 -3.237 1.00 0.00 ?  9   DSN A N    4  
HETATM 633  C CA   . DSN A 1 8 ? 4.571   0.003  -3.215 1.00 0.00 ?  9   DSN A CA   4  
HETATM 634  C C    . DSN A 1 8 ? 4.316   1.447  -2.759 1.00 0.00 ?  9   DSN A C    4  
HETATM 635  O O    . DSN A 1 8 ? 5.156   2.310  -2.928 1.00 0.00 ?  9   DSN A O    4  
HETATM 636  C CB   . DSN A 1 8 ? 5.550   -0.667 -2.250 1.00 0.00 ?  9   DSN A CB   4  
HETATM 637  O OG   . DSN A 1 8 ? 5.079   -0.506 -0.918 1.00 0.00 ?  9   DSN A OG   4  
HETATM 638  H H    . DSN A 1 8 ? 2.913   -1.037 -2.398 1.00 0.00 ?  9   DSN A H    4  
HETATM 639  H HA   . DSN A 1 8 ? 5.002   0.012  -4.204 1.00 0.00 ?  9   DSN A HA   4  
HETATM 640  H HB2  . DSN A 1 8 ? 5.617   -1.722 -2.477 1.00 0.00 ?  9   DSN A HB2  4  
HETATM 641  H HB3  . DSN A 1 8 ? 6.529   -0.207 -2.356 1.00 0.00 ?  9   DSN A HB3  4  
HETATM 642  H HG   . DSN A 1 8 ? 5.608   -1.065 -0.346 1.00 0.00 ?  9   DSN A HG   4  
ATOM   643  N N    . ILE A 1 9 ? 3.179   1.717  -2.168 1.00 0.00 ?  10  ILE A N    4  
ATOM   644  C CA   . ILE A 1 9 ? 2.897   3.065  -1.705 1.00 0.00 ?  10  ILE A CA   4  
ATOM   645  C C    . ILE A 1 9 ? 1.882   2.991  -0.562 1.00 0.00 ?  10  ILE A C    4  
ATOM   646  O O    . ILE A 1 9 ? 0.818   3.575  -0.644 1.00 0.00 ?  10  ILE A O    4  
ATOM   647  C CB   . ILE A 1 9 ? 2.330   3.925  -2.844 1.00 0.00 ?  10  ILE A CB   4  
ATOM   648  C CG1  . ILE A 1 9 ? 1.138   3.205  -3.509 1.00 0.00 ?  10  ILE A CG1  4  
ATOM   649  C CG2  . ILE A 1 9 ? 3.429   4.220  -3.873 1.00 0.00 ?  10  ILE A CG2  4  
ATOM   650  C CD1  . ILE A 1 9 ? 1.606   2.306  -4.662 1.00 0.00 ?  10  ILE A CD1  4  
ATOM   651  H H    . ILE A 1 9 ? 2.521   1.007  -2.024 1.00 0.00 ?  10  ILE A H    4  
ATOM   652  H HA   . ILE A 1 9 ? 3.810   3.513  -1.341 1.00 0.00 ?  10  ILE A HA   4  
ATOM   653  H HB   . ILE A 1 9 ? 1.987   4.863  -2.429 1.00 0.00 ?  10  ILE A HB   4  
ATOM   654  H HG12 . ILE A 1 9 ? 0.629   2.603  -2.771 1.00 0.00 ?  10  ILE A HG12 4  
ATOM   655  H HG13 . ILE A 1 9 ? 0.451   3.944  -3.894 1.00 0.00 ?  10  ILE A HG13 4  
ATOM   656  H HG21 . ILE A 1 9 ? 3.774   3.297  -4.311 1.00 0.00 ?  10  ILE A HG21 4  
ATOM   657  H HG22 . ILE A 1 9 ? 4.254   4.717  -3.385 1.00 0.00 ?  10  ILE A HG22 4  
ATOM   658  H HG23 . ILE A 1 9 ? 3.033   4.860  -4.648 1.00 0.00 ?  10  ILE A HG23 4  
ATOM   659  H HD11 . ILE A 1 9 ? 1.534   2.850  -5.592 1.00 0.00 ?  10  ILE A HD11 4  
ATOM   660  H HD12 . ILE A 1 9 ? 0.979   1.428  -4.711 1.00 0.00 ?  10  ILE A HD12 4  
ATOM   661  H HD13 . ILE A 1 9 ? 2.630   2.007  -4.498 1.00 0.00 ?  10  ILE A HD13 4  
HETATM 662  C CA   . IG8 B 2 . ? -2.114  4.569  3.329  1.00 0.00 ?  101 IG8 A CA   4  
HETATM 663  C C    . IG8 B 2 . ? -2.659  3.250  2.769  1.00 0.00 ?  101 IG8 A C    4  
HETATM 664  O O    . IG8 B 2 . ? -2.094  2.671  1.864  1.00 0.00 ?  101 IG8 A O    4  
HETATM 665  C CB   . IG8 B 2 . ? -1.244  5.259  2.271  1.00 0.00 ?  101 IG8 A CB   4  
HETATM 666  C CG2  . IG8 B 2 . ? -1.908  6.565  1.830  1.00 0.00 ?  101 IG8 A CG2  4  
HETATM 667  O OG1  . IG8 B 2 . ? 0.035   5.538  2.824  1.00 0.00 ?  101 IG8 A OG1  4  
HETATM 668  C CD   . IG8 B 2 . ? -1.124  7.168  0.662  1.00 0.00 ?  101 IG8 A CD   4  
HETATM 669  C CE   . IG8 B 2 . ? -1.762  6.739  -0.663 1.00 0.00 ?  101 IG8 A CE   4  
HETATM 670  C CZ   . IG8 B 2 . ? -1.970  7.966  -1.555 1.00 0.00 ?  101 IG8 A CZ   4  
HETATM 671  C CH   . IG8 B 2 . ? -3.233  7.777  -2.397 1.00 0.00 ?  101 IG8 A CH   4  
HETATM 672  C CI   . IG8 B 2 . ? -5.728  7.922  -2.368 1.00 0.00 ?  101 IG8 A CI   4  
HETATM 673  C CT   . IG8 B 2 . ? -4.445  8.305  -1.627 1.00 0.00 ?  101 IG8 A CT   4  
HETATM 674  H HA1  . IG8 B 2 . ? -1.518  4.368  4.205  1.00 0.00 ?  101 IG8 A HA1  4  
HETATM 675  H HA2  . IG8 B 2 . ? -2.939  5.215  3.595  1.00 0.00 ?  101 IG8 A HA2  4  
HETATM 676  H HB   . IG8 B 2 . ? -1.132  4.611  1.415  1.00 0.00 ?  101 IG8 A HB   4  
HETATM 677  H HG21 . IG8 B 2 . ? -1.914  7.261  2.654  1.00 0.00 ?  101 IG8 A HG21 4  
HETATM 678  H HG22 . IG8 B 2 . ? -2.923  6.366  1.519  1.00 0.00 ?  101 IG8 A HG22 4  
HETATM 679  H HG1  . IG8 B 2 . ? 0.694   5.090  2.287  1.00 0.00 ?  101 IG8 A HG1  4  
HETATM 680  H HD1  . IG8 B 2 . ? -0.102  6.820  0.696  1.00 0.00 ?  101 IG8 A HD1  4  
HETATM 681  H HD2  . IG8 B 2 . ? -1.140  8.247  0.739  1.00 0.00 ?  101 IG8 A HD2  4  
HETATM 682  H HE1  . IG8 B 2 . ? -2.717  6.271  -0.470 1.00 0.00 ?  101 IG8 A HE1  4  
HETATM 683  H HE2  . IG8 B 2 . ? -1.111  6.036  -1.163 1.00 0.00 ?  101 IG8 A HE2  4  
HETATM 684  H HZ1  . IG8 B 2 . ? -1.119  8.085  -2.208 1.00 0.00 ?  101 IG8 A HZ1  4  
HETATM 685  H HZ2  . IG8 B 2 . ? -2.078  8.845  -0.936 1.00 0.00 ?  101 IG8 A HZ2  4  
HETATM 686  H HH1  . IG8 B 2 . ? -3.372  6.727  -2.607 1.00 0.00 ?  101 IG8 A HH1  4  
HETATM 687  H HH2  . IG8 B 2 . ? -3.131  8.320  -3.326 1.00 0.00 ?  101 IG8 A HH2  4  
HETATM 688  H HI2  . IG8 B 2 . ? -5.515  7.803  -3.420 1.00 0.00 ?  101 IG8 A HI2  4  
HETATM 689  H HI3  . IG8 B 2 . ? -6.465  8.700  -2.237 1.00 0.00 ?  101 IG8 A HI3  4  
HETATM 690  H HI1  . IG8 B 2 . ? -6.110  6.993  -1.972 1.00 0.00 ?  101 IG8 A HI1  4  
HETATM 691  H HT1  . IG8 B 2 . ? -4.383  9.380  -1.551 1.00 0.00 ?  101 IG8 A HT1  4  
HETATM 692  H HT2  . IG8 B 2 . ? -4.458  7.874  -0.637 1.00 0.00 ?  101 IG8 A HT2  4  
ATOM   693  N N    . LEU A 1 1 ? -3.784  2.586  3.280  1.00 0.00 ?  2   LEU A N    5  
ATOM   694  C CA   . LEU A 1 1 ? -4.304  1.289  2.871  1.00 0.00 ?  2   LEU A CA   5  
ATOM   695  C C    . LEU A 1 1 ? -3.178  0.244  2.886  1.00 0.00 ?  2   LEU A C    5  
ATOM   696  O O    . LEU A 1 1 ? -2.888  -0.387 1.889  1.00 0.00 ?  2   LEU A O    5  
ATOM   697  C CB   . LEU A 1 1 ? -4.902  1.388  1.455  1.00 0.00 ?  2   LEU A CB   5  
ATOM   698  C CG   . LEU A 1 1 ? -6.332  1.945  1.523  1.00 0.00 ?  2   LEU A CG   5  
ATOM   699  C CD1  . LEU A 1 1 ? -6.924  1.985  0.113  1.00 0.00 ?  2   LEU A CD1  5  
ATOM   700  C CD2  . LEU A 1 1 ? -7.199  1.046  2.408  1.00 0.00 ?  2   LEU A CD2  5  
ATOM   701  H H1   . LEU A 1 1 ? -4.178  3.045  4.051  1.00 0.00 ?  2   LEU A H1   5  
ATOM   702  H HA   . LEU A 1 1 ? -5.074  0.983  3.569  1.00 0.00 ?  2   LEU A HA   5  
ATOM   703  H HB2  . LEU A 1 1 ? -4.290  2.061  0.857  1.00 0.00 ?  2   LEU A HB2  5  
ATOM   704  H HB3  . LEU A 1 1 ? -4.923  0.396  0.995  1.00 0.00 ?  2   LEU A HB3  5  
ATOM   705  H HG   . LEU A 1 1 ? -6.313  2.946  1.930  1.00 0.00 ?  2   LEU A HG   5  
ATOM   706  H HD11 . LEU A 1 1 ? -7.431  1.054  -0.091 1.00 0.00 ?  2   LEU A HD11 5  
ATOM   707  H HD12 . LEU A 1 1 ? -6.131  2.128  -0.607 1.00 0.00 ?  2   LEU A HD12 5  
ATOM   708  H HD13 . LEU A 1 1 ? -7.626  2.802  0.041  1.00 0.00 ?  2   LEU A HD13 5  
ATOM   709  H HD21 . LEU A 1 1 ? -8.214  1.048  2.038  1.00 0.00 ?  2   LEU A HD21 5  
ATOM   710  H HD22 . LEU A 1 1 ? -7.187  1.419  3.422  1.00 0.00 ?  2   LEU A HD22 5  
ATOM   711  H HD23 . LEU A 1 1 ? -6.811  0.038  2.390  1.00 0.00 ?  2   LEU A HD23 5  
HETATM 712  N N    . DGL A 1 2 ? -2.559  0.051  4.023  1.00 0.00 ?  3   DGL A N    5  
HETATM 713  C CA   . DGL A 1 2 ? -1.492  -0.937 4.134  1.00 0.00 ?  3   DGL A CA   5  
HETATM 714  C C    . DGL A 1 2 ? -0.438  -0.747 3.031  1.00 0.00 ?  3   DGL A C    5  
HETATM 715  O O    . DGL A 1 2 ? 0.052   -1.708 2.469  1.00 0.00 ?  3   DGL A O    5  
HETATM 716  C CB   . DGL A 1 2 ? -0.819  -0.796 5.500  1.00 0.00 ?  3   DGL A CB   5  
HETATM 717  C CG   . DGL A 1 2 ? -1.777  -1.276 6.593  1.00 0.00 ?  3   DGL A CG   5  
HETATM 718  C CD   . DGL A 1 2 ? -1.545  -2.763 6.861  1.00 0.00 ?  3   DGL A CD   5  
HETATM 719  O OE1  . DGL A 1 2 ? -0.417  -3.122 7.157  1.00 0.00 -1 3   DGL A OE1  5  
HETATM 720  O OE2  . DGL A 1 2 ? -2.498  -3.519 6.765  1.00 0.00 ?  3   DGL A OE2  5  
HETATM 721  H H    . DGL A 1 2 ? -2.828  0.562  4.815  1.00 0.00 ?  3   DGL A H    5  
HETATM 722  H HA   . DGL A 1 2 ? -1.915  -1.926 4.053  1.00 0.00 ?  3   DGL A HA   5  
HETATM 723  H HB2  . DGL A 1 2 ? 0.081   -1.394 5.521  1.00 0.00 ?  3   DGL A HB2  5  
HETATM 724  H HB3  . DGL A 1 2 ? -0.568  0.239  5.673  1.00 0.00 ?  3   DGL A HB3  5  
HETATM 725  H HG2  . DGL A 1 2 ? -1.601  -0.714 7.498  1.00 0.00 ?  3   DGL A HG2  5  
HETATM 726  H HG3  . DGL A 1 2 ? -2.797  -1.126 6.269  1.00 0.00 ?  3   DGL A HG3  5  
HETATM 727  N N    . 2TL A 1 3 ? -0.072  0.472  2.722  1.00 0.00 ?  4   2TL A N    5  
HETATM 728  C CA   . 2TL A 1 3 ? 0.937   0.681  1.691  1.00 0.00 ?  4   2TL A CA   5  
HETATM 729  C CB   . 2TL A 1 3 ? 1.423   2.141  1.698  1.00 0.00 ?  4   2TL A CB   5  
HETATM 730  O OG1  . 2TL A 1 3 ? 2.351   2.314  0.638  1.00 0.00 ?  4   2TL A OG1  5  
HETATM 731  C CG2  . 2TL A 1 3 ? 2.114   2.457  3.029  1.00 0.00 ?  4   2TL A CG2  5  
HETATM 732  C C    . 2TL A 1 3 ? 0.348   0.358  0.315  1.00 0.00 ?  4   2TL A C    5  
HETATM 733  O O    . 2TL A 1 3 ? 1.017   -0.185 -0.543 1.00 0.00 ?  4   2TL A O    5  
HETATM 734  H H    . 2TL A 1 3 ? -0.469  1.236  3.189  1.00 0.00 ?  4   2TL A H    5  
HETATM 735  H HA   . 2TL A 1 3 ? 1.779   0.024  1.878  1.00 0.00 ?  4   2TL A HA   5  
HETATM 736  H HB   . 2TL A 1 3 ? 0.583   2.812  1.559  1.00 0.00 ?  4   2TL A HB   5  
HETATM 737  H HG21 . 2TL A 1 3 ? 2.248   1.547  3.595  1.00 0.00 ?  4   2TL A HG21 5  
HETATM 738  H HG22 . 2TL A 1 3 ? 1.508   3.149  3.596  1.00 0.00 ?  4   2TL A HG22 5  
HETATM 739  H HG23 . 2TL A 1 3 ? 3.078   2.904  2.834  1.00 0.00 ?  4   2TL A HG23 5  
HETATM 740  N N    . DVA A 1 4 ? -0.895  0.689  0.098  1.00 0.00 ?  5   DVA A N    5  
HETATM 741  C CA   . DVA A 1 4 ? -1.512  0.411  -1.188 1.00 0.00 ?  5   DVA A CA   5  
HETATM 742  C CB   . DVA A 1 4 ? -2.857  1.136  -1.284 1.00 0.00 ?  5   DVA A CB   5  
HETATM 743  C CG1  . DVA A 1 4 ? -2.638  2.642  -1.124 1.00 0.00 ?  5   DVA A CG1  5  
HETATM 744  C CG2  . DVA A 1 4 ? -3.492  0.861  -2.651 1.00 0.00 ?  5   DVA A CG2  5  
HETATM 745  C C    . DVA A 1 4 ? -1.726  -1.097 -1.325 1.00 0.00 ?  5   DVA A C    5  
HETATM 746  O O    . DVA A 1 4 ? -1.647  -1.649 -2.404 1.00 0.00 ?  5   DVA A O    5  
HETATM 747  H H    . DVA A 1 4 ? -1.412  1.124  0.803  1.00 0.00 ?  5   DVA A H    5  
HETATM 748  H HA   . DVA A 1 4 ? -0.862  0.754  -1.980 1.00 0.00 ?  5   DVA A HA   5  
HETATM 749  H HB   . DVA A 1 4 ? -3.512  0.782  -0.502 1.00 0.00 ?  5   DVA A HB   5  
HETATM 750  H HG11 . DVA A 1 4 ? -1.761  2.817  -0.518 1.00 0.00 ?  5   DVA A HG11 5  
HETATM 751  H HG12 . DVA A 1 4 ? -3.499  3.083  -0.646 1.00 0.00 ?  5   DVA A HG12 5  
HETATM 752  H HG13 . DVA A 1 4 ? -2.497  3.090  -2.097 1.00 0.00 ?  5   DVA A HG13 5  
HETATM 753  H HG21 . DVA A 1 4 ? -2.907  1.339  -3.421 1.00 0.00 ?  5   DVA A HG21 5  
HETATM 754  H HG22 . DVA A 1 4 ? -4.498  1.253  -2.665 1.00 0.00 ?  5   DVA A HG22 5  
HETATM 755  H HG23 . DVA A 1 4 ? -3.518  -0.205 -2.827 1.00 0.00 ?  5   DVA A HG23 5  
ATOM   756  N N    . LEU A 1 5 ? -1.986  -1.767 -0.233 1.00 0.00 ?  6   LEU A N    5  
ATOM   757  C CA   . LEU A 1 5 ? -2.189  -3.208 -0.288 1.00 0.00 ?  6   LEU A CA   5  
ATOM   758  C C    . LEU A 1 5 ? -0.897  -3.883 -0.769 1.00 0.00 ?  6   LEU A C    5  
ATOM   759  O O    . LEU A 1 5 ? -0.917  -4.983 -1.285 1.00 0.00 ?  6   LEU A O    5  
ATOM   760  C CB   . LEU A 1 5 ? -3.330  -3.547 -1.259 1.00 0.00 ?  6   LEU A CB   5  
ATOM   761  C CG   . LEU A 1 5 ? -3.836  -4.962 -0.967 1.00 0.00 ?  6   LEU A CG   5  
ATOM   762  C CD1  . LEU A 1 5 ? -4.571  -4.976 0.374  1.00 0.00 ?  6   LEU A CD1  5  
ATOM   763  C CD2  . LEU A 1 5 ? -4.796  -5.395 -2.078 1.00 0.00 ?  6   LEU A CD2  5  
ATOM   764  H H    . LEU A 1 5 ? -2.035  -1.296 0.629  1.00 0.00 ?  6   LEU A H    5  
ATOM   765  H HA   . LEU A 1 5 ? -2.437  -3.572 0.698  1.00 0.00 ?  6   LEU A HA   5  
ATOM   766  H HB2  . LEU A 1 5 ? -4.150  -2.840 -1.125 1.00 0.00 ?  6   LEU A HB2  5  
ATOM   767  H HB3  . LEU A 1 5 ? -2.957  -3.503 -2.283 1.00 0.00 ?  6   LEU A HB3  5  
ATOM   768  H HG   . LEU A 1 5 ? -2.999  -5.642 -0.927 1.00 0.00 ?  6   LEU A HG   5  
ATOM   769  H HD11 . LEU A 1 5 ? -5.242  -4.132 0.426  1.00 0.00 ?  6   LEU A HD11 5  
ATOM   770  H HD12 . LEU A 1 5 ? -3.853  -4.917 1.178  1.00 0.00 ?  6   LEU A HD12 5  
ATOM   771  H HD13 . LEU A 1 5 ? -5.137  -5.892 0.464  1.00 0.00 ?  6   LEU A HD13 5  
ATOM   772  H HD21 . LEU A 1 5 ? -4.532  -4.896 -2.997 1.00 0.00 ?  6   LEU A HD21 5  
ATOM   773  H HD22 . LEU A 1 5 ? -5.807  -5.133 -1.802 1.00 0.00 ?  6   LEU A HD22 5  
ATOM   774  H HD23 . LEU A 1 5 ? -4.727  -6.464 -2.216 1.00 0.00 ?  6   LEU A HD23 5  
HETATM 775  N N    . DSN A 1 6 ? 0.226   -3.229 -0.603 1.00 0.00 ?  7   DSN A N    5  
HETATM 776  C CA   . DSN A 1 6 ? 1.483   -3.814 -1.036 1.00 0.00 ?  7   DSN A CA   5  
HETATM 777  C C    . DSN A 1 6 ? 1.761   -3.425 -2.492 1.00 0.00 ?  7   DSN A C    5  
HETATM 778  O O    . DSN A 1 6 ? 2.416   -4.149 -3.220 1.00 0.00 ?  7   DSN A O    5  
HETATM 779  C CB   . DSN A 1 6 ? 2.617   -3.302 -0.146 1.00 0.00 ?  7   DSN A CB   5  
HETATM 780  O OG   . DSN A 1 6 ? 2.810   -1.914 -0.381 1.00 0.00 ?  7   DSN A OG   5  
HETATM 781  H H    . DSN A 1 6 ? 0.220   -2.345 -0.183 1.00 0.00 ?  7   DSN A H    5  
HETATM 782  H HA   . DSN A 1 6 ? 1.426   -4.889 -0.956 1.00 0.00 ?  7   DSN A HA   5  
HETATM 783  H HB2  . DSN A 1 6 ? 3.530   -3.838 -0.381 1.00 0.00 ?  7   DSN A HB2  5  
HETATM 784  H HB3  . DSN A 1 6 ? 2.357   -3.458 0.894  1.00 0.00 ?  7   DSN A HB3  5  
HETATM 785  H HG   . DSN A 1 6 ? 2.426   -1.432 0.355  1.00 0.00 ?  7   DSN A HG   5  
ATOM   786  N N    . LEU A 1 7 ? 1.270   -2.293 -2.925 1.00 0.00 ?  8   LEU A N    5  
ATOM   787  C CA   . LEU A 1 7 ? 1.499   -1.875 -4.299 1.00 0.00 ?  8   LEU A CA   5  
ATOM   788  C C    . LEU A 1 7 ? 2.793   -1.053 -4.395 1.00 0.00 ?  8   LEU A C    5  
ATOM   789  O O    . LEU A 1 7 ? 3.213   -0.677 -5.472 1.00 0.00 ?  8   LEU A O    5  
ATOM   790  C CB   . LEU A 1 7 ? 0.316   -1.025 -4.779 1.00 0.00 ?  8   LEU A CB   5  
ATOM   791  C CG   . LEU A 1 7 ? -0.503  -1.806 -5.815 1.00 0.00 ?  8   LEU A CG   5  
ATOM   792  C CD1  . LEU A 1 7 ? 0.362   -2.093 -7.046 1.00 0.00 ?  8   LEU A CD1  5  
ATOM   793  C CD2  . LEU A 1 7 ? -0.979  -3.129 -5.207 1.00 0.00 ?  8   LEU A CD2  5  
ATOM   794  H H    . LEU A 1 7 ? 0.743   -1.728 -2.324 1.00 0.00 ?  8   LEU A H    5  
ATOM   795  H HA   . LEU A 1 7 ? 1.587   -2.749 -4.926 1.00 0.00 ?  8   LEU A HA   5  
ATOM   796  H HB2  . LEU A 1 7 ? -0.313  -0.778 -3.938 1.00 0.00 ?  8   LEU A HB2  5  
ATOM   797  H HB3  . LEU A 1 7 ? 0.687   -0.117 -5.230 1.00 0.00 ?  8   LEU A HB3  5  
ATOM   798  H HG   . LEU A 1 7 ? -1.359  -1.216 -6.110 1.00 0.00 ?  8   LEU A HG   5  
ATOM   799  H HD11 . LEU A 1 7 ? 1.406   -2.045 -6.772 1.00 0.00 ?  8   LEU A HD11 5  
ATOM   800  H HD12 . LEU A 1 7 ? 0.156   -1.357 -7.810 1.00 0.00 ?  8   LEU A HD12 5  
ATOM   801  H HD13 . LEU A 1 7 ? 0.134   -3.078 -7.425 1.00 0.00 ?  8   LEU A HD13 5  
ATOM   802  H HD21 . LEU A 1 7 ? -1.250  -2.972 -4.173 1.00 0.00 ?  8   LEU A HD21 5  
ATOM   803  H HD22 . LEU A 1 7 ? -0.186  -3.859 -5.265 1.00 0.00 ?  8   LEU A HD22 5  
ATOM   804  H HD23 . LEU A 1 7 ? -1.839  -3.488 -5.753 1.00 0.00 ?  8   LEU A HD23 5  
HETATM 805  N N    . DSN A 1 8 ? 3.433   -0.773 -3.287 1.00 0.00 ?  9   DSN A N    5  
HETATM 806  C CA   . DSN A 1 8 ? 4.666   -0.001 -3.333 1.00 0.00 ?  9   DSN A CA   5  
HETATM 807  C C    . DSN A 1 8 ? 4.443   1.402  -2.749 1.00 0.00 ?  9   DSN A C    5  
HETATM 808  O O    . DSN A 1 8 ? 5.334   2.231  -2.762 1.00 0.00 ?  9   DSN A O    5  
HETATM 809  C CB   . DSN A 1 8 ? 5.744   -0.721 -2.521 1.00 0.00 ?  9   DSN A CB   5  
HETATM 810  O OG   . DSN A 1 8 ? 7.010   -0.144 -2.810 1.00 0.00 ?  9   DSN A OG   5  
HETATM 811  H H    . DSN A 1 8 ? 3.087   -1.087 -2.425 1.00 0.00 ?  9   DSN A H    5  
HETATM 812  H HA   . DSN A 1 8 ? 4.996   0.087  -4.357 1.00 0.00 ?  9   DSN A HA   5  
HETATM 813  H HB2  . DSN A 1 8 ? 5.537   -0.611 -1.466 1.00 0.00 ?  9   DSN A HB2  5  
HETATM 814  H HB3  . DSN A 1 8 ? 5.748   -1.775 -2.784 1.00 0.00 ?  9   DSN A HB3  5  
HETATM 815  H HG   . DSN A 1 8 ? 7.511   -0.774 -3.332 1.00 0.00 ?  9   DSN A HG   5  
ATOM   816  N N    . ILE A 1 9 ? 3.275   1.674  -2.224 1.00 0.00 ?  10  ILE A N    5  
ATOM   817  C CA   . ILE A 1 9 ? 3.018   2.982  -1.645 1.00 0.00 ?  10  ILE A CA   5  
ATOM   818  C C    . ILE A 1 9 ? 1.941   2.847  -0.566 1.00 0.00 ?  10  ILE A C    5  
ATOM   819  O O    . ILE A 1 9 ? 0.798   3.193  -0.793 1.00 0.00 ?  10  ILE A O    5  
ATOM   820  C CB   . ILE A 1 9 ? 2.553   3.977  -2.720 1.00 0.00 ?  10  ILE A CB   5  
ATOM   821  C CG1  . ILE A 1 9 ? 1.417   3.364  -3.567 1.00 0.00 ?  10  ILE A CG1  5  
ATOM   822  C CG2  . ILE A 1 9 ? 3.736   4.370  -3.613 1.00 0.00 ?  10  ILE A CG2  5  
ATOM   823  C CD1  . ILE A 1 9 ? 1.976   2.566  -4.754 1.00 0.00 ?  10  ILE A CD1  5  
ATOM   824  H H    . ILE A 1 9 ? 2.576   0.989  -2.206 1.00 0.00 ?  10  ILE A H    5  
ATOM   825  H HA   . ILE A 1 9 ? 3.927   3.352  -1.191 1.00 0.00 ?  10  ILE A HA   5  
ATOM   826  H HB   . ILE A 1 9 ? 2.183   4.868  -2.229 1.00 0.00 ?  10  ILE A HB   5  
ATOM   827  H HG12 . ILE A 1 9 ? 0.820   2.712  -2.949 1.00 0.00 ?  10  ILE A HG12 5  
ATOM   828  H HG13 . ILE A 1 9 ? 0.789   4.159  -3.943 1.00 0.00 ?  10  ILE A HG13 5  
ATOM   829  H HG21 . ILE A 1 9 ? 4.503   4.834  -3.009 1.00 0.00 ?  10  ILE A HG21 5  
ATOM   830  H HG22 . ILE A 1 9 ? 3.403   5.067  -4.367 1.00 0.00 ?  10  ILE A HG22 5  
ATOM   831  H HG23 . ILE A 1 9 ? 4.138   3.489  -4.090 1.00 0.00 ?  10  ILE A HG23 5  
ATOM   832  H HD11 . ILE A 1 9 ? 1.961   3.184  -5.641 1.00 0.00 ?  10  ILE A HD11 5  
ATOM   833  H HD12 . ILE A 1 9 ? 1.368   1.690  -4.919 1.00 0.00 ?  10  ILE A HD12 5  
ATOM   834  H HD13 . ILE A 1 9 ? 2.991   2.265  -4.546 1.00 0.00 ?  10  ILE A HD13 5  
HETATM 835  C CA   . IG8 B 2 . ? -2.311  4.513  3.130  1.00 0.00 ?  101 IG8 A CA   5  
HETATM 836  C C    . IG8 B 2 . ? -2.795  3.147  2.628  1.00 0.00 ?  101 IG8 A C    5  
HETATM 837  O O    . IG8 B 2 . ? -2.282  2.608  1.668  1.00 0.00 ?  101 IG8 A O    5  
HETATM 838  C CB   . IG8 B 2 . ? -1.566  5.250  2.012  1.00 0.00 ?  101 IG8 A CB   5  
HETATM 839  C CG2  . IG8 B 2 . ? -2.406  6.433  1.522  1.00 0.00 ?  101 IG8 A CG2  5  
HETATM 840  O OG1  . IG8 B 2 . ? -0.323  5.727  2.509  1.00 0.00 ?  101 IG8 A OG1  5  
HETATM 841  C CD   . IG8 B 2 . ? -3.714  5.919  0.909  1.00 0.00 ?  101 IG8 A CD   5  
HETATM 842  C CE   . IG8 B 2 . ? -4.895  6.352  1.783  1.00 0.00 ?  101 IG8 A CE   5  
HETATM 843  C CZ   . IG8 B 2 . ? -6.195  6.216  0.988  1.00 0.00 ?  101 IG8 A CZ   5  
HETATM 844  C CH   . IG8 B 2 . ? -7.361  5.982  1.951  1.00 0.00 ?  101 IG8 A CH   5  
HETATM 845  C CI   . IG8 B 2 . ? -9.853  5.851  1.828  1.00 0.00 ?  101 IG8 A CI   5  
HETATM 846  C CT   . IG8 B 2 . ? -8.622  6.651  1.400  1.00 0.00 ?  101 IG8 A CT   5  
HETATM 847  H HA1  . IG8 B 2 . ? -1.644  4.370  3.969  1.00 0.00 ?  101 IG8 A HA1  5  
HETATM 848  H HA2  . IG8 B 2 . ? -3.161  5.101  3.445  1.00 0.00 ?  101 IG8 A HA2  5  
HETATM 849  H HB   . IG8 B 2 . ? -1.388  4.577  1.188  1.00 0.00 ?  101 IG8 A HB   5  
HETATM 850  H HG21 . IG8 B 2 . ? -1.853  6.981  0.774  1.00 0.00 ?  101 IG8 A HG21 5  
HETATM 851  H HG22 . IG8 B 2 . ? -2.627  7.084  2.355  1.00 0.00 ?  101 IG8 A HG22 5  
HETATM 852  H HG1  . IG8 B 2 . ? 0.370   5.410  1.926  1.00 0.00 ?  101 IG8 A HG1  5  
HETATM 853  H HD1  . IG8 B 2 . ? -3.688  4.841  0.853  1.00 0.00 ?  101 IG8 A HD1  5  
HETATM 854  H HD2  . IG8 B 2 . ? -3.831  6.330  -0.083 1.00 0.00 ?  101 IG8 A HD2  5  
HETATM 855  H HE1  . IG8 B 2 . ? -4.763  7.381  2.081  1.00 0.00 ?  101 IG8 A HE1  5  
HETATM 856  H HE2  . IG8 B 2 . ? -4.941  5.724  2.660  1.00 0.00 ?  101 IG8 A HE2  5  
HETATM 857  H HZ1  . IG8 B 2 . ? -6.117  5.379  0.309  1.00 0.00 ?  101 IG8 A HZ1  5  
HETATM 858  H HZ2  . IG8 B 2 . ? -6.368  7.122  0.424  1.00 0.00 ?  101 IG8 A HZ2  5  
HETATM 859  H HH1  . IG8 B 2 . ? -7.122  6.406  2.914  1.00 0.00 ?  101 IG8 A HH1  5  
HETATM 860  H HH2  . IG8 B 2 . ? -7.532  4.920  2.056  1.00 0.00 ?  101 IG8 A HH2  5  
HETATM 861  H HI2  . IG8 B 2 . ? -9.636  5.317  2.741  1.00 0.00 ?  101 IG8 A HI2  5  
HETATM 862  H HI3  . IG8 B 2 . ? -10.111 5.145  1.052  1.00 0.00 ?  101 IG8 A HI3  5  
HETATM 863  H HI1  . IG8 B 2 . ? -10.681 6.524  1.992  1.00 0.00 ?  101 IG8 A HI1  5  
HETATM 864  H HT1  . IG8 B 2 . ? -8.571  6.681  0.322  1.00 0.00 ?  101 IG8 A HT1  5  
HETATM 865  H HT2  . IG8 B 2 . ? -8.693  7.657  1.786  1.00 0.00 ?  101 IG8 A HT2  5  
ATOM   866  N N    . LEU A 1 1 ? -3.800  2.693  3.235  1.00 0.00 ?  2   LEU A N    6  
ATOM   867  C CA   . LEU A 1 1 ? -4.338  1.422  2.772  1.00 0.00 ?  2   LEU A CA   6  
ATOM   868  C C    . LEU A 1 1 ? -3.252  0.338  2.851  1.00 0.00 ?  2   LEU A C    6  
ATOM   869  O O    . LEU A 1 1 ? -2.959  -0.333 1.881  1.00 0.00 ?  2   LEU A O    6  
ATOM   870  C CB   . LEU A 1 1 ? -4.821  1.568  1.318  1.00 0.00 ?  2   LEU A CB   6  
ATOM   871  C CG   . LEU A 1 1 ? -6.266  2.091  1.283  1.00 0.00 ?  2   LEU A CG   6  
ATOM   872  C CD1  . LEU A 1 1 ? -6.748  2.136  -0.168 1.00 0.00 ?  2   LEU A CD1  6  
ATOM   873  C CD2  . LEU A 1 1 ? -7.179  1.161  2.088  1.00 0.00 ?  2   LEU A CD2  6  
ATOM   874  H H1   . LEU A 1 1 ? -4.260  3.186  3.947  1.00 0.00 ?  2   LEU A H1   6  
ATOM   875  H HA   . LEU A 1 1 ? -5.167  1.135  3.405  1.00 0.00 ?  2   LEU A HA   6  
ATOM   876  H HB2  . LEU A 1 1 ? -4.178  2.279  0.800  1.00 0.00 ?  2   LEU A HB2  6  
ATOM   877  H HB3  . LEU A 1 1 ? -4.779  0.596  0.821  1.00 0.00 ?  2   LEU A HB3  6  
ATOM   878  H HG   . LEU A 1 1 ? -6.302  3.087  1.702  1.00 0.00 ?  2   LEU A HG   6  
ATOM   879  H HD11 . LEU A 1 1 ? -6.614  1.166  -0.622 1.00 0.00 ?  2   LEU A HD11 6  
ATOM   880  H HD12 . LEU A 1 1 ? -6.177  2.871  -0.715 1.00 0.00 ?  2   LEU A HD12 6  
ATOM   881  H HD13 . LEU A 1 1 ? -7.795  2.403  -0.192 1.00 0.00 ?  2   LEU A HD13 6  
ATOM   882  H HD21 . LEU A 1 1 ? -8.162  1.145  1.640  1.00 0.00 ?  2   LEU A HD21 6  
ATOM   883  H HD22 . LEU A 1 1 ? -7.253  1.520  3.105  1.00 0.00 ?  2   LEU A HD22 6  
ATOM   884  H HD23 . LEU A 1 1 ? -6.767  0.163  2.087  1.00 0.00 ?  2   LEU A HD23 6  
HETATM 885  N N    . DGL A 1 2 ? -2.668  0.158  4.007  1.00 0.00 ?  3   DGL A N    6  
HETATM 886  C CA   . DGL A 1 2 ? -1.638  -0.859 4.174  1.00 0.00 ?  3   DGL A CA   6  
HETATM 887  C C    . DGL A 1 2 ? -0.544  -0.718 3.104  1.00 0.00 ?  3   DGL A C    6  
HETATM 888  O O    . DGL A 1 2 ? -0.106  -1.697 2.530  1.00 0.00 ?  3   DGL A O    6  
HETATM 889  C CB   . DGL A 1 2 ? -1.010  -0.716 5.561  1.00 0.00 ?  3   DGL A CB   6  
HETATM 890  C CG   . DGL A 1 2 ? -2.071  -0.976 6.632  1.00 0.00 ?  3   DGL A CG   6  
HETATM 891  C CD   . DGL A 1 2 ? -1.797  -0.089 7.848  1.00 0.00 ?  3   DGL A CD   6  
HETATM 892  O OE1  . DGL A 1 2 ? -2.754  0.351  8.463  1.00 0.00 -1 3   DGL A OE1  6  
HETATM 893  O OE2  . DGL A 1 2 ? -0.634  0.136  8.143  1.00 0.00 ?  3   DGL A OE2  6  
HETATM 894  H H    . DGL A 1 2 ? -2.937  0.706  4.776  1.00 0.00 ?  3   DGL A H    6  
HETATM 895  H HA   . DGL A 1 2 ? -2.090  -1.835 4.093  1.00 0.00 ?  3   DGL A HA   6  
HETATM 896  H HB2  . DGL A 1 2 ? -0.206  -1.431 5.667  1.00 0.00 ?  3   DGL A HB2  6  
HETATM 897  H HB3  . DGL A 1 2 ? -0.620  0.285  5.678  1.00 0.00 ?  3   DGL A HB3  6  
HETATM 898  H HG2  . DGL A 1 2 ? -3.048  -0.749 6.233  1.00 0.00 ?  3   DGL A HG2  6  
HETATM 899  H HG3  . DGL A 1 2 ? -2.035  -2.013 6.931  1.00 0.00 ?  3   DGL A HG3  6  
HETATM 900  N N    . 2TL A 1 3 ? -0.089  0.481  2.836  1.00 0.00 ?  4   2TL A N    6  
HETATM 901  C CA   . 2TL A 1 3 ? 0.959   0.651  1.835  1.00 0.00 ?  4   2TL A CA   6  
HETATM 902  C CB   . 2TL A 1 3 ? 1.451   2.108  1.812  1.00 0.00 ?  4   2TL A CB   6  
HETATM 903  O OG1  . 2TL A 1 3 ? 2.379   2.268  0.747  1.00 0.00 ?  4   2TL A OG1  6  
HETATM 904  C CG2  . 2TL A 1 3 ? 2.146   2.447  3.135  1.00 0.00 ?  4   2TL A CG2  6  
HETATM 905  C C    . 2TL A 1 3 ? 0.412   0.276  0.454  1.00 0.00 ?  4   2TL A C    6  
HETATM 906  O O    . 2TL A 1 3 ? 1.064   -0.400 -0.317 1.00 0.00 ?  4   2TL A O    6  
HETATM 907  H H    . 2TL A 1 3 ? -0.450  1.258  3.312  1.00 0.00 ?  4   2TL A H    6  
HETATM 908  H HA   . 2TL A 1 3 ? 1.791   -0.004 2.075  1.00 0.00 ?  4   2TL A HA   6  
HETATM 909  H HB   . 2TL A 1 3 ? 0.615   2.781  1.663  1.00 0.00 ?  4   2TL A HB   6  
HETATM 910  H HG21 . 2TL A 1 3 ? 2.289   1.544  3.712  1.00 0.00 ?  4   2TL A HG21 6  
HETATM 911  H HG22 . 2TL A 1 3 ? 1.538   3.142  3.696  1.00 0.00 ?  4   2TL A HG22 6  
HETATM 912  H HG23 . 2TL A 1 3 ? 3.106   2.897  2.929  1.00 0.00 ?  4   2TL A HG23 6  
HETATM 913  N N    . DVA A 1 4 ? -0.780  0.709  0.137  1.00 0.00 ?  5   DVA A N    6  
HETATM 914  C CA   . DVA A 1 4 ? -1.353  0.384  -1.157 1.00 0.00 ?  5   DVA A CA   6  
HETATM 915  C CB   . DVA A 1 4 ? -2.672  1.141  -1.339 1.00 0.00 ?  5   DVA A CB   6  
HETATM 916  C CG1  . DVA A 1 4 ? -2.413  2.649  -1.257 1.00 0.00 ?  5   DVA A CG1  6  
HETATM 917  C CG2  . DVA A 1 4 ? -3.271  0.805  -2.708 1.00 0.00 ?  5   DVA A CG2  6  
HETATM 918  C C    . DVA A 1 4 ? -1.608  -1.126 -1.239 1.00 0.00 ?  5   DVA A C    6  
HETATM 919  O O    . DVA A 1 4 ? -1.667  -1.696 -2.310 1.00 0.00 ?  5   DVA A O    6  
HETATM 920  H H    . DVA A 1 4 ? -1.287  1.250  0.776  1.00 0.00 ?  5   DVA A H    6  
HETATM 921  H HA   . DVA A 1 4 ? -0.665  0.675  -1.937 1.00 0.00 ?  5   DVA A HA   6  
HETATM 922  H HB   . DVA A 1 4 ? -3.362  0.852  -0.561 1.00 0.00 ?  5   DVA A HB   6  
HETATM 923  H HG11 . DVA A 1 4 ? -2.678  3.006  -0.275 1.00 0.00 ?  5   DVA A HG11 6  
HETATM 924  H HG12 . DVA A 1 4 ? -3.011  3.158  -1.999 1.00 0.00 ?  5   DVA A HG12 6  
HETATM 925  H HG13 . DVA A 1 4 ? -1.367  2.845  -1.441 1.00 0.00 ?  5   DVA A HG13 6  
HETATM 926  H HG21 . DVA A 1 4 ? -2.478  0.564  -3.400 1.00 0.00 ?  5   DVA A HG21 6  
HETATM 927  H HG22 . DVA A 1 4 ? -3.824  1.656  -3.077 1.00 0.00 ?  5   DVA A HG22 6  
HETATM 928  H HG23 . DVA A 1 4 ? -3.935  -0.041 -2.612 1.00 0.00 ?  5   DVA A HG23 6  
ATOM   929  N N    . LEU A 1 5 ? -1.757  -1.779 -0.113 1.00 0.00 ?  6   LEU A N    6  
ATOM   930  C CA   . LEU A 1 5 ? -1.999  -3.214 -0.121 1.00 0.00 ?  6   LEU A CA   6  
ATOM   931  C C    . LEU A 1 5 ? -0.828  -3.926 -0.808 1.00 0.00 ?  6   LEU A C    6  
ATOM   932  O O    . LEU A 1 5 ? -0.992  -4.967 -1.413 1.00 0.00 ?  6   LEU A O    6  
ATOM   933  C CB   . LEU A 1 5 ? -3.301  -3.518 -0.881 1.00 0.00 ?  6   LEU A CB   6  
ATOM   934  C CG   . LEU A 1 5 ? -4.467  -3.653 0.106  1.00 0.00 ?  6   LEU A CG   6  
ATOM   935  C CD1  . LEU A 1 5 ? -5.750  -3.965 -0.666 1.00 0.00 ?  6   LEU A CD1  6  
ATOM   936  C CD2  . LEU A 1 5 ? -4.183  -4.791 1.091  1.00 0.00 ?  6   LEU A CD2  6  
ATOM   937  H H    . LEU A 1 5 ? -1.704  -1.299 0.740  1.00 0.00 ?  6   LEU A H    6  
ATOM   938  H HA   . LEU A 1 5 ? -2.082  -3.567 0.898  1.00 0.00 ?  6   LEU A HA   6  
ATOM   939  H HB2  . LEU A 1 5 ? -3.512  -2.698 -1.570 1.00 0.00 ?  6   LEU A HB2  6  
ATOM   940  H HB3  . LEU A 1 5 ? -3.189  -4.453 -1.436 1.00 0.00 ?  6   LEU A HB3  6  
ATOM   941  H HG   . LEU A 1 5 ? -4.593  -2.726 0.648  1.00 0.00 ?  6   LEU A HG   6  
ATOM   942  H HD11 . LEU A 1 5 ? -6.399  -4.576 -0.054 1.00 0.00 ?  6   LEU A HD11 6  
ATOM   943  H HD12 . LEU A 1 5 ? -5.504  -4.498 -1.573 1.00 0.00 ?  6   LEU A HD12 6  
ATOM   944  H HD13 . LEU A 1 5 ? -6.254  -3.042 -0.915 1.00 0.00 ?  6   LEU A HD13 6  
ATOM   945  H HD21 . LEU A 1 5 ? -5.112  -5.258 1.382  1.00 0.00 ?  6   LEU A HD21 6  
ATOM   946  H HD22 . LEU A 1 5 ? -3.690  -4.394 1.966  1.00 0.00 ?  6   LEU A HD22 6  
ATOM   947  H HD23 . LEU A 1 5 ? -3.544  -5.523 0.620  1.00 0.00 ?  6   LEU A HD23 6  
HETATM 948  N N    . DSN A 1 6 ? 0.353   -3.373 -0.711 1.00 0.00 ?  7   DSN A N    6  
HETATM 949  C CA   . DSN A 1 6 ? 1.507   -4.000 -1.333 1.00 0.00 ?  7   DSN A CA   6  
HETATM 950  C C    . DSN A 1 6 ? 1.696   -3.462 -2.757 1.00 0.00 ?  7   DSN A C    6  
HETATM 951  O O    . DSN A 1 6 ? 2.327   -4.092 -3.583 1.00 0.00 ?  7   DSN A O    6  
HETATM 952  C CB   . DSN A 1 6 ? 2.757   -3.695 -0.505 1.00 0.00 ?  7   DSN A CB   6  
HETATM 953  O OG   . DSN A 1 6 ? 2.944   -2.289 -0.433 1.00 0.00 ?  7   DSN A OG   6  
HETATM 954  H H    . DSN A 1 6 ? 0.460   -2.537 -0.212 1.00 0.00 ?  7   DSN A H    6  
HETATM 955  H HA   . DSN A 1 6 ? 1.358   -5.068 -1.371 1.00 0.00 ?  7   DSN A HA   6  
HETATM 956  H HB2  . DSN A 1 6 ? 3.622   -4.150 -0.977 1.00 0.00 ?  7   DSN A HB2  6  
HETATM 957  H HB3  . DSN A 1 6 ? 2.633   -4.095 0.495  1.00 0.00 ?  7   DSN A HB3  6  
HETATM 958  H HG   . DSN A 1 6 ? 2.783   -2.015 0.473  1.00 0.00 ?  7   DSN A HG   6  
ATOM   959  N N    . LEU A 1 7 ? 1.159   -2.306 -3.051 1.00 0.00 ?  8   LEU A N    6  
ATOM   960  C CA   . LEU A 1 7 ? 1.312   -1.753 -4.387 1.00 0.00 ?  8   LEU A CA   6  
ATOM   961  C C    . LEU A 1 7 ? 2.629   -0.969 -4.482 1.00 0.00 ?  8   LEU A C    6  
ATOM   962  O O    . LEU A 1 7 ? 3.036   -0.560 -5.553 1.00 0.00 ?  8   LEU A O    6  
ATOM   963  C CB   . LEU A 1 7 ? 0.136   -0.818 -4.695 1.00 0.00 ?  8   LEU A CB   6  
ATOM   964  C CG   . LEU A 1 7 ? -0.759  -1.441 -5.774 1.00 0.00 ?  8   LEU A CG   6  
ATOM   965  C CD1  . LEU A 1 7 ? 0.045   -1.627 -7.063 1.00 0.00 ?  8   LEU A CD1  6  
ATOM   966  C CD2  . LEU A 1 7 ? -1.276  -2.801 -5.296 1.00 0.00 ?  8   LEU A CD2  6  
ATOM   967  H H    . LEU A 1 7 ? 0.653   -1.812 -2.373 1.00 0.00 ?  8   LEU A H    6  
ATOM   968  H HA   . LEU A 1 7 ? 1.324   -2.558 -5.107 1.00 0.00 ?  8   LEU A HA   6  
ATOM   969  H HB2  . LEU A 1 7 ? -0.442  -0.662 -3.797 1.00 0.00 ?  8   LEU A HB2  6  
ATOM   970  H HB3  . LEU A 1 7 ? 0.512   0.131  -5.048 1.00 0.00 ?  8   LEU A HB3  6  
ATOM   971  H HG   . LEU A 1 7 ? -1.595  -0.784 -5.967 1.00 0.00 ?  8   LEU A HG   6  
ATOM   972  H HD11 . LEU A 1 7 ? 0.718   -0.791 -7.192 1.00 0.00 ?  8   LEU A HD11 6  
ATOM   973  H HD12 . LEU A 1 7 ? -0.630  -1.679 -7.904 1.00 0.00 ?  8   LEU A HD12 6  
ATOM   974  H HD13 . LEU A 1 7 ? 0.616   -2.542 -7.002 1.00 0.00 ?  8   LEU A HD13 6  
ATOM   975  H HD21 . LEU A 1 7 ? -0.465  -3.514 -5.296 1.00 0.00 ?  8   LEU A HD21 6  
ATOM   976  H HD22 . LEU A 1 7 ? -2.056  -3.143 -5.959 1.00 0.00 ?  8   LEU A HD22 6  
ATOM   977  H HD23 . LEU A 1 7 ? -1.670  -2.704 -4.296 1.00 0.00 ?  8   LEU A HD23 6  
HETATM 978  N N    . DSN A 1 8 ? 3.303   -0.758 -3.377 1.00 0.00 ?  9   DSN A N    6  
HETATM 979  C CA   . DSN A 1 8 ? 4.558   -0.023 -3.417 1.00 0.00 ?  9   DSN A CA   6  
HETATM 980  C C    . DSN A 1 8 ? 4.394   1.349  -2.747 1.00 0.00 ?  9   DSN A C    6  
HETATM 981  O O    . DSN A 1 8 ? 5.317   2.139  -2.714 1.00 0.00 ?  9   DSN A O    6  
HETATM 982  C CB   . DSN A 1 8 ? 5.643   -0.820 -2.683 1.00 0.00 ?  9   DSN A CB   6  
HETATM 983  O OG   . DSN A 1 8 ? 5.564   -2.185 -3.074 1.00 0.00 ?  9   DSN A OG   6  
HETATM 984  H H    . DSN A 1 8 ? 2.961   -1.097 -2.524 1.00 0.00 ?  9   DSN A H    6  
HETATM 985  H HA   . DSN A 1 8 ? 4.853   0.118  -4.448 1.00 0.00 ?  9   DSN A HA   6  
HETATM 986  H HB2  . DSN A 1 8 ? 6.621   -0.435 -2.940 1.00 0.00 ?  9   DSN A HB2  6  
HETATM 987  H HB3  . DSN A 1 8 ? 5.490   -0.733 -1.611 1.00 0.00 ?  9   DSN A HB3  6  
HETATM 988  H HG   . DSN A 1 8 ? 5.587   -2.222 -4.033 1.00 0.00 ?  9   DSN A HG   6  
ATOM   989  N N    . ILE A 1 9 ? 3.237   1.637  -2.199 1.00 0.00 ?  10  ILE A N    6  
ATOM   990  C CA   . ILE A 1 9 ? 3.044   2.920  -1.543 1.00 0.00 ?  10  ILE A CA   6  
ATOM   991  C C    . ILE A 1 9 ? 1.967   2.786  -0.463 1.00 0.00 ?  10  ILE A C    6  
ATOM   992  O O    . ILE A 1 9 ? 0.823   3.128  -0.691 1.00 0.00 ?  10  ILE A O    6  
ATOM   993  C CB   . ILE A 1 9 ? 2.624   3.996  -2.558 1.00 0.00 ?  10  ILE A CB   6  
ATOM   994  C CG1  . ILE A 1 9 ? 1.460   3.488  -3.435 1.00 0.00 ?  10  ILE A CG1  6  
ATOM   995  C CG2  . ILE A 1 9 ? 3.824   4.383  -3.430 1.00 0.00 ?  10  ILE A CG2  6  
ATOM   996  C CD1  . ILE A 1 9 ? 1.981   2.743  -4.673 1.00 0.00 ?  10  ILE A CD1  6  
ATOM   997  H H    . ILE A 1 9 ? 2.508   0.983  -2.219 1.00 0.00 ?  10  ILE A H    6  
ATOM   998  H HA   . ILE A 1 9 ? 3.971   3.220  -1.078 1.00 0.00 ?  10  ILE A HA   6  
ATOM   999  H HB   . ILE A 1 9 ? 2.296   4.872  -2.014 1.00 0.00 ?  10  ILE A HB   6  
ATOM   1000 H HG12 . ILE A 1 9 ? 0.837   2.823  -2.856 1.00 0.00 ?  10  ILE A HG12 6  
ATOM   1001 H HG13 . ILE A 1 9 ? 0.867   4.332  -3.757 1.00 0.00 ?  10  ILE A HG13 6  
ATOM   1002 H HG21 . ILE A 1 9 ? 3.527   5.148  -4.132 1.00 0.00 ?  10  ILE A HG21 6  
ATOM   1003 H HG22 . ILE A 1 9 ? 4.176   3.517  -3.969 1.00 0.00 ?  10  ILE A HG22 6  
ATOM   1004 H HG23 . ILE A 1 9 ? 4.617   4.762  -2.801 1.00 0.00 ?  10  ILE A HG23 6  
ATOM   1005 H HD11 . ILE A 1 9 ? 2.974   2.366  -4.481 1.00 0.00 ?  10  ILE A HD11 6  
ATOM   1006 H HD12 . ILE A 1 9 ? 2.012   3.422  -5.513 1.00 0.00 ?  10  ILE A HD12 6  
ATOM   1007 H HD13 . ILE A 1 9 ? 1.321   1.920  -4.903 1.00 0.00 ?  10  ILE A HD13 6  
HETATM 1008 C CA   . IG8 B 2 . ? -2.208  4.526  3.248  1.00 0.00 ?  101 IG8 A CA   6  
HETATM 1009 C C    . IG8 B 2 . ? -2.708  3.184  2.707  1.00 0.00 ?  101 IG8 A C    6  
HETATM 1010 O O    . IG8 B 2 . ? -2.113  2.599  1.823  1.00 0.00 ?  101 IG8 A O    6  
HETATM 1011 C CB   . IG8 B 2 . ? -1.120  5.080  2.325  1.00 0.00 ?  101 IG8 A CB   6  
HETATM 1012 C CG2  . IG8 B 2 . ? -1.185  6.608  2.315  1.00 0.00 ?  101 IG8 A CG2  6  
HETATM 1013 O OG1  . IG8 B 2 . ? 0.154   4.659  2.792  1.00 0.00 ?  101 IG8 A OG1  6  
HETATM 1014 C CD   . IG8 B 2 . ? 0.099   7.172  1.703  1.00 0.00 ?  101 IG8 A CD   6  
HETATM 1015 C CE   . IG8 B 2 . ? 1.165   7.311  2.790  1.00 0.00 ?  101 IG8 A CE   6  
HETATM 1016 C CZ   . IG8 B 2 . ? 1.121   8.725  3.373  1.00 0.00 ?  101 IG8 A CZ   6  
HETATM 1017 C CH   . IG8 B 2 . ? 2.406   8.995  4.157  1.00 0.00 ?  101 IG8 A CH   6  
HETATM 1018 C CI   . IG8 B 2 . ? 3.105   9.889  6.383  1.00 0.00 ?  101 IG8 A CI   6  
HETATM 1019 C CT   . IG8 B 2 . ? 2.146   10.078 5.207  1.00 0.00 ?  101 IG8 A CT   6  
HETATM 1020 H HA1  . IG8 B 2 . ? -1.799  4.385  4.237  1.00 0.00 ?  101 IG8 A HA1  6  
HETATM 1021 H HA2  . IG8 B 2 . ? -3.031  5.225  3.295  1.00 0.00 ?  101 IG8 A HA2  6  
HETATM 1022 H HB   . IG8 B 2 . ? -1.277  4.712  1.322  1.00 0.00 ?  101 IG8 A HB   6  
HETATM 1023 H HG21 . IG8 B 2 . ? -1.287  6.971  3.328  1.00 0.00 ?  101 IG8 A HG21 6  
HETATM 1024 H HG22 . IG8 B 2 . ? -2.035  6.929  1.731  1.00 0.00 ?  101 IG8 A HG22 6  
HETATM 1025 H HG1  . IG8 B 2 . ? 0.784   4.767  2.075  1.00 0.00 ?  101 IG8 A HG1  6  
HETATM 1026 H HD1  . IG8 B 2 . ? -0.102  8.141  1.273  1.00 0.00 ?  101 IG8 A HD1  6  
HETATM 1027 H HD2  . IG8 B 2 . ? 0.454   6.502  0.933  1.00 0.00 ?  101 IG8 A HD2  6  
HETATM 1028 H HE1  . IG8 B 2 . ? 2.141   7.130  2.364  1.00 0.00 ?  101 IG8 A HE1  6  
HETATM 1029 H HE2  . IG8 B 2 . ? 0.976   6.591  3.575  1.00 0.00 ?  101 IG8 A HE2  6  
HETATM 1030 H HZ1  . IG8 B 2 . ? 0.272   8.815  4.035  1.00 0.00 ?  101 IG8 A HZ1  6  
HETATM 1031 H HZ2  . IG8 B 2 . ? 1.029   9.442  2.570  1.00 0.00 ?  101 IG8 A HZ2  6  
HETATM 1032 H HH1  . IG8 B 2 . ? 3.177   9.331  3.481  1.00 0.00 ?  101 IG8 A HH1  6  
HETATM 1033 H HH2  . IG8 B 2 . ? 2.725   8.087  4.647  1.00 0.00 ?  101 IG8 A HH2  6  
HETATM 1034 H HI2  . IG8 B 2 . ? 2.616   10.188 7.298  1.00 0.00 ?  101 IG8 A HI2  6  
HETATM 1035 H HI3  . IG8 B 2 . ? 3.985   10.497 6.231  1.00 0.00 ?  101 IG8 A HI3  6  
HETATM 1036 H HI1  . IG8 B 2 . ? 3.392   8.850  6.451  1.00 0.00 ?  101 IG8 A HI1  6  
HETATM 1037 H HT1  . IG8 B 2 . ? 1.129   10.002 5.558  1.00 0.00 ?  101 IG8 A HT1  6  
HETATM 1038 H HT2  . IG8 B 2 . ? 2.303   11.052 4.765  1.00 0.00 ?  101 IG8 A HT2  6  
ATOM   1039 N N    . LEU A 1 1 ? -3.443  3.079  3.452  1.00 0.00 ?  2   LEU A N    7  
ATOM   1040 C CA   . LEU A 1 1 ? -4.212  1.892  3.108  1.00 0.00 ?  2   LEU A CA   7  
ATOM   1041 C C    . LEU A 1 1 ? -3.266  0.694  2.954  1.00 0.00 ?  2   LEU A C    7  
ATOM   1042 O O    . LEU A 1 1 ? -3.003  0.235  1.860  1.00 0.00 ?  2   LEU A O    7  
ATOM   1043 C CB   . LEU A 1 1 ? -4.961  2.129  1.784  1.00 0.00 ?  2   LEU A CB   7  
ATOM   1044 C CG   . LEU A 1 1 ? -6.260  2.905  2.044  1.00 0.00 ?  2   LEU A CG   7  
ATOM   1045 C CD1  . LEU A 1 1 ? -7.008  3.093  0.723  1.00 0.00 ?  2   LEU A CD1  7  
ATOM   1046 C CD2  . LEU A 1 1 ? -7.147  2.124  3.018  1.00 0.00 ?  2   LEU A CD2  7  
ATOM   1047 H H1   . LEU A 1 1 ? -3.658  3.578  4.267  1.00 0.00 ?  2   LEU A H1   7  
ATOM   1048 H HA   . LEU A 1 1 ? -4.921  1.685  3.898  1.00 0.00 ?  2   LEU A HA   7  
ATOM   1049 H HB2  . LEU A 1 1 ? -4.328  2.714  1.118  1.00 0.00 ?  2   LEU A HB2  7  
ATOM   1050 H HB3  . LEU A 1 1 ? -5.202  1.168  1.320  1.00 0.00 ?  2   LEU A HB3  7  
ATOM   1051 H HG   . LEU A 1 1 ? -6.027  3.874  2.462  1.00 0.00 ?  2   LEU A HG   7  
ATOM   1052 H HD11 . LEU A 1 1 ? -6.301  3.103  -0.094 1.00 0.00 ?  2   LEU A HD11 7  
ATOM   1053 H HD12 . LEU A 1 1 ? -7.547  4.029  0.743  1.00 0.00 ?  2   LEU A HD12 7  
ATOM   1054 H HD13 . LEU A 1 1 ? -7.705  2.280  0.584  1.00 0.00 ?  2   LEU A HD13 7  
ATOM   1055 H HD21 . LEU A 1 1 ? -6.849  2.347  4.033  1.00 0.00 ?  2   LEU A HD21 7  
ATOM   1056 H HD22 . LEU A 1 1 ? -7.037  1.065  2.836  1.00 0.00 ?  2   LEU A HD22 7  
ATOM   1057 H HD23 . LEU A 1 1 ? -8.179  2.409  2.875  1.00 0.00 ?  2   LEU A HD23 7  
HETATM 1058 N N    . DGL A 1 2 ? -2.764  0.182  4.050  1.00 0.00 ?  3   DGL A N    7  
HETATM 1059 C CA   . DGL A 1 2 ? -1.863  -0.965 3.995  1.00 0.00 ?  3   DGL A CA   7  
HETATM 1060 C C    . DGL A 1 2 ? -0.764  -0.751 2.937  1.00 0.00 ?  3   DGL A C    7  
HETATM 1061 O O    . DGL A 1 2 ? -0.237  -1.700 2.390  1.00 0.00 ?  3   DGL A O    7  
HETATM 1062 C CB   . DGL A 1 2 ? -1.210  -1.168 5.365  1.00 0.00 ?  3   DGL A CB   7  
HETATM 1063 C CG   . DGL A 1 2 ? -0.431  -2.485 5.371  1.00 0.00 ?  3   DGL A CG   7  
HETATM 1064 C CD   . DGL A 1 2 ? 0.816   -2.337 6.243  1.00 0.00 ?  3   DGL A CD   7  
HETATM 1065 O OE1  . DGL A 1 2 ? 0.772   -2.768 7.383  1.00 0.00 -1 3   DGL A OE1  7  
HETATM 1066 O OE2  . DGL A 1 2 ? 1.795   -1.796 5.756  1.00 0.00 ?  3   DGL A OE2  7  
HETATM 1067 H H    . DGL A 1 2 ? -3.008  0.569  4.922  1.00 0.00 ?  3   DGL A H    7  
HETATM 1068 H HA   . DGL A 1 2 ? -2.429  -1.848 3.742  1.00 0.00 ?  3   DGL A HA   7  
HETATM 1069 H HB2  . DGL A 1 2 ? -0.535  -0.349 5.567  1.00 0.00 ?  3   DGL A HB2  7  
HETATM 1070 H HB3  . DGL A 1 2 ? -1.975  -1.202 6.128  1.00 0.00 ?  3   DGL A HB3  7  
HETATM 1071 H HG2  . DGL A 1 2 ? -1.058  -3.271 5.768  1.00 0.00 ?  3   DGL A HG2  7  
HETATM 1072 H HG3  . DGL A 1 2 ? -0.136  -2.734 4.363  1.00 0.00 ?  3   DGL A HG3  7  
HETATM 1073 N N    . 2TL A 1 3 ? -0.412  0.477  2.647  1.00 0.00 ?  4   2TL A N    7  
HETATM 1074 C CA   . 2TL A 1 3 ? 0.628   0.717  1.650  1.00 0.00 ?  4   2TL A CA   7  
HETATM 1075 C CB   . 2TL A 1 3 ? 0.960   2.217  1.569  1.00 0.00 ?  4   2TL A CB   7  
HETATM 1076 O OG1  . 2TL A 1 3 ? 1.840   2.436  0.476  1.00 0.00 ?  4   2TL A OG1  7  
HETATM 1077 C CG2  . 2TL A 1 3 ? 1.638   2.675  2.865  1.00 0.00 ?  4   2TL A CG2  7  
HETATM 1078 C C    . 2TL A 1 3 ? 0.142   0.236  0.281  1.00 0.00 ?  4   2TL A C    7  
HETATM 1079 O O    . 2TL A 1 3 ? 0.915   -0.245 -0.526 1.00 0.00 ?  4   2TL A O    7  
HETATM 1080 H H    . 2TL A 1 3 ? -0.846  1.230  3.097  1.00 0.00 ?  4   2TL A H    7  
HETATM 1081 H HA   . 2TL A 1 3 ? 1.522   0.165  1.924  1.00 0.00 ?  4   2TL A HA   7  
HETATM 1082 H HB   . 2TL A 1 3 ? 0.054   2.792  1.416  1.00 0.00 ?  4   2TL A HB   7  
HETATM 1083 H HG21 . 2TL A 1 3 ? 1.869   1.815  3.477  1.00 0.00 ?  4   2TL A HG21 7  
HETATM 1084 H HG22 . 2TL A 1 3 ? 0.977   3.335  3.406  1.00 0.00 ?  4   2TL A HG22 7  
HETATM 1085 H HG23 . 2TL A 1 3 ? 2.551   3.199  2.626  1.00 0.00 ?  4   2TL A HG23 7  
HETATM 1086 N N    . DVA A 1 4 ? -1.130  0.361  0.012  1.00 0.00 ?  5   DVA A N    7  
HETATM 1087 C CA   . DVA A 1 4 ? -1.650  -0.076 -1.272 1.00 0.00 ?  5   DVA A CA   7  
HETATM 1088 C CB   . DVA A 1 4 ? -3.094  0.405  -1.431 1.00 0.00 ?  5   DVA A CB   7  
HETATM 1089 C CG1  . DVA A 1 4 ? -3.138  1.931  -1.325 1.00 0.00 ?  5   DVA A CG1  7  
HETATM 1090 C CG2  . DVA A 1 4 ? -3.629  -0.022 -2.801 1.00 0.00 ?  5   DVA A CG2  7  
HETATM 1091 C C    . DVA A 1 4 ? -1.606  -1.606 -1.342 1.00 0.00 ?  5   DVA A C    7  
HETATM 1092 O O    . DVA A 1 4 ? -1.384  -2.180 -2.388 1.00 0.00 ?  5   DVA A O    7  
HETATM 1093 H H    . DVA A 1 4 ? -1.734  0.751  0.677  1.00 0.00 ?  5   DVA A H    7  
HETATM 1094 H HA   . DVA A 1 4 ? -1.045  0.338  -2.065 1.00 0.00 ?  5   DVA A HA   7  
HETATM 1095 H HB   . DVA A 1 4 ? -3.706  -0.027 -0.653 1.00 0.00 ?  5   DVA A HB   7  
HETATM 1096 H HG11 . DVA A 1 4 ? -2.336  2.356  -1.910 1.00 0.00 ?  5   DVA A HG11 7  
HETATM 1097 H HG12 . DVA A 1 4 ? -3.023  2.223  -0.292 1.00 0.00 ?  5   DVA A HG12 7  
HETATM 1098 H HG13 . DVA A 1 4 ? -4.085  2.290  -1.698 1.00 0.00 ?  5   DVA A HG13 7  
HETATM 1099 H HG21 . DVA A 1 4 ? -3.124  0.538  -3.576 1.00 0.00 ?  5   DVA A HG21 7  
HETATM 1100 H HG22 . DVA A 1 4 ? -4.690  0.173  -2.850 1.00 0.00 ?  5   DVA A HG22 7  
HETATM 1101 H HG23 . DVA A 1 4 ? -3.450  -1.077 -2.945 1.00 0.00 ?  5   DVA A HG23 7  
ATOM   1102 N N    . LEU A 1 5 ? -1.817  -2.267 -0.234 1.00 0.00 ?  6   LEU A N    7  
ATOM   1103 C CA   . LEU A 1 5 ? -1.792  -3.722 -0.225 1.00 0.00 ?  6   LEU A CA   7  
ATOM   1104 C C    . LEU A 1 5 ? -0.415  -4.223 -0.681 1.00 0.00 ?  6   LEU A C    7  
ATOM   1105 O O    . LEU A 1 5 ? -0.275  -5.342 -1.136 1.00 0.00 ?  6   LEU A O    7  
ATOM   1106 C CB   . LEU A 1 5 ? -2.873  -4.265 -1.175 1.00 0.00 ?  6   LEU A CB   7  
ATOM   1107 C CG   . LEU A 1 5 ? -4.146  -4.599 -0.386 1.00 0.00 ?  6   LEU A CG   7  
ATOM   1108 C CD1  . LEU A 1 5 ? -5.206  -5.149 -1.344 1.00 0.00 ?  6   LEU A CD1  7  
ATOM   1109 C CD2  . LEU A 1 5 ? -3.834  -5.654 0.678  1.00 0.00 ?  6   LEU A CD2  7  
ATOM   1110 H H    . LEU A 1 5 ? -1.995  -1.779 0.597  1.00 0.00 ?  6   LEU A H    7  
ATOM   1111 H HA   . LEU A 1 5 ? -1.981  -4.075 0.779  1.00 0.00 ?  6   LEU A HA   7  
ATOM   1112 H HB2  . LEU A 1 5 ? -3.107  -3.505 -1.921 1.00 0.00 ?  6   LEU A HB2  7  
ATOM   1113 H HB3  . LEU A 1 5 ? -2.506  -5.171 -1.666 1.00 0.00 ?  6   LEU A HB3  7  
ATOM   1114 H HG   . LEU A 1 5 ? -4.524  -3.704 0.088  1.00 0.00 ?  6   LEU A HG   7  
ATOM   1115 H HD11 . LEU A 1 5 ? -6.069  -5.470 -0.780 1.00 0.00 ?  6   LEU A HD11 7  
ATOM   1116 H HD12 . LEU A 1 5 ? -4.798  -5.988 -1.888 1.00 0.00 ?  6   LEU A HD12 7  
ATOM   1117 H HD13 . LEU A 1 5 ? -5.497  -4.376 -2.039 1.00 0.00 ?  6   LEU A HD13 7  
ATOM   1118 H HD21 . LEU A 1 5 ? -3.549  -5.165 1.598  1.00 0.00 ?  6   LEU A HD21 7  
ATOM   1119 H HD22 . LEU A 1 5 ? -3.022  -6.280 0.338  1.00 0.00 ?  6   LEU A HD22 7  
ATOM   1120 H HD23 . LEU A 1 5 ? -4.710  -6.263 0.851  1.00 0.00 ?  6   LEU A HD23 7  
HETATM 1121 N N    . DSN A 1 6 ? 0.601   -3.409 -0.556 1.00 0.00 ?  7   DSN A N    7  
HETATM 1122 C CA   . DSN A 1 6 ? 1.932   -3.837 -0.963 1.00 0.00 ?  7   DSN A CA   7  
HETATM 1123 C C    . DSN A 1 6 ? 2.190   -3.446 -2.423 1.00 0.00 ?  7   DSN A C    7  
HETATM 1124 O O    . DSN A 1 6 ? 2.996   -4.055 -3.101 1.00 0.00 ?  7   DSN A O    7  
HETATM 1125 C CB   . DSN A 1 6 ? 2.985   -3.178 -0.067 1.00 0.00 ?  7   DSN A CB   7  
HETATM 1126 O OG   . DSN A 1 6 ? 4.273   -3.655 -0.428 1.00 0.00 ?  7   DSN A OG   7  
HETATM 1127 H H    . DSN A 1 6 ? 0.467   -2.515 -0.179 1.00 0.00 ?  7   DSN A H    7  
HETATM 1128 H HA   . DSN A 1 6 ? 2.007   -4.910 -0.864 1.00 0.00 ?  7   DSN A HA   7  
HETATM 1129 H HB2  . DSN A 1 6 ? 2.786   -3.429 0.969  1.00 0.00 ?  7   DSN A HB2  7  
HETATM 1130 H HB3  . DSN A 1 6 ? 2.951   -2.102 -0.199 1.00 0.00 ?  7   DSN A HB3  7  
HETATM 1131 H HG   . DSN A 1 6 ? 4.587   -4.225 0.278  1.00 0.00 ?  7   DSN A HG   7  
ATOM   1132 N N    . LEU A 1 7 ? 1.521   -2.435 -2.914 1.00 0.00 ?  8   LEU A N    7  
ATOM   1133 C CA   . LEU A 1 7 ? 1.734   -2.021 -4.291 1.00 0.00 ?  8   LEU A CA   7  
ATOM   1134 C C    . LEU A 1 7 ? 2.894   -1.019 -4.361 1.00 0.00 ?  8   LEU A C    7  
ATOM   1135 O O    . LEU A 1 7 ? 3.294   -0.600 -5.430 1.00 0.00 ?  8   LEU A O    7  
ATOM   1136 C CB   . LEU A 1 7 ? 0.462   -1.363 -4.831 1.00 0.00 ?  8   LEU A CB   7  
ATOM   1137 C CG   . LEU A 1 7 ? -0.632  -2.419 -5.013 1.00 0.00 ?  8   LEU A CG   7  
ATOM   1138 C CD1  . LEU A 1 7 ? -1.998  -1.734 -5.022 1.00 0.00 ?  8   LEU A CD1  7  
ATOM   1139 C CD2  . LEU A 1 7 ? -0.419  -3.148 -6.342 1.00 0.00 ?  8   LEU A CD2  7  
ATOM   1140 H H    . LEU A 1 7 ? 0.878   -1.954 -2.354 1.00 0.00 ?  8   LEU A H    7  
ATOM   1141 H HA   . LEU A 1 7 ? 1.974   -2.885 -4.895 1.00 0.00 ?  8   LEU A HA   7  
ATOM   1142 H HB2  . LEU A 1 7 ? 0.121   -0.611 -4.133 1.00 0.00 ?  8   LEU A HB2  7  
ATOM   1143 H HB3  . LEU A 1 7 ? 0.674   -0.898 -5.783 1.00 0.00 ?  8   LEU A HB3  7  
ATOM   1144 H HG   . LEU A 1 7 ? -0.592  -3.128 -4.200 1.00 0.00 ?  8   LEU A HG   7  
ATOM   1145 H HD11 . LEU A 1 7 ? -1.942  -0.816 -4.455 1.00 0.00 ?  8   LEU A HD11 7  
ATOM   1146 H HD12 . LEU A 1 7 ? -2.732  -2.389 -4.576 1.00 0.00 ?  8   LEU A HD12 7  
ATOM   1147 H HD13 . LEU A 1 7 ? -2.283  -1.512 -6.039 1.00 0.00 ?  8   LEU A HD13 7  
ATOM   1148 H HD21 . LEU A 1 7 ? 0.545   -3.634 -6.336 1.00 0.00 ?  8   LEU A HD21 7  
ATOM   1149 H HD22 . LEU A 1 7 ? -0.458  -2.435 -7.154 1.00 0.00 ?  8   LEU A HD22 7  
ATOM   1150 H HD23 . LEU A 1 7 ? -1.195  -3.887 -6.475 1.00 0.00 ?  8   LEU A HD23 7  
HETATM 1151 N N    . DSN A 1 8 ? 3.439   -0.634 -3.235 1.00 0.00 ?  9   DSN A N    7  
HETATM 1152 C CA   . DSN A 1 8 ? 4.544   0.309  -3.243 1.00 0.00 ?  9   DSN A CA   7  
HETATM 1153 C C    . DSN A 1 8 ? 4.054   1.703  -2.829 1.00 0.00 ?  9   DSN A C    7  
HETATM 1154 O O    . DSN A 1 8 ? 4.749   2.686  -3.003 1.00 0.00 ?  9   DSN A O    7  
HETATM 1155 C CB   . DSN A 1 8 ? 5.619   -0.161 -2.263 1.00 0.00 ?  9   DSN A CB   7  
HETATM 1156 O OG   . DSN A 1 8 ? 5.042   -0.311 -0.973 1.00 0.00 ?  9   DSN A OG   7  
HETATM 1157 H H    . DSN A 1 8 ? 3.105   -0.988 -2.384 1.00 0.00 ?  9   DSN A H    7  
HETATM 1158 H HA   . DSN A 1 8 ? 4.966   0.358  -4.235 1.00 0.00 ?  9   DSN A HA   7  
HETATM 1159 H HB2  . DSN A 1 8 ? 6.014   -1.114 -2.588 1.00 0.00 ?  9   DSN A HB2  7  
HETATM 1160 H HB3  . DSN A 1 8 ? 6.420   0.573  -2.229 1.00 0.00 ?  9   DSN A HB3  7  
HETATM 1161 H HG   . DSN A 1 8 ? 5.525   0.254  -0.365 1.00 0.00 ?  9   DSN A HG   7  
ATOM   1162 N N    . ILE A 1 9 ? 2.873   1.799  -2.271 1.00 0.00 ?  10  ILE A N    7  
ATOM   1163 C CA   . ILE A 1 9 ? 2.367   3.096  -1.849 1.00 0.00 ?  10  ILE A CA   7  
ATOM   1164 C C    . ILE A 1 9 ? 1.345   2.894  -0.728 1.00 0.00 ?  10  ILE A C    7  
ATOM   1165 O O    . ILE A 1 9 ? 0.168   3.130  -0.920 1.00 0.00 ?  10  ILE A O    7  
ATOM   1166 C CB   . ILE A 1 9 ? 1.701   3.827  -3.026 1.00 0.00 ?  10  ILE A CB   7  
ATOM   1167 C CG1  . ILE A 1 9 ? 0.664   2.907  -3.706 1.00 0.00 ?  10  ILE A CG1  7  
ATOM   1168 C CG2  . ILE A 1 9 ? 2.768   4.278  -4.032 1.00 0.00 ?  10  ILE A CG2  7  
ATOM   1169 C CD1  . ILE A 1 9 ? 1.308   2.072  -4.821 1.00 0.00 ?  10  ILE A CD1  7  
ATOM   1170 H H    . ILE A 1 9 ? 2.333   0.995  -2.124 1.00 0.00 ?  10  ILE A H    7  
ATOM   1171 H HA   . ILE A 1 9 ? 3.187   3.693  -1.479 1.00 0.00 ?  10  ILE A HA   7  
ATOM   1172 H HB   . ILE A 1 9 ? 1.195   4.703  -2.644 1.00 0.00 ?  10  ILE A HB   7  
ATOM   1173 H HG12 . ILE A 1 9 ? 0.237   2.247  -2.967 1.00 0.00 ?  10  ILE A HG12 7  
ATOM   1174 H HG13 . ILE A 1 9 ? -0.121  3.516  -4.130 1.00 0.00 ?  10  ILE A HG13 7  
ATOM   1175 H HG21 . ILE A 1 9 ? 3.271   3.415  -4.439 1.00 0.00 ?  10  ILE A HG21 7  
ATOM   1176 H HG22 . ILE A 1 9 ? 3.485   4.913  -3.534 1.00 0.00 ?  10  ILE A HG22 7  
ATOM   1177 H HG23 . ILE A 1 9 ? 2.295   4.828  -4.833 1.00 0.00 ?  10  ILE A HG23 7  
ATOM   1178 H HD11 . ILE A 1 9 ? 2.362   1.952  -4.625 1.00 0.00 ?  10  ILE A HD11 7  
ATOM   1179 H HD12 . ILE A 1 9 ? 1.174   2.574  -5.767 1.00 0.00 ?  10  ILE A HD12 7  
ATOM   1180 H HD13 . ILE A 1 9 ? 0.836   1.100  -4.861 1.00 0.00 ?  10  ILE A HD13 7  
HETATM 1181 C CA   . IG8 B 2 . ? -1.705  4.740  3.107  1.00 0.00 ?  101 IG8 A CA   7  
HETATM 1182 C C    . IG8 B 2 . ? -2.467  3.483  2.680  1.00 0.00 ?  101 IG8 A C    7  
HETATM 1183 O O    . IG8 B 2 . ? -2.174  2.887  1.663  1.00 0.00 ?  101 IG8 A O    7  
HETATM 1184 C CB   . IG8 B 2 . ? -1.003  5.356  1.891  1.00 0.00 ?  101 IG8 A CB   7  
HETATM 1185 C CG2  . IG8 B 2 . ? -1.382  6.834  1.771  1.00 0.00 ?  101 IG8 A CG2  7  
HETATM 1186 O OG1  . IG8 B 2 . ? 0.404   5.239  2.049  1.00 0.00 ?  101 IG8 A OG1  7  
HETATM 1187 C CD   . IG8 B 2 . ? -0.782  7.613  2.943  1.00 0.00 ?  101 IG8 A CD   7  
HETATM 1188 C CE   . IG8 B 2 . ? -0.737  9.102  2.597  1.00 0.00 ?  101 IG8 A CE   7  
HETATM 1189 C CZ   . IG8 B 2 . ? 0.166   9.831  3.593  1.00 0.00 ?  101 IG8 A CZ   7  
HETATM 1190 C CH   . IG8 B 2 . ? 0.423   11.257 3.100  1.00 0.00 ?  101 IG8 A CH   7  
HETATM 1191 C CI   . IG8 B 2 . ? 0.143   12.649 5.156  1.00 0.00 ?  101 IG8 A CI   7  
HETATM 1192 C CT   . IG8 B 2 . ? 1.159   12.047 4.185  1.00 0.00 ?  101 IG8 A CT   7  
HETATM 1193 H HA1  . IG8 B 2 . ? -0.966  4.477  3.850  1.00 0.00 ?  101 IG8 A HA1  7  
HETATM 1194 H HA2  . IG8 B 2 . ? -2.398  5.455  3.527  1.00 0.00 ?  101 IG8 A HA2  7  
HETATM 1195 H HB   . IG8 B 2 . ? -1.309  4.838  0.996  1.00 0.00 ?  101 IG8 A HB   7  
HETATM 1196 H HG21 . IG8 B 2 . ? -2.457  6.933  1.789  1.00 0.00 ?  101 IG8 A HG21 7  
HETATM 1197 H HG22 . IG8 B 2 . ? -1.000  7.229  0.841  1.00 0.00 ?  101 IG8 A HG22 7  
HETATM 1198 H HG1  . IG8 B 2 . ? 0.824   5.730  1.339  1.00 0.00 ?  101 IG8 A HG1  7  
HETATM 1199 H HD1  . IG8 B 2 . ? 0.221   7.259  3.134  1.00 0.00 ?  101 IG8 A HD1  7  
HETATM 1200 H HD2  . IG8 B 2 . ? -1.391  7.464  3.823  1.00 0.00 ?  101 IG8 A HD2  7  
HETATM 1201 H HE1  . IG8 B 2 . ? -1.733  9.514  2.649  1.00 0.00 ?  101 IG8 A HE1  7  
HETATM 1202 H HE2  . IG8 B 2 . ? -0.346  9.227  1.597  1.00 0.00 ?  101 IG8 A HE2  7  
HETATM 1203 H HZ1  . IG8 B 2 . ? 1.106   9.307  3.679  1.00 0.00 ?  101 IG8 A HZ1  7  
HETATM 1204 H HZ2  . IG8 B 2 . ? -0.317  9.865  4.559  1.00 0.00 ?  101 IG8 A HZ2  7  
HETATM 1205 H HH1  . IG8 B 2 . ? -0.518  11.738 2.883  1.00 0.00 ?  101 IG8 A HH1  7  
HETATM 1206 H HH2  . IG8 B 2 . ? 1.028   11.224 2.205  1.00 0.00 ?  101 IG8 A HH2  7  
HETATM 1207 H HI2  . IG8 B 2 . ? -0.550  11.884 5.473  1.00 0.00 ?  101 IG8 A HI2  7  
HETATM 1208 H HI3  . IG8 B 2 . ? -0.398  13.444 4.664  1.00 0.00 ?  101 IG8 A HI3  7  
HETATM 1209 H HI1  . IG8 B 2 . ? 0.659   13.046 6.018  1.00 0.00 ?  101 IG8 A HI1  7  
HETATM 1210 H HT1  . IG8 B 2 . ? 1.731   12.840 3.727  1.00 0.00 ?  101 IG8 A HT1  7  
HETATM 1211 H HT2  . IG8 B 2 . ? 1.825   11.387 4.722  1.00 0.00 ?  101 IG8 A HT2  7  
ATOM   1212 N N    . LEU A 1 1 ? -3.477  3.066  3.443  1.00 0.00 ?  2   LEU A N    8  
ATOM   1213 C CA   . LEU A 1 1 ? -4.240  1.874  3.104  1.00 0.00 ?  2   LEU A CA   8  
ATOM   1214 C C    . LEU A 1 1 ? -3.289  0.681  2.956  1.00 0.00 ?  2   LEU A C    8  
ATOM   1215 O O    . LEU A 1 1 ? -3.032  0.211  1.865  1.00 0.00 ?  2   LEU A O    8  
ATOM   1216 C CB   . LEU A 1 1 ? -4.991  2.103  1.779  1.00 0.00 ?  2   LEU A CB   8  
ATOM   1217 C CG   . LEU A 1 1 ? -6.298  2.867  2.036  1.00 0.00 ?  2   LEU A CG   8  
ATOM   1218 C CD1  . LEU A 1 1 ? -7.047  3.044  0.714  1.00 0.00 ?  2   LEU A CD1  8  
ATOM   1219 C CD2  . LEU A 1 1 ? -7.177  2.083  3.013  1.00 0.00 ?  2   LEU A CD2  8  
ATOM   1220 H H1   . LEU A 1 1 ? -3.693  3.567  4.257  1.00 0.00 ?  2   LEU A H1   8  
ATOM   1221 H HA   . LEU A 1 1 ? -4.948  1.668  3.896  1.00 0.00 ?  2   LEU A HA   8  
ATOM   1222 H HB2  . LEU A 1 1 ? -4.362  2.693  1.112  1.00 0.00 ?  2   LEU A HB2  8  
ATOM   1223 H HB3  . LEU A 1 1 ? -5.222  1.139  1.317  1.00 0.00 ?  2   LEU A HB3  8  
ATOM   1224 H HG   . LEU A 1 1 ? -6.074  3.840  2.451  1.00 0.00 ?  2   LEU A HG   8  
ATOM   1225 H HD11 . LEU A 1 1 ? -7.381  2.081  0.358  1.00 0.00 ?  2   LEU A HD11 8  
ATOM   1226 H HD12 . LEU A 1 1 ? -6.387  3.488  -0.018 1.00 0.00 ?  2   LEU A HD12 8  
ATOM   1227 H HD13 . LEU A 1 1 ? -7.900  3.687  0.866  1.00 0.00 ?  2   LEU A HD13 8  
ATOM   1228 H HD21 . LEU A 1 1 ? -8.216  2.308  2.824  1.00 0.00 ?  2   LEU A HD21 8  
ATOM   1229 H HD22 . LEU A 1 1 ? -6.929  2.363  4.026  1.00 0.00 ?  2   LEU A HD22 8  
ATOM   1230 H HD23 . LEU A 1 1 ? -7.008  1.025  2.880  1.00 0.00 ?  2   LEU A HD23 8  
HETATM 1231 N N    . DGL A 1 2 ? -2.775  0.183  4.053  1.00 0.00 ?  3   DGL A N    8  
HETATM 1232 C CA   . DGL A 1 2 ? -1.868  -0.960 4.000  1.00 0.00 ?  3   DGL A CA   8  
HETATM 1233 C C    . DGL A 1 2 ? -0.757  -0.739 2.957  1.00 0.00 ?  3   DGL A C    8  
HETATM 1234 O O    . DGL A 1 2 ? -0.190  -1.685 2.444  1.00 0.00 ?  3   DGL A O    8  
HETATM 1235 C CB   . DGL A 1 2 ? -1.232  -1.170 5.376  1.00 0.00 ?  3   DGL A CB   8  
HETATM 1236 C CG   . DGL A 1 2 ? -0.472  -2.500 5.392  1.00 0.00 ?  3   DGL A CG   8  
HETATM 1237 C CD   . DGL A 1 2 ? 0.785   -2.361 6.251  1.00 0.00 ?  3   DGL A CD   8  
HETATM 1238 O OE1  . DGL A 1 2 ? 1.751   -1.793 5.767  1.00 0.00 -1 3   DGL A OE1  8  
HETATM 1239 O OE2  . DGL A 1 2 ? 0.762   -2.826 7.380  1.00 0.00 ?  3   DGL A OE2  8  
HETATM 1240 H H    . DGL A 1 2 ? -3.014  0.577  4.922  1.00 0.00 ?  3   DGL A H    8  
HETATM 1241 H HA   . DGL A 1 2 ? -2.430  -1.843 3.736  1.00 0.00 ?  3   DGL A HA   8  
HETATM 1242 H HB2  . DGL A 1 2 ? -0.545  -0.362 5.584  1.00 0.00 ?  3   DGL A HB2  8  
HETATM 1243 H HB3  . DGL A 1 2 ? -2.002  -1.192 6.133  1.00 0.00 ?  3   DGL A HB3  8  
HETATM 1244 H HG2  . DGL A 1 2 ? -1.107  -3.272 5.804  1.00 0.00 ?  3   DGL A HG2  8  
HETATM 1245 H HG3  . DGL A 1 2 ? -0.190  -2.766 4.385  1.00 0.00 ?  3   DGL A HG3  8  
HETATM 1246 N N    . 2TL A 1 3 ? -0.437  0.491  2.635  1.00 0.00 ?  4   2TL A N    8  
HETATM 1247 C CA   . 2TL A 1 3 ? 0.613   0.731  1.650  1.00 0.00 ?  4   2TL A CA   8  
HETATM 1248 C CB   . 2TL A 1 3 ? 0.945   2.233  1.578  1.00 0.00 ?  4   2TL A CB   8  
HETATM 1249 O OG1  . 2TL A 1 3 ? 1.878   2.453  0.528  1.00 0.00 ?  4   2TL A OG1  8  
HETATM 1250 C CG2  . 2TL A 1 3 ? 1.563   2.696  2.902  1.00 0.00 ?  4   2TL A CG2  8  
HETATM 1251 C C    . 2TL A 1 3 ? 0.139   0.248  0.278  1.00 0.00 ?  4   2TL A C    8  
HETATM 1252 O O    . 2TL A 1 3 ? 0.923   -0.210 -0.531 1.00 0.00 ?  4   2TL A O    8  
HETATM 1253 H H    . 2TL A 1 3 ? -0.902  1.244  3.052  1.00 0.00 ?  4   2TL A H    8  
HETATM 1254 H HA   . 2TL A 1 3 ? 1.503   0.179  1.935  1.00 0.00 ?  4   2TL A HA   8  
HETATM 1255 H HB   . 2TL A 1 3 ? 0.046   2.804  1.382  1.00 0.00 ?  4   2TL A HB   8  
HETATM 1256 H HG21 . 2TL A 1 3 ? 2.474   3.239  2.701  1.00 0.00 ?  4   2TL A HG21 8  
HETATM 1257 H HG22 . 2TL A 1 3 ? 1.786   1.837  3.518  1.00 0.00 ?  4   2TL A HG22 8  
HETATM 1258 H HG23 . 2TL A 1 3 ? 0.867   3.340  3.419  1.00 0.00 ?  4   2TL A HG23 8  
HETATM 1259 N N    . DVA A 1 4 ? -1.136  0.345  0.010  1.00 0.00 ?  5   DVA A N    8  
HETATM 1260 C CA   . DVA A 1 4 ? -1.646  -0.100 -1.275 1.00 0.00 ?  5   DVA A CA   8  
HETATM 1261 C CB   . DVA A 1 4 ? -3.086  0.386  -1.451 1.00 0.00 ?  5   DVA A CB   8  
HETATM 1262 C CG1  . DVA A 1 4 ? -3.128  1.910  -1.335 1.00 0.00 ?  5   DVA A CG1  8  
HETATM 1263 C CG2  . DVA A 1 4 ? -3.603  -0.031 -2.831 1.00 0.00 ?  5   DVA A CG2  8  
HETATM 1264 C C    . DVA A 1 4 ? -1.606  -1.630 -1.331 1.00 0.00 ?  5   DVA A C    8  
HETATM 1265 O O    . DVA A 1 4 ? -1.404  -2.215 -2.376 1.00 0.00 ?  5   DVA A O    8  
HETATM 1266 H H    . DVA A 1 4 ? -1.750  0.715  0.678  1.00 0.00 ?  5   DVA A H    8  
HETATM 1267 H HA   . DVA A 1 4 ? -1.033  0.305  -2.065 1.00 0.00 ?  5   DVA A HA   8  
HETATM 1268 H HB   . DVA A 1 4 ? -3.710  -0.050 -0.683 1.00 0.00 ?  5   DVA A HB   8  
HETATM 1269 H HG11 . DVA A 1 4 ? -2.301  2.336  -1.884 1.00 0.00 ?  5   DVA A HG11 8  
HETATM 1270 H HG12 . DVA A 1 4 ? -3.052  2.195  -0.295 1.00 0.00 ?  5   DVA A HG12 8  
HETATM 1271 H HG13 . DVA A 1 4 ? -4.058  2.278  -1.741 1.00 0.00 ?  5   DVA A HG13 8  
HETATM 1272 H HG21 . DVA A 1 4 ? -3.121  0.567  -3.591 1.00 0.00 ?  5   DVA A HG21 8  
HETATM 1273 H HG22 . DVA A 1 4 ? -4.671  0.124  -2.876 1.00 0.00 ?  5   DVA A HG22 8  
HETATM 1274 H HG23 . DVA A 1 4 ? -3.382  -1.074 -2.998 1.00 0.00 ?  5   DVA A HG23 8  
ATOM   1275 N N    . LEU A 1 5 ? -1.795  -2.281 -0.212 1.00 0.00 ?  6   LEU A N    8  
ATOM   1276 C CA   . LEU A 1 5 ? -1.767  -3.735 -0.193 1.00 0.00 ?  6   LEU A CA   8  
ATOM   1277 C C    . LEU A 1 5 ? -0.401  -4.228 -0.685 1.00 0.00 ?  6   LEU A C    8  
ATOM   1278 O O    . LEU A 1 5 ? -0.273  -5.323 -1.195 1.00 0.00 ?  6   LEU A O    8  
ATOM   1279 C CB   . LEU A 1 5 ? -2.871  -4.288 -1.110 1.00 0.00 ?  6   LEU A CB   8  
ATOM   1280 C CG   . LEU A 1 5 ? -4.127  -4.609 -0.289 1.00 0.00 ?  6   LEU A CG   8  
ATOM   1281 C CD1  . LEU A 1 5 ? -5.214  -5.151 -1.220 1.00 0.00 ?  6   LEU A CD1  8  
ATOM   1282 C CD2  . LEU A 1 5 ? -3.797  -5.664 0.775  1.00 0.00 ?  6   LEU A CD2  8  
ATOM   1283 H H    . LEU A 1 5 ? -1.954  -1.786 0.618  1.00 0.00 ?  6   LEU A H    8  
ATOM   1284 H HA   . LEU A 1 5 ? -1.928  -4.082 0.819  1.00 0.00 ?  6   LEU A HA   8  
ATOM   1285 H HB2  . LEU A 1 5 ? -3.120  -3.536 -1.861 1.00 0.00 ?  6   LEU A HB2  8  
ATOM   1286 H HB3  . LEU A 1 5 ? -2.517  -5.202 -1.598 1.00 0.00 ?  6   LEU A HB3  8  
ATOM   1287 H HG   . LEU A 1 5 ? -4.485  -3.708 0.190  1.00 0.00 ?  6   LEU A HG   8  
ATOM   1288 H HD11 . LEU A 1 5 ? -4.753  -5.622 -2.075 1.00 0.00 ?  6   LEU A HD11 8  
ATOM   1289 H HD12 . LEU A 1 5 ? -5.841  -4.337 -1.552 1.00 0.00 ?  6   LEU A HD12 8  
ATOM   1290 H HD13 . LEU A 1 5 ? -5.814  -5.875 -0.689 1.00 0.00 ?  6   LEU A HD13 8  
ATOM   1291 H HD21 . LEU A 1 5 ? -2.743  -5.898 0.736  1.00 0.00 ?  6   LEU A HD21 8  
ATOM   1292 H HD22 . LEU A 1 5 ? -4.370  -6.559 0.588  1.00 0.00 ?  6   LEU A HD22 8  
ATOM   1293 H HD23 . LEU A 1 5 ? -4.043  -5.277 1.753  1.00 0.00 ?  6   LEU A HD23 8  
HETATM 1294 N N    . DSN A 1 6 ? 0.621   -3.426 -0.530 1.00 0.00 ?  7   DSN A N    8  
HETATM 1295 C CA   . DSN A 1 6 ? 1.943   -3.833 -0.970 1.00 0.00 ?  7   DSN A CA   8  
HETATM 1296 C C    . DSN A 1 6 ? 2.145   -3.435 -2.436 1.00 0.00 ?  7   DSN A C    8  
HETATM 1297 O O    . DSN A 1 6 ? 2.899   -4.060 -3.156 1.00 0.00 ?  7   DSN A O    8  
HETATM 1298 C CB   . DSN A 1 6 ? 3.001   -3.147 -0.105 1.00 0.00 ?  7   DSN A CB   8  
HETATM 1299 O OG   . DSN A 1 6 ? 3.030   -1.760 -0.406 1.00 0.00 ?  7   DSN A OG   8  
HETATM 1300 H H    . DSN A 1 6 ? 0.494   -2.548 -0.113 1.00 0.00 ?  7   DSN A H    8  
HETATM 1301 H HA   . DSN A 1 6 ? 2.040   -4.903 -0.872 1.00 0.00 ?  7   DSN A HA   8  
HETATM 1302 H HB2  . DSN A 1 6 ? 3.973   -3.582 -0.313 1.00 0.00 ?  7   DSN A HB2  8  
HETATM 1303 H HB3  . DSN A 1 6 ? 2.754   -3.284 0.943  1.00 0.00 ?  7   DSN A HB3  8  
HETATM 1304 H HG   . DSN A 1 6 ? 3.254   -1.287 0.399  1.00 0.00 ?  7   DSN A HG   8  
ATOM   1305 N N    . LEU A 1 7 ? 1.482   -2.400 -2.882 1.00 0.00 ?  8   LEU A N    8  
ATOM   1306 C CA   . LEU A 1 7 ? 1.636   -1.976 -4.264 1.00 0.00 ?  8   LEU A CA   8  
ATOM   1307 C C    . LEU A 1 7 ? 2.820   -1.006 -4.386 1.00 0.00 ?  8   LEU A C    8  
ATOM   1308 O O    . LEU A 1 7 ? 3.195   -0.614 -5.475 1.00 0.00 ?  8   LEU A O    8  
ATOM   1309 C CB   . LEU A 1 7 ? 0.354   -1.281 -4.735 1.00 0.00 ?  8   LEU A CB   8  
ATOM   1310 C CG   . LEU A 1 7 ? -0.408  -2.187 -5.710 1.00 0.00 ?  8   LEU A CG   8  
ATOM   1311 C CD1  . LEU A 1 7 ? 0.469   -2.487 -6.928 1.00 0.00 ?  8   LEU A CD1  8  
ATOM   1312 C CD2  . LEU A 1 7 ? -0.778  -3.500 -5.014 1.00 0.00 ?  8   LEU A CD2  8  
ATOM   1313 H H    . LEU A 1 7 ? 0.880   -1.909 -2.284 1.00 0.00 ?  8   LEU A H    8  
ATOM   1314 H HA   . LEU A 1 7 ? 1.820   -2.842 -4.883 1.00 0.00 ?  8   LEU A HA   8  
ATOM   1315 H HB2  . LEU A 1 7 ? -0.273  -1.067 -3.882 1.00 0.00 ?  8   LEU A HB2  8  
ATOM   1316 H HB3  . LEU A 1 7 ? 0.607   -0.357 -5.232 1.00 0.00 ?  8   LEU A HB3  8  
ATOM   1317 H HG   . LEU A 1 7 ? -1.308  -1.685 -6.034 1.00 0.00 ?  8   LEU A HG   8  
ATOM   1318 H HD11 . LEU A 1 7 ? 1.002   -3.412 -6.770 1.00 0.00 ?  8   LEU A HD11 8  
ATOM   1319 H HD12 . LEU A 1 7 ? 1.176   -1.682 -7.069 1.00 0.00 ?  8   LEU A HD12 8  
ATOM   1320 H HD13 . LEU A 1 7 ? -0.154  -2.577 -7.807 1.00 0.00 ?  8   LEU A HD13 8  
ATOM   1321 H HD21 . LEU A 1 7 ? -1.572  -3.320 -4.305 1.00 0.00 ?  8   LEU A HD21 8  
ATOM   1322 H HD22 . LEU A 1 7 ? 0.085   -3.891 -4.496 1.00 0.00 ?  8   LEU A HD22 8  
ATOM   1323 H HD23 . LEU A 1 7 ? -1.111  -4.217 -5.751 1.00 0.00 ?  8   LEU A HD23 8  
HETATM 1324 N N    . DSN A 1 8 ? 3.416   -0.620 -3.284 1.00 0.00 ?  9   DSN A N    8  
HETATM 1325 C CA   . DSN A 1 8 ? 4.546   0.297  -3.350 1.00 0.00 ?  9   DSN A CA   8  
HETATM 1326 C C    . DSN A 1 8 ? 4.142   1.676  -2.810 1.00 0.00 ?  9   DSN A C    8  
HETATM 1327 O O    . DSN A 1 8 ? 4.921   2.609  -2.843 1.00 0.00 ?  9   DSN A O    8  
HETATM 1328 C CB   . DSN A 1 8 ? 5.704   -0.258 -2.513 1.00 0.00 ?  9   DSN A CB   8  
HETATM 1329 O OG   . DSN A 1 8 ? 5.844   -1.649 -2.773 1.00 0.00 ?  9   DSN A OG   8  
HETATM 1330 H H    . DSN A 1 8 ? 3.103   -0.949 -2.417 1.00 0.00 ?  9   DSN A H    8  
HETATM 1331 H HA   . DSN A 1 8 ? 4.862   0.395  -4.379 1.00 0.00 ?  9   DSN A HA   8  
HETATM 1332 H HB2  . DSN A 1 8 ? 6.625   0.247  -2.776 1.00 0.00 ?  9   DSN A HB2  8  
HETATM 1333 H HB3  . DSN A 1 8 ? 5.494   -0.097 -1.458 1.00 0.00 ?  9   DSN A HB3  8  
HETATM 1334 H HG   . DSN A 1 8 ? 5.231   -2.121 -2.205 1.00 0.00 ?  9   DSN A HG   8  
ATOM   1335 N N    . ILE A 1 9 ? 2.941   1.816  -2.304 1.00 0.00 ?  10  ILE A N    8  
ATOM   1336 C CA   . ILE A 1 9 ? 2.522   3.104  -1.771 1.00 0.00 ?  10  ILE A CA   8  
ATOM   1337 C C    . ILE A 1 9 ? 1.442   2.889  -0.706 1.00 0.00 ?  10  ILE A C    8  
ATOM   1338 O O    . ILE A 1 9 ? 0.274   3.105  -0.966 1.00 0.00 ?  10  ILE A O    8  
ATOM   1339 C CB   . ILE A 1 9 ? 1.971   4.002  -2.891 1.00 0.00 ?  10  ILE A CB   8  
ATOM   1340 C CG1  . ILE A 1 9 ? 0.920   3.239  -3.725 1.00 0.00 ?  10  ILE A CG1  8  
ATOM   1341 C CG2  . ILE A 1 9 ? 3.120   4.487  -3.783 1.00 0.00 ?  10  ILE A CG2  8  
ATOM   1342 C CD1  . ILE A 1 9 ? 1.578   2.477  -4.885 1.00 0.00 ?  10  ILE A CD1  8  
ATOM   1343 H H    . ILE A 1 9 ? 2.329   1.052  -2.270 1.00 0.00 ?  10  ILE A H    8  
ATOM   1344 H HA   . ILE A 1 9 ? 3.374   3.590  -1.317 1.00 0.00 ?  10  ILE A HA   8  
ATOM   1345 H HB   . ILE A 1 9 ? 1.501   4.864  -2.437 1.00 0.00 ?  10  ILE A HB   8  
ATOM   1346 H HG12 . ILE A 1 9 ? 0.397   2.539  -3.090 1.00 0.00 ?  10  ILE A HG12 8  
ATOM   1347 H HG13 . ILE A 1 9 ? 0.210   3.946  -4.128 1.00 0.00 ?  10  ILE A HG13 8  
ATOM   1348 H HG21 . ILE A 1 9 ? 3.606   3.640  -4.242 1.00 0.00 ?  10  ILE A HG21 8  
ATOM   1349 H HG22 . ILE A 1 9 ? 3.836   5.031  -3.184 1.00 0.00 ?  10  ILE A HG22 8  
ATOM   1350 H HG23 . ILE A 1 9 ? 2.729   5.137  -4.551 1.00 0.00 ?  10  ILE A HG23 8  
ATOM   1351 H HD11 . ILE A 1 9 ? 1.054   1.547  -5.046 1.00 0.00 ?  10  ILE A HD11 8  
ATOM   1352 H HD12 . ILE A 1 9 ? 2.609   2.272  -4.648 1.00 0.00 ?  10  ILE A HD12 8  
ATOM   1353 H HD13 . ILE A 1 9 ? 1.528   3.076  -5.782 1.00 0.00 ?  10  ILE A HD13 8  
HETATM 1354 C CA   . IG8 B 2 . ? -1.748  4.737  3.092  1.00 0.00 ?  101 IG8 A CA   8  
HETATM 1355 C C    . IG8 B 2 . ? -2.504  3.475  2.669  1.00 0.00 ?  101 IG8 A C    8  
HETATM 1356 O O    . IG8 B 2 . ? -2.210  2.876  1.652  1.00 0.00 ?  101 IG8 A O    8  
HETATM 1357 C CB   . IG8 B 2 . ? -1.045  5.350  1.876  1.00 0.00 ?  101 IG8 A CB   8  
HETATM 1358 C CG2  . IG8 B 2 . ? -1.432  6.827  1.744  1.00 0.00 ?  101 IG8 A CG2  8  
HETATM 1359 O OG1  . IG8 B 2 . ? 0.362   5.243  2.043  1.00 0.00 ?  101 IG8 A OG1  8  
HETATM 1360 C CD   . IG8 B 2 . ? -2.495  6.982  0.654  1.00 0.00 ?  101 IG8 A CD   8  
HETATM 1361 C CE   . IG8 B 2 . ? -3.884  6.762  1.257  1.00 0.00 ?  101 IG8 A CE   8  
HETATM 1362 C CZ   . IG8 B 2 . ? -4.469  8.104  1.700  1.00 0.00 ?  101 IG8 A CZ   8  
HETATM 1363 C CH   . IG8 B 2 . ? -4.174  8.326  3.185  1.00 0.00 ?  101 IG8 A CH   8  
HETATM 1364 C CI   . IG8 B 2 . ? -5.215  9.213  5.277  1.00 0.00 ?  101 IG8 A CI   8  
HETATM 1365 C CT   . IG8 B 2 . ? -5.158  9.350  3.754  1.00 0.00 ?  101 IG8 A CT   8  
HETATM 1366 H HA1  . IG8 B 2 . ? -1.012  4.481  3.839  1.00 0.00 ?  101 IG8 A HA1  8  
HETATM 1367 H HA2  . IG8 B 2 . ? -2.446  5.452  3.506  1.00 0.00 ?  101 IG8 A HA2  8  
HETATM 1368 H HB   . IG8 B 2 . ? -1.342  4.824  0.982  1.00 0.00 ?  101 IG8 A HB   8  
HETATM 1369 H HG21 . IG8 B 2 . ? -0.560  7.405  1.479  1.00 0.00 ?  101 IG8 A HG21 8  
HETATM 1370 H HG22 . IG8 B 2 . ? -1.826  7.181  2.686  1.00 0.00 ?  101 IG8 A HG22 8  
HETATM 1371 H HG1  . IG8 B 2 . ? 0.716   4.774  1.283  1.00 0.00 ?  101 IG8 A HG1  8  
HETATM 1372 H HD1  . IG8 B 2 . ? -2.323  6.254  -0.124 1.00 0.00 ?  101 IG8 A HD1  8  
HETATM 1373 H HD2  . IG8 B 2 . ? -2.437  7.977  0.236  1.00 0.00 ?  101 IG8 A HD2  8  
HETATM 1374 H HE1  . IG8 B 2 . ? -3.806  6.106  2.111  1.00 0.00 ?  101 IG8 A HE1  8  
HETATM 1375 H HE2  . IG8 B 2 . ? -4.530  6.313  0.516  1.00 0.00 ?  101 IG8 A HE2  8  
HETATM 1376 H HZ1  . IG8 B 2 . ? -5.537  8.100  1.544  1.00 0.00 ?  101 IG8 A HZ1  8  
HETATM 1377 H HZ2  . IG8 B 2 . ? -4.024  8.900  1.121  1.00 0.00 ?  101 IG8 A HZ2  8  
HETATM 1378 H HH1  . IG8 B 2 . ? -3.166  8.696  3.301  1.00 0.00 ?  101 IG8 A HH1  8  
HETATM 1379 H HH2  . IG8 B 2 . ? -4.279  7.391  3.716  1.00 0.00 ?  101 IG8 A HH2  8  
HETATM 1380 H HI2  . IG8 B 2 . ? -4.283  8.804  5.637  1.00 0.00 ?  101 IG8 A HI2  8  
HETATM 1381 H HI3  . IG8 B 2 . ? -6.026  8.554  5.548  1.00 0.00 ?  101 IG8 A HI3  8  
HETATM 1382 H HI1  . IG8 B 2 . ? -5.376  10.185 5.720  1.00 0.00 ?  101 IG8 A HI1  8  
HETATM 1383 H HT1  . IG8 B 2 . ? -6.140  9.174  3.342  1.00 0.00 ?  101 IG8 A HT1  8  
HETATM 1384 H HT2  . IG8 B 2 . ? -4.831  10.346 3.494  1.00 0.00 ?  101 IG8 A HT2  8  
ATOM   1385 N N    . LEU A 1 1 ? -3.682  2.606  3.216  1.00 0.00 ?  2   LEU A N    9  
ATOM   1386 C CA   . LEU A 1 1 ? -4.264  1.300  2.942  1.00 0.00 ?  2   LEU A CA   9  
ATOM   1387 C C    . LEU A 1 1 ? -3.166  0.230  2.977  1.00 0.00 ?  2   LEU A C    9  
ATOM   1388 O O    . LEU A 1 1 ? -2.915  -0.453 2.003  1.00 0.00 ?  2   LEU A O    9  
ATOM   1389 C CB   . LEU A 1 1 ? -4.926  1.315  1.551  1.00 0.00 ?  2   LEU A CB   9  
ATOM   1390 C CG   . LEU A 1 1 ? -6.339  1.909  1.643  1.00 0.00 ?  2   LEU A CG   9  
ATOM   1391 C CD1  . LEU A 1 1 ? -6.996  1.865  0.262  1.00 0.00 ?  2   LEU A CD1  9  
ATOM   1392 C CD2  . LEU A 1 1 ? -7.183  1.096  2.629  1.00 0.00 ?  2   LEU A CD2  9  
ATOM   1393 H H1   . LEU A 1 1 ? -4.030  3.148  3.955  1.00 0.00 ?  2   LEU A H1   9  
ATOM   1394 H HA   . LEU A 1 1 ? -5.005  1.074  3.697  1.00 0.00 ?  2   LEU A HA   9  
ATOM   1395 H HB2  . LEU A 1 1 ? -4.327  1.931  0.882  1.00 0.00 ?  2   LEU A HB2  9  
ATOM   1396 H HB3  . LEU A 1 1 ? -4.988  0.294  1.164  1.00 0.00 ?  2   LEU A HB3  9  
ATOM   1397 H HG   . LEU A 1 1 ? -6.281  2.936  1.977  1.00 0.00 ?  2   LEU A HG   9  
ATOM   1398 H HD11 . LEU A 1 1 ? -6.455  2.510  -0.414 1.00 0.00 ?  2   LEU A HD11 9  
ATOM   1399 H HD12 . LEU A 1 1 ? -8.019  2.201  0.340  1.00 0.00 ?  2   LEU A HD12 9  
ATOM   1400 H HD13 . LEU A 1 1 ? -6.978  0.853  -0.114 1.00 0.00 ?  2   LEU A HD13 9  
ATOM   1401 H HD21 . LEU A 1 1 ? -7.099  1.527  3.616  1.00 0.00 ?  2   LEU A HD21 9  
ATOM   1402 H HD22 . LEU A 1 1 ? -6.828  0.076  2.651  1.00 0.00 ?  2   LEU A HD22 9  
ATOM   1403 H HD23 . LEU A 1 1 ? -8.217  1.111  2.316  1.00 0.00 ?  2   LEU A HD23 9  
HETATM 1404 N N    . DGL A 1 2 ? -2.519  0.076  4.104  1.00 0.00 ?  3   DGL A N    9  
HETATM 1405 C CA   . DGL A 1 2 ? -1.469  -0.926 4.227  1.00 0.00 ?  3   DGL A CA   9  
HETATM 1406 C C    . DGL A 1 2 ? -0.439  -0.786 3.095  1.00 0.00 ?  3   DGL A C    9  
HETATM 1407 O O    . DGL A 1 2 ? 0.006   -1.770 2.534  1.00 0.00 ?  3   DGL A O    9  
HETATM 1408 C CB   . DGL A 1 2 ? -0.764  -0.755 5.575  1.00 0.00 ?  3   DGL A CB   9  
HETATM 1409 C CG   . DGL A 1 2 ? -1.755  -1.029 6.708  1.00 0.00 ?  3   DGL A CG   9  
HETATM 1410 C CD   . DGL A 1 2 ? -1.430  -0.125 7.899  1.00 0.00 ?  3   DGL A CD   9  
HETATM 1411 O OE1  . DGL A 1 2 ? -2.060  0.914  8.018  1.00 0.00 -1 3   DGL A OE1  9  
HETATM 1412 O OE2  . DGL A 1 2 ? -0.559  -0.487 8.672  1.00 0.00 ?  3   DGL A OE2  9  
HETATM 1413 H H    . DGL A 1 2 ? -2.753  0.633  4.878  1.00 0.00 ?  3   DGL A H    9  
HETATM 1414 H HA   . DGL A 1 2 ? -1.911  -1.910 4.185  1.00 0.00 ?  3   DGL A HA   9  
HETATM 1415 H HB2  . DGL A 1 2 ? 0.061   -1.449 5.640  1.00 0.00 ?  3   DGL A HB2  9  
HETATM 1416 H HB3  . DGL A 1 2 ? -0.393  0.255  5.660  1.00 0.00 ?  3   DGL A HB3  9  
HETATM 1417 H HG2  . DGL A 1 2 ? -2.759  -0.828 6.365  1.00 0.00 ?  3   DGL A HG2  9  
HETATM 1418 H HG3  . DGL A 1 2 ? -1.678  -2.062 7.011  1.00 0.00 ?  3   DGL A HG3  9  
HETATM 1419 N N    . 2TL A 1 3 ? -0.044  0.417  2.760  1.00 0.00 ?  4   2TL A N    9  
HETATM 1420 C CA   . 2TL A 1 3 ? 0.944   0.586  1.701  1.00 0.00 ?  4   2TL A CA   9  
HETATM 1421 C CB   . 2TL A 1 3 ? 1.473   2.030  1.682  1.00 0.00 ?  4   2TL A CB   9  
HETATM 1422 O OG1  . 2TL A 1 3 ? 2.344   2.180  0.570  1.00 0.00 ?  4   2TL A OG1  9  
HETATM 1423 C CG2  . 2TL A 1 3 ? 2.244   2.320  2.972  1.00 0.00 ?  4   2TL A CG2  9  
HETATM 1424 C C    . 2TL A 1 3 ? 0.316   0.260  0.341  1.00 0.00 ?  4   2TL A C    9  
HETATM 1425 O O    . 2TL A 1 3 ? 0.909   -0.420 -0.474 1.00 0.00 ?  4   2TL A O    9  
HETATM 1426 H H    . 2TL A 1 3 ? -0.404  1.199  3.228  1.00 0.00 ?  4   2TL A H    9  
HETATM 1427 H HA   . 2TL A 1 3 ? 1.771   -0.092 1.878  1.00 0.00 ?  4   2TL A HA   9  
HETATM 1428 H HB   . 2TL A 1 3 ? 0.649   2.730  1.589  1.00 0.00 ?  4   2TL A HB   9  
HETATM 1429 H HG21 . 2TL A 1 3 ? 2.408   1.399  3.511  1.00 0.00 ?  4   2TL A HG21 9  
HETATM 1430 H HG22 . 2TL A 1 3 ? 1.676   3.002  3.587  1.00 0.00 ?  4   2TL A HG22 9  
HETATM 1431 H HG23 . 2TL A 1 3 ? 3.196   2.768  2.729  1.00 0.00 ?  4   2TL A HG23 9  
HETATM 1432 N N    . DVA A 1 4 ? -0.873  0.740  0.086  1.00 0.00 ?  5   DVA A N    9  
HETATM 1433 C CA   . DVA A 1 4 ? -1.512  0.466  -1.192 1.00 0.00 ?  5   DVA A CA   9  
HETATM 1434 C CB   . DVA A 1 4 ? -2.838  1.225  -1.281 1.00 0.00 ?  5   DVA A CB   9  
HETATM 1435 C CG1  . DVA A 1 4 ? -2.584  2.726  -1.114 1.00 0.00 ?  5   DVA A CG1  9  
HETATM 1436 C CG2  . DVA A 1 4 ? -3.486  0.968  -2.645 1.00 0.00 ?  5   DVA A CG2  9  
HETATM 1437 C C    . DVA A 1 4 ? -1.771  -1.039 -1.321 1.00 0.00 ?  5   DVA A C    9  
HETATM 1438 O O    . DVA A 1 4 ? -1.809  -1.579 -2.408 1.00 0.00 ?  5   DVA A O    9  
HETATM 1439 H H    . DVA A 1 4 ? -1.334  1.288  0.755  1.00 0.00 ?  5   DVA A H    9  
HETATM 1440 H HA   . DVA A 1 4 ? -0.863  0.787  -1.992 1.00 0.00 ?  5   DVA A HA   9  
HETATM 1441 H HB   . DVA A 1 4 ? -3.498  0.883  -0.497 1.00 0.00 ?  5   DVA A HB   9  
HETATM 1442 H HG11 . DVA A 1 4 ? -1.588  2.885  -0.729 1.00 0.00 ?  5   DVA A HG11 9  
HETATM 1443 H HG12 . DVA A 1 4 ? -3.306  3.139  -0.425 1.00 0.00 ?  5   DVA A HG12 9  
HETATM 1444 H HG13 . DVA A 1 4 ? -2.680  3.217  -2.072 1.00 0.00 ?  5   DVA A HG13 9  
HETATM 1445 H HG21 . DVA A 1 4 ? -3.495  -0.092 -2.845 1.00 0.00 ?  5   DVA A HG21 9  
HETATM 1446 H HG22 . DVA A 1 4 ? -2.920  1.475  -3.412 1.00 0.00 ?  5   DVA A HG22 9  
HETATM 1447 H HG23 . DVA A 1 4 ? -4.499  1.342  -2.638 1.00 0.00 ?  5   DVA A HG23 9  
ATOM   1448 N N    . LEU A 1 5 ? -1.948  -1.718 -0.218 1.00 0.00 ?  6   LEU A N    9  
ATOM   1449 C CA   . LEU A 1 5 ? -2.197  -3.153 -0.269 1.00 0.00 ?  6   LEU A CA   9  
ATOM   1450 C C    . LEU A 1 5 ? -0.960  -3.871 -0.823 1.00 0.00 ?  6   LEU A C    9  
ATOM   1451 O O    . LEU A 1 5 ? -1.058  -4.940 -1.394 1.00 0.00 ?  6   LEU A O    9  
ATOM   1452 C CB   . LEU A 1 5 ? -3.401  -3.449 -1.175 1.00 0.00 ?  6   LEU A CB   9  
ATOM   1453 C CG   . LEU A 1 5 ? -3.942  -4.845 -0.858 1.00 0.00 ?  6   LEU A CG   9  
ATOM   1454 C CD1  . LEU A 1 5 ? -4.592  -4.839 0.527  1.00 0.00 ?  6   LEU A CD1  9  
ATOM   1455 C CD2  . LEU A 1 5 ? -4.983  -5.238 -1.907 1.00 0.00 ?  6   LEU A CD2  9  
ATOM   1456 H H    . LEU A 1 5 ? -1.909  -1.258 0.651  1.00 0.00 ?  6   LEU A H    9  
ATOM   1457 H HA   . LEU A 1 5 ? -2.403  -3.514 0.727  1.00 0.00 ?  6   LEU A HA   9  
ATOM   1458 H HB2  . LEU A 1 5 ? -4.186  -2.712 -0.995 1.00 0.00 ?  6   LEU A HB2  9  
ATOM   1459 H HB3  . LEU A 1 5 ? -3.085  -3.415 -2.218 1.00 0.00 ?  6   LEU A HB3  9  
ATOM   1460 H HG   . LEU A 1 5 ? -3.128  -5.557 -0.870 1.00 0.00 ?  6   LEU A HG   9  
ATOM   1461 H HD11 . LEU A 1 5 ? -3.862  -5.128 1.269  1.00 0.00 ?  6   LEU A HD11 9  
ATOM   1462 H HD12 . LEU A 1 5 ? -5.415  -5.538 0.540  1.00 0.00 ?  6   LEU A HD12 9  
ATOM   1463 H HD13 . LEU A 1 5 ? -4.958  -3.847 0.748  1.00 0.00 ?  6   LEU A HD13 9  
ATOM   1464 H HD21 . LEU A 1 5 ? -5.207  -6.291 -1.816 1.00 0.00 ?  6   LEU A HD21 9  
ATOM   1465 H HD22 . LEU A 1 5 ? -4.593  -5.037 -2.894 1.00 0.00 ?  6   LEU A HD22 9  
ATOM   1466 H HD23 . LEU A 1 5 ? -5.885  -4.664 -1.752 1.00 0.00 ?  6   LEU A HD23 9  
HETATM 1467 N N    . DSN A 1 6 ? 0.205   -3.298 -0.655 1.00 0.00 ?  7   DSN A N    9  
HETATM 1468 C CA   . DSN A 1 6 ? 1.411   -3.938 -1.153 1.00 0.00 ?  7   DSN A CA   9  
HETATM 1469 C C    . DSN A 1 6 ? 1.708   -3.462 -2.582 1.00 0.00 ?  7   DSN A C    9  
HETATM 1470 O O    . DSN A 1 6 ? 2.374   -4.140 -3.340 1.00 0.00 ?  7   DSN A O    9  
HETATM 1471 C CB   . DSN A 1 6 ? 2.591   -3.589 -0.237 1.00 0.00 ?  7   DSN A CB   9  
HETATM 1472 O OG   . DSN A 1 6 ? 2.547   -2.206 0.089  1.00 0.00 ?  7   DSN A OG   9  
HETATM 1473 H H    . DSN A 1 6 ? 0.265   -2.439 -0.186 1.00 0.00 ?  7   DSN A H    9  
HETATM 1474 H HA   . DSN A 1 6 ? 1.270   -5.009 -1.159 1.00 0.00 ?  7   DSN A HA   9  
HETATM 1475 H HB2  . DSN A 1 6 ? 3.522   -3.809 -0.748 1.00 0.00 ?  7   DSN A HB2  9  
HETATM 1476 H HB3  . DSN A 1 6 ? 2.527   -4.172 0.677  1.00 0.00 ?  7   DSN A HB3  9  
HETATM 1477 H HG   . DSN A 1 6 ? 2.305   -1.720 -0.703 1.00 0.00 ?  7   DSN A HG   9  
ATOM   1478 N N    . LEU A 1 7 ? 1.219   -2.309 -2.960 1.00 0.00 ?  8   LEU A N    9  
ATOM   1479 C CA   . LEU A 1 7 ? 1.466   -1.815 -4.307 1.00 0.00 ?  8   LEU A CA   9  
ATOM   1480 C C    . LEU A 1 7 ? 2.779   -1.021 -4.354 1.00 0.00 ?  8   LEU A C    9  
ATOM   1481 O O    . LEU A 1 7 ? 3.251   -0.660 -5.415 1.00 0.00 ?  8   LEU A O    9  
ATOM   1482 C CB   . LEU A 1 7 ? 0.312   -0.907 -4.735 1.00 0.00 ?  8   LEU A CB   9  
ATOM   1483 C CG   . LEU A 1 7 ? -0.933  -1.751 -5.020 1.00 0.00 ?  8   LEU A CG   9  
ATOM   1484 C CD1  . LEU A 1 7 ? -2.164  -0.846 -5.024 1.00 0.00 ?  8   LEU A CD1  9  
ATOM   1485 C CD2  . LEU A 1 7 ? -0.790  -2.424 -6.386 1.00 0.00 ?  8   LEU A CD2  9  
ATOM   1486 H H    . LEU A 1 7 ? 0.679   -1.778 -2.338 1.00 0.00 ?  8   LEU A H    9  
ATOM   1487 H HA   . LEU A 1 7 ? 1.533   -2.652 -4.989 1.00 0.00 ?  8   LEU A HA   9  
ATOM   1488 H HB2  . LEU A 1 7 ? 0.096   -0.203 -3.945 1.00 0.00 ?  8   LEU A HB2  9  
ATOM   1489 H HB3  . LEU A 1 7 ? 0.592   -0.369 -5.630 1.00 0.00 ?  8   LEU A HB3  9  
ATOM   1490 H HG   . LEU A 1 7 ? -1.043  -2.505 -4.253 1.00 0.00 ?  8   LEU A HG   9  
ATOM   1491 H HD11 . LEU A 1 7 ? -2.361  -0.510 -6.031 1.00 0.00 ?  8   LEU A HD11 9  
ATOM   1492 H HD12 . LEU A 1 7 ? -1.984  0.008  -4.387 1.00 0.00 ?  8   LEU A HD12 9  
ATOM   1493 H HD13 . LEU A 1 7 ? -3.016  -1.397 -4.654 1.00 0.00 ?  8   LEU A HD13 9  
ATOM   1494 H HD21 . LEU A 1 7 ? -0.140  -1.832 -7.014 1.00 0.00 ?  8   LEU A HD21 9  
ATOM   1495 H HD22 . LEU A 1 7 ? -1.762  -2.505 -6.851 1.00 0.00 ?  8   LEU A HD22 9  
ATOM   1496 H HD23 . LEU A 1 7 ? -0.369  -3.410 -6.260 1.00 0.00 ?  8   LEU A HD23 9  
HETATM 1497 N N    . DSN A 1 8 ? 3.375   -0.749 -3.223 1.00 0.00 ?  9   DSN A N    9  
HETATM 1498 C CA   . DSN A 1 8 ? 4.623   -0.003 -3.218 1.00 0.00 ?  9   DSN A CA   9  
HETATM 1499 C C    . DSN A 1 8 ? 4.384   1.437  -2.740 1.00 0.00 ?  9   DSN A C    9  
HETATM 1500 O O    . DSN A 1 8 ? 5.228   2.296  -2.903 1.00 0.00 ?  9   DSN A O    9  
HETATM 1501 C CB   . DSN A 1 8 ? 5.619   -0.689 -2.281 1.00 0.00 ?  9   DSN A CB   9  
HETATM 1502 O OG   . DSN A 1 8 ? 5.193   -0.513 -0.937 1.00 0.00 ?  9   DSN A OG   9  
HETATM 1503 H H    . DSN A 1 8 ? 2.985   -1.052 -2.380 1.00 0.00 ?  9   DSN A H    9  
HETATM 1504 H HA   . DSN A 1 8 ? 5.034   0.016  -4.216 1.00 0.00 ?  9   DSN A HA   9  
HETATM 1505 H HB2  . DSN A 1 8 ? 5.658   -1.745 -2.505 1.00 0.00 ?  9   DSN A HB2  9  
HETATM 1506 H HB3  . DSN A 1 8 ? 6.603   -0.250 -2.420 1.00 0.00 ?  9   DSN A HB3  9  
HETATM 1507 H HG   . DSN A 1 8 ? 4.302   -0.858 -0.859 1.00 0.00 ?  9   DSN A HG   9  
ATOM   1508 N N    . ILE A 1 9 ? 3.252   1.707  -2.139 1.00 0.00 ?  10  ILE A N    9  
ATOM   1509 C CA   . ILE A 1 9 ? 2.981   3.048  -1.654 1.00 0.00 ?  10  ILE A CA   9  
ATOM   1510 C C    . ILE A 1 9 ? 1.973   2.962  -0.505 1.00 0.00 ?  10  ILE A C    9  
ATOM   1511 O O    . ILE A 1 9 ? 0.913   3.555  -0.569 1.00 0.00 ?  10  ILE A O    9  
ATOM   1512 C CB   . ILE A 1 9 ? 2.410   3.928  -2.776 1.00 0.00 ?  10  ILE A CB   9  
ATOM   1513 C CG1  . ILE A 1 9 ? 1.210   3.224  -3.444 1.00 0.00 ?  10  ILE A CG1  9  
ATOM   1514 C CG2  . ILE A 1 9 ? 3.503   4.235  -3.808 1.00 0.00 ?  10  ILE A CG2  9  
ATOM   1515 C CD1  . ILE A 1 9 ? 1.666   2.340  -4.614 1.00 0.00 ?  10  ILE A CD1  9  
ATOM   1516 H H    . ILE A 1 9 ? 2.591   0.998  -2.000 1.00 0.00 ?  10  ILE A H    9  
ATOM   1517 H HA   . ILE A 1 9 ? 3.898   3.488  -1.289 1.00 0.00 ?  10  ILE A HA   9  
ATOM   1518 H HB   . ILE A 1 9 ? 2.073   4.862  -2.344 1.00 0.00 ?  10  ILE A HB   9  
ATOM   1519 H HG12 . ILE A 1 9 ? 0.703   2.613  -2.712 1.00 0.00 ?  10  ILE A HG12 9  
ATOM   1520 H HG13 . ILE A 1 9 ? 0.524   3.972  -3.814 1.00 0.00 ?  10  ILE A HG13 9  
ATOM   1521 H HG21 . ILE A 1 9 ? 3.845   3.316  -4.258 1.00 0.00 ?  10  ILE A HG21 9  
ATOM   1522 H HG22 . ILE A 1 9 ? 4.332   4.725  -3.318 1.00 0.00 ?  10  ILE A HG22 9  
ATOM   1523 H HG23 . ILE A 1 9 ? 3.103   4.884  -4.573 1.00 0.00 ?  10  ILE A HG23 9  
ATOM   1524 H HD11 . ILE A 1 9 ? 1.030   1.469  -4.675 1.00 0.00 ?  10  ILE A HD11 9  
ATOM   1525 H HD12 . ILE A 1 9 ? 2.687   2.030  -4.461 1.00 0.00 ?  10  ILE A HD12 9  
ATOM   1526 H HD13 . ILE A 1 9 ? 1.594   2.901  -5.535 1.00 0.00 ?  10  ILE A HD13 9  
HETATM 1527 C CA   . IG8 B 2 . ? -2.135  4.442  2.831  1.00 0.00 ?  101 IG8 A CA   9  
HETATM 1528 C C    . IG8 B 2 . ? -2.698  3.060  2.484  1.00 0.00 ?  101 IG8 A C    9  
HETATM 1529 O O    . IG8 B 2 . ? -2.245  2.411  1.562  1.00 0.00 ?  101 IG8 A O    9  
HETATM 1530 C CB   . IG8 B 2 . ? -1.389  4.386  4.171  1.00 0.00 ?  101 IG8 A CB   9  
HETATM 1531 C CG2  . IG8 B 2 . ? -2.325  4.831  5.298  1.00 0.00 ?  101 IG8 A CG2  9  
HETATM 1532 O OG1  . IG8 B 2 . ? -0.941  3.059  4.419  1.00 0.00 ?  101 IG8 A OG1  9  
HETATM 1533 C CD   . IG8 B 2 . ? -2.095  6.314  5.601  1.00 0.00 ?  101 IG8 A CD   9  
HETATM 1534 C CE   . IG8 B 2 . ? -1.204  6.453  6.838  1.00 0.00 ?  101 IG8 A CE   9  
HETATM 1535 C CZ   . IG8 B 2 . ? 0.248   6.666  6.403  1.00 0.00 ?  101 IG8 A CZ   9  
HETATM 1536 C CH   . IG8 B 2 . ? 0.533   8.165  6.286  1.00 0.00 ?  101 IG8 A CH   9  
HETATM 1537 C CI   . IG8 B 2 . ? 0.830   10.057 4.681  1.00 0.00 ?  101 IG8 A CI   9  
HETATM 1538 C CT   . IG8 B 2 . ? 0.364   8.607  4.832  1.00 0.00 ?  101 IG8 A CT   9  
HETATM 1539 H HA1  . IG8 B 2 . ? -2.945  5.152  2.903  1.00 0.00 ?  101 IG8 A HA1  9  
HETATM 1540 H HA2  . IG8 B 2 . ? -1.454  4.755  2.054  1.00 0.00 ?  101 IG8 A HA2  9  
HETATM 1541 H HB   . IG8 B 2 . ? -0.539  5.049  4.135  1.00 0.00 ?  101 IG8 A HB   9  
HETATM 1542 H HG21 . IG8 B 2 . ? -2.123  4.248  6.184  1.00 0.00 ?  101 IG8 A HG21 9  
HETATM 1543 H HG22 . IG8 B 2 . ? -3.351  4.679  4.994  1.00 0.00 ?  101 IG8 A HG22 9  
HETATM 1544 H HG1  . IG8 B 2 . ? -0.555  3.037  5.298  1.00 0.00 ?  101 IG8 A HG1  9  
HETATM 1545 H HD1  . IG8 B 2 . ? -3.044  6.794  5.788  1.00 0.00 ?  101 IG8 A HD1  9  
HETATM 1546 H HD2  . IG8 B 2 . ? -1.615  6.784  4.755  1.00 0.00 ?  101 IG8 A HD2  9  
HETATM 1547 H HE1  . IG8 B 2 . ? -1.271  5.556  7.434  1.00 0.00 ?  101 IG8 A HE1  9  
HETATM 1548 H HE2  . IG8 B 2 . ? -1.533  7.301  7.423  1.00 0.00 ?  101 IG8 A HE2  9  
HETATM 1549 H HZ1  . IG8 B 2 . ? 0.409   6.196  5.445  1.00 0.00 ?  101 IG8 A HZ1  9  
HETATM 1550 H HZ2  . IG8 B 2 . ? 0.910   6.229  7.135  1.00 0.00 ?  101 IG8 A HZ2  9  
HETATM 1551 H HH1  . IG8 B 2 . ? 1.545   8.365  6.607  1.00 0.00 ?  101 IG8 A HH1  9  
HETATM 1552 H HH2  . IG8 B 2 . ? -0.157  8.713  6.913  1.00 0.00 ?  101 IG8 A HH2  9  
HETATM 1553 H HI2  . IG8 B 2 . ? 0.460   10.642 5.510  1.00 0.00 ?  101 IG8 A HI2  9  
HETATM 1554 H HI3  . IG8 B 2 . ? 0.448   10.463 3.755  1.00 0.00 ?  101 IG8 A HI3  9  
HETATM 1555 H HI1  . IG8 B 2 . ? 1.908   10.089 4.670  1.00 0.00 ?  101 IG8 A HI1  9  
HETATM 1556 H HT1  . IG8 B 2 . ? -0.676  8.535  4.551  1.00 0.00 ?  101 IG8 A HT1  9  
HETATM 1557 H HT2  . IG8 B 2 . ? 0.956   7.969  4.191  1.00 0.00 ?  101 IG8 A HT2  9  
ATOM   1558 N N    . LEU A 1 1 ? -3.611  3.036  3.489  1.00 0.00 ?  2   LEU A N    10 
ATOM   1559 C CA   . LEU A 1 1 ? -4.294  1.874  2.938  1.00 0.00 ?  2   LEU A CA   10 
ATOM   1560 C C    . LEU A 1 1 ? -3.311  0.701  2.841  1.00 0.00 ?  2   LEU A C    10 
ATOM   1561 O O    . LEU A 1 1 ? -3.017  0.212  1.766  1.00 0.00 ?  2   LEU A O    10 
ATOM   1562 C CB   . LEU A 1 1 ? -4.844  2.212  1.539  1.00 0.00 ?  2   LEU A CB   10 
ATOM   1563 C CG   . LEU A 1 1 ? -6.151  3.004  1.666  1.00 0.00 ?  2   LEU A CG   10 
ATOM   1564 C CD1  . LEU A 1 1 ? -6.687  3.323  0.269  1.00 0.00 ?  2   LEU A CD1  10 
ATOM   1565 C CD2  . LEU A 1 1 ? -7.188  2.173  2.427  1.00 0.00 ?  2   LEU A CD2  10 
ATOM   1566 H H1   . LEU A 1 1 ? -3.941  3.444  4.318  1.00 0.00 ?  2   LEU A H1   10 
ATOM   1567 H HA   . LEU A 1 1 ? -5.110  1.600  3.596  1.00 0.00 ?  2   LEU A HA   10 
ATOM   1568 H HB2  . LEU A 1 1 ? -4.113  2.820  1.006  1.00 0.00 ?  2   LEU A HB2  10 
ATOM   1569 H HB3  . LEU A 1 1 ? -5.034  1.288  0.984  1.00 0.00 ?  2   LEU A HB3  10 
ATOM   1570 H HG   . LEU A 1 1 ? -5.967  3.927  2.198  1.00 0.00 ?  2   LEU A HG   10 
ATOM   1571 H HD11 . LEU A 1 1 ? -6.306  4.282  -0.052 1.00 0.00 ?  2   LEU A HD11 10 
ATOM   1572 H HD12 . LEU A 1 1 ? -7.766  3.356  0.296  1.00 0.00 ?  2   LEU A HD12 10 
ATOM   1573 H HD13 . LEU A 1 1 ? -6.367  2.558  -0.423 1.00 0.00 ?  2   LEU A HD13 10 
ATOM   1574 H HD21 . LEU A 1 1 ? -7.027  2.282  3.489  1.00 0.00 ?  2   LEU A HD21 10 
ATOM   1575 H HD22 . LEU A 1 1 ? -7.090  1.133  2.152  1.00 0.00 ?  2   LEU A HD22 10 
ATOM   1576 H HD23 . LEU A 1 1 ? -8.181  2.518  2.176  1.00 0.00 ?  2   LEU A HD23 10 
HETATM 1577 N N    . DGL A 1 2 ? -2.815  0.240  3.962  1.00 0.00 ?  3   DGL A N    10 
HETATM 1578 C CA   . DGL A 1 2 ? -1.884  -0.883 3.964  1.00 0.00 ?  3   DGL A CA   10 
HETATM 1579 C C    . DGL A 1 2 ? -0.767  -0.680 2.926  1.00 0.00 ?  3   DGL A C    10 
HETATM 1580 O O    . DGL A 1 2 ? -0.207  -1.636 2.422  1.00 0.00 ?  3   DGL A O    10 
HETATM 1581 C CB   . DGL A 1 2 ? -1.260  -1.017 5.353  1.00 0.00 ?  3   DGL A CB   10 
HETATM 1582 C CG   . DGL A 1 2 ? -2.343  -1.398 6.365  1.00 0.00 ?  3   DGL A CG   10 
HETATM 1583 C CD   . DGL A 1 2 ? -2.379  -2.920 6.527  1.00 0.00 ?  3   DGL A CD   10 
HETATM 1584 O OE1  . DGL A 1 2 ? -2.162  -3.605 5.541  1.00 0.00 -1 3   DGL A OE1  10 
HETATM 1585 O OE2  . DGL A 1 2 ? -2.624  -3.372 7.633  1.00 0.00 ?  3   DGL A OE2  10 
HETATM 1586 H H    . DGL A 1 2 ? -3.086  0.647  4.816  1.00 0.00 ?  3   DGL A H    10 
HETATM 1587 H HA   . DGL A 1 2 ? -2.422  -1.790 3.733  1.00 0.00 ?  3   DGL A HA   10 
HETATM 1588 H HB2  . DGL A 1 2 ? -0.500  -1.784 5.334  1.00 0.00 ?  3   DGL A HB2  10 
HETATM 1589 H HB3  . DGL A 1 2 ? -0.817  -0.076 5.642  1.00 0.00 ?  3   DGL A HB3  10 
HETATM 1590 H HG2  . DGL A 1 2 ? -2.122  -0.940 7.318  1.00 0.00 ?  3   DGL A HG2  10 
HETATM 1591 H HG3  . DGL A 1 2 ? -3.303  -1.053 6.013  1.00 0.00 ?  3   DGL A HG3  10 
HETATM 1592 N N    . 2TL A 1 3 ? -0.433  0.544  2.602  1.00 0.00 ?  4   2TL A N    10 
HETATM 1593 C CA   . 2TL A 1 3 ? 0.624   0.772  1.622  1.00 0.00 ?  4   2TL A CA   10 
HETATM 1594 C CB   . 2TL A 1 3 ? 0.968   2.269  1.541  1.00 0.00 ?  4   2TL A CB   10 
HETATM 1595 O OG1  . 2TL A 1 3 ? 1.901   2.476  0.488  1.00 0.00 ?  4   2TL A OG1  10 
HETATM 1596 C CG2  . 2TL A 1 3 ? 1.589   2.735  2.861  1.00 0.00 ?  4   2TL A CG2  10 
HETATM 1597 C C    . 2TL A 1 3 ? 0.155   0.283  0.249  1.00 0.00 ?  4   2TL A C    10 
HETATM 1598 O O    . 2TL A 1 3 ? 0.945   -0.143 -0.571 1.00 0.00 ?  4   2TL A O    10 
HETATM 1599 H H    . 2TL A 1 3 ? -0.893  1.303  3.015  1.00 0.00 ?  4   2TL A H    10 
HETATM 1600 H HA   . 2TL A 1 3 ? 1.508   0.214  1.913  1.00 0.00 ?  4   2TL A HA   10 
HETATM 1601 H HB   . 2TL A 1 3 ? 0.072   2.846  1.342  1.00 0.00 ?  4   2TL A HB   10 
HETATM 1602 H HG21 . 2TL A 1 3 ? 1.867   1.876  3.455  1.00 0.00 ?  4   2TL A HG21 10 
HETATM 1603 H HG22 . 2TL A 1 3 ? 0.876   3.335  3.406  1.00 0.00 ?  4   2TL A HG22 10 
HETATM 1604 H HG23 . 2TL A 1 3 ? 2.470   3.327  2.653  1.00 0.00 ?  4   2TL A HG23 10 
HETATM 1605 N N    . DVA A 1 4 ? -1.126  0.339  -0.005 1.00 0.00 ?  5   DVA A N    10 
HETATM 1606 C CA   . DVA A 1 4 ? -1.635  -0.112 -1.288 1.00 0.00 ?  5   DVA A CA   10 
HETATM 1607 C CB   . DVA A 1 4 ? -3.081  0.361  -1.459 1.00 0.00 ?  5   DVA A CB   10 
HETATM 1608 C CG1  . DVA A 1 4 ? -3.137  1.886  -1.345 1.00 0.00 ?  5   DVA A CG1  10 
HETATM 1609 C CG2  . DVA A 1 4 ? -3.598  -0.063 -2.837 1.00 0.00 ?  5   DVA A CG2  10 
HETATM 1610 C C    . DVA A 1 4 ? -1.583  -1.641 -1.345 1.00 0.00 ?  5   DVA A C    10 
HETATM 1611 O O    . DVA A 1 4 ? -1.351  -2.224 -2.386 1.00 0.00 ?  5   DVA A O    10 
HETATM 1612 H H    . DVA A 1 4 ? -1.744  0.684  0.672  1.00 0.00 ?  5   DVA A H    10 
HETATM 1613 H HA   . DVA A 1 4 ? -1.029  0.299  -2.080 1.00 0.00 ?  5   DVA A HA   10 
HETATM 1614 H HB   . DVA A 1 4 ? -3.698  -0.080 -0.689 1.00 0.00 ?  5   DVA A HB   10 
HETATM 1615 H HG11 . DVA A 1 4 ? -3.080  2.324  -2.331 1.00 0.00 ?  5   DVA A HG11 10 
HETATM 1616 H HG12 . DVA A 1 4 ? -2.307  2.235  -0.750 1.00 0.00 ?  5   DVA A HG12 10 
HETATM 1617 H HG13 . DVA A 1 4 ? -4.065  2.178  -0.876 1.00 0.00 ?  5   DVA A HG13 10 
HETATM 1618 H HG21 . DVA A 1 4 ? -4.563  0.390  -3.014 1.00 0.00 ?  5   DVA A HG21 10 
HETATM 1619 H HG22 . DVA A 1 4 ? -3.693  -1.138 -2.870 1.00 0.00 ?  5   DVA A HG22 10 
HETATM 1620 H HG23 . DVA A 1 4 ? -2.904  0.262  -3.598 1.00 0.00 ?  5   DVA A HG23 10 
ATOM   1621 N N    . LEU A 1 5 ? -1.796  -2.295 -0.232 1.00 0.00 ?  6   LEU A N    10 
ATOM   1622 C CA   . LEU A 1 5 ? -1.759  -3.750 -0.214 1.00 0.00 ?  6   LEU A CA   10 
ATOM   1623 C C    . LEU A 1 5 ? -0.379  -4.235 -0.677 1.00 0.00 ?  6   LEU A C    10 
ATOM   1624 O O    . LEU A 1 5 ? -0.233  -5.337 -1.171 1.00 0.00 ?  6   LEU A O    10 
ATOM   1625 C CB   . LEU A 1 5 ? -2.840  -4.306 -1.156 1.00 0.00 ?  6   LEU A CB   10 
ATOM   1626 C CG   . LEU A 1 5 ? -4.108  -4.643 -0.362 1.00 0.00 ?  6   LEU A CG   10 
ATOM   1627 C CD1  . LEU A 1 5 ? -5.170  -5.196 -1.315 1.00 0.00 ?  6   LEU A CD1  10 
ATOM   1628 C CD2  . LEU A 1 5 ? -3.789  -5.696 0.703  1.00 0.00 ?  6   LEU A CD2  10 
ATOM   1629 H H    . LEU A 1 5 ? -1.980  -1.803 0.596  1.00 0.00 ?  6   LEU A H    10 
ATOM   1630 H HA   . LEU A 1 5 ? -1.939  -4.100 0.793  1.00 0.00 ?  6   LEU A HA   10 
ATOM   1631 H HB2  . LEU A 1 5 ? -3.080  -3.553 -1.908 1.00 0.00 ?  6   LEU A HB2  10 
ATOM   1632 H HB3  . LEU A 1 5 ? -2.467  -5.214 -1.642 1.00 0.00 ?  6   LEU A HB3  10 
ATOM   1633 H HG   . LEU A 1 5 ? -4.487  -3.748 0.113  1.00 0.00 ?  6   LEU A HG   10 
ATOM   1634 H HD11 . LEU A 1 5 ? -5.093  -6.272 -1.352 1.00 0.00 ?  6   LEU A HD11 10 
ATOM   1635 H HD12 . LEU A 1 5 ? -5.015  -4.788 -2.303 1.00 0.00 ?  6   LEU A HD12 10 
ATOM   1636 H HD13 . LEU A 1 5 ? -6.152  -4.916 -0.960 1.00 0.00 ?  6   LEU A HD13 10 
ATOM   1637 H HD21 . LEU A 1 5 ? -4.651  -6.330 0.852  1.00 0.00 ?  6   LEU A HD21 10 
ATOM   1638 H HD22 . LEU A 1 5 ? -3.537  -5.205 1.630  1.00 0.00 ?  6   LEU A HD22 10 
ATOM   1639 H HD23 . LEU A 1 5 ? -2.953  -6.297 0.375  1.00 0.00 ?  6   LEU A HD23 10 
HETATM 1640 N N    . DSN A 1 6 ? 0.632   -3.421 -0.517 1.00 0.00 ?  7   DSN A N    10 
HETATM 1641 C CA   . DSN A 1 6 ? 1.965   -3.823 -0.932 1.00 0.00 ?  7   DSN A CA   10 
HETATM 1642 C C    . DSN A 1 6 ? 2.182   -3.453 -2.403 1.00 0.00 ?  7   DSN A C    10 
HETATM 1643 O O    . DSN A 1 6 ? 2.948   -4.088 -3.102 1.00 0.00 ?  7   DSN A O    10 
HETATM 1644 C CB   . DSN A 1 6 ? 3.005   -3.108 -0.067 1.00 0.00 ?  7   DSN A CB   10 
HETATM 1645 O OG   . DSN A 1 6 ? 3.029   -1.729 -0.402 1.00 0.00 ?  7   DSN A OG   10 
HETATM 1646 H H    . DSN A 1 6 ? 0.492   -2.540 -0.115 1.00 0.00 ?  7   DSN A H    10 
HETATM 1647 H HA   . DSN A 1 6 ? 2.073   -4.890 -0.809 1.00 0.00 ?  7   DSN A HA   10 
HETATM 1648 H HB2  . DSN A 1 6 ? 3.983   -3.540 -0.249 1.00 0.00 ?  7   DSN A HB2  10 
HETATM 1649 H HB3  . DSN A 1 6 ? 2.743   -3.220 0.979  1.00 0.00 ?  7   DSN A HB3  10 
HETATM 1650 H HG   . DSN A 1 6 ? 2.175   -1.353 -0.175 1.00 0.00 ?  7   DSN A HG   10 
ATOM   1651 N N    . LEU A 1 7 ? 1.518   -2.432 -2.876 1.00 0.00 ?  8   LEU A N    10 
ATOM   1652 C CA   . LEU A 1 7 ? 1.687   -2.035 -4.264 1.00 0.00 ?  8   LEU A CA   10 
ATOM   1653 C C    . LEU A 1 7 ? 2.866   -1.059 -4.390 1.00 0.00 ?  8   LEU A C    10 
ATOM   1654 O O    . LEU A 1 7 ? 3.242   -0.674 -5.479 1.00 0.00 ?  8   LEU A O    10 
ATOM   1655 C CB   . LEU A 1 7 ? 0.405   -1.358 -4.765 1.00 0.00 ?  8   LEU A CB   10 
ATOM   1656 C CG   . LEU A 1 7 ? -0.344  -2.294 -5.723 1.00 0.00 ?  8   LEU A CG   10 
ATOM   1657 C CD1  . LEU A 1 7 ? 0.534   -2.599 -6.940 1.00 0.00 ?  8   LEU A CD1  10 
ATOM   1658 C CD2  . LEU A 1 7 ? -0.692  -3.601 -5.002 1.00 0.00 ?  8   LEU A CD2  10 
ATOM   1659 H H    . LEU A 1 7 ? 0.906   -1.934 -2.295 1.00 0.00 ?  8   LEU A H    10 
ATOM   1660 H HA   . LEU A 1 7 ? 1.883   -2.911 -4.863 1.00 0.00 ?  8   LEU A HA   10 
ATOM   1661 H HB2  . LEU A 1 7 ? -0.229  -1.125 -3.923 1.00 0.00 ?  8   LEU A HB2  10 
ATOM   1662 H HB3  . LEU A 1 7 ? 0.660   -0.446 -5.283 1.00 0.00 ?  8   LEU A HB3  10 
ATOM   1663 H HG   . LEU A 1 7 ? -1.253  -1.812 -6.052 1.00 0.00 ?  8   LEU A HG   10 
ATOM   1664 H HD11 . LEU A 1 7 ? 0.491   -3.657 -7.160 1.00 0.00 ?  8   LEU A HD11 10 
ATOM   1665 H HD12 . LEU A 1 7 ? 1.555   -2.317 -6.730 1.00 0.00 ?  8   LEU A HD12 10 
ATOM   1666 H HD13 . LEU A 1 7 ? 0.175   -2.041 -7.792 1.00 0.00 ?  8   LEU A HD13 10 
ATOM   1667 H HD21 . LEU A 1 7 ? -1.057  -4.321 -5.720 1.00 0.00 ?  8   LEU A HD21 10 
ATOM   1668 H HD22 . LEU A 1 7 ? -1.456  -3.412 -4.264 1.00 0.00 ?  8   LEU A HD22 10 
ATOM   1669 H HD23 . LEU A 1 7 ? 0.190   -3.991 -4.516 1.00 0.00 ?  8   LEU A HD23 10 
HETATM 1670 N N    . DSN A 1 8 ? 3.456   -0.662 -3.290 1.00 0.00 ?  9   DSN A N    10 
HETATM 1671 C CA   . DSN A 1 8 ? 4.581   0.256  -3.357 1.00 0.00 ?  9   DSN A CA   10 
HETATM 1672 C C    . DSN A 1 8 ? 4.169   1.644  -2.842 1.00 0.00 ?  9   DSN A C    10 
HETATM 1673 O O    . DSN A 1 8 ? 4.942   2.580  -2.894 1.00 0.00 ?  9   DSN A O    10 
HETATM 1674 C CB   . DSN A 1 8 ? 5.726   -0.283 -2.500 1.00 0.00 ?  9   DSN A CB   10 
HETATM 1675 O OG   . DSN A 1 8 ? 5.294   -0.379 -1.148 1.00 0.00 ?  9   DSN A OG   10 
HETATM 1676 H H    . DSN A 1 8 ? 3.143   -0.987 -2.420 1.00 0.00 ?  9   DSN A H    10 
HETATM 1677 H HA   . DSN A 1 8 ? 4.914   0.340  -4.380 1.00 0.00 ?  9   DSN A HA   10 
HETATM 1678 H HB2  . DSN A 1 8 ? 6.011   -1.265 -2.851 1.00 0.00 ?  9   DSN A HB2  10 
HETATM 1679 H HB3  . DSN A 1 8 ? 6.575   0.391  -2.571 1.00 0.00 ?  9   DSN A HB3  10 
HETATM 1680 H HG   . DSN A 1 8 ? 5.823   0.227  -0.624 1.00 0.00 ?  9   DSN A HG   10 
ATOM   1681 N N    . ILE A 1 9 ? 2.968   1.784  -2.336 1.00 0.00 ?  10  ILE A N    10 
ATOM   1682 C CA   . ILE A 1 9 ? 2.542   3.078  -1.826 1.00 0.00 ?  10  ILE A CA   10 
ATOM   1683 C C    . ILE A 1 9 ? 1.462   2.877  -0.758 1.00 0.00 ?  10  ILE A C    10 
ATOM   1684 O O    . ILE A 1 9 ? 0.293   3.073  -1.023 1.00 0.00 ?  10  ILE A O    10 
ATOM   1685 C CB   . ILE A 1 9 ? 1.985   3.954  -2.961 1.00 0.00 ?  10  ILE A CB   10 
ATOM   1686 C CG1  . ILE A 1 9 ? 0.934   3.171  -3.778 1.00 0.00 ?  10  ILE A CG1  10 
ATOM   1687 C CG2  . ILE A 1 9 ? 3.131   4.424  -3.865 1.00 0.00 ?  10  ILE A CG2  10 
ATOM   1688 C CD1  . ILE A 1 9 ? 1.591   2.397  -4.931 1.00 0.00 ?  10  ILE A CD1  10 
ATOM   1689 H H    . ILE A 1 9 ? 2.363   1.016  -2.286 1.00 0.00 ?  10  ILE A H    10 
ATOM   1690 H HA   . ILE A 1 9 ? 3.389   3.578  -1.380 1.00 0.00 ?  10  ILE A HA   10 
ATOM   1691 H HB   . ILE A 1 9 ? 1.513   4.823  -2.523 1.00 0.00 ?  10  ILE A HB   10 
ATOM   1692 H HG12 . ILE A 1 9 ? 0.420   2.477  -3.130 1.00 0.00 ?  10  ILE A HG12 10 
ATOM   1693 H HG13 . ILE A 1 9 ? 0.216   3.868  -4.186 1.00 0.00 ?  10  ILE A HG13 10 
ATOM   1694 H HG21 . ILE A 1 9 ? 2.736   5.062  -4.642 1.00 0.00 ?  10  ILE A HG21 10 
ATOM   1695 H HG22 . ILE A 1 9 ? 3.614   3.569  -4.314 1.00 0.00 ?  10  ILE A HG22 10 
ATOM   1696 H HG23 . ILE A 1 9 ? 3.850   4.975  -3.277 1.00 0.00 ?  10  ILE A HG23 10 
ATOM   1697 H HD11 . ILE A 1 9 ? 2.620   2.186  -4.687 1.00 0.00 ?  10  ILE A HD11 10 
ATOM   1698 H HD12 . ILE A 1 9 ? 1.550   2.992  -5.831 1.00 0.00 ?  10  ILE A HD12 10 
ATOM   1699 H HD13 . ILE A 1 9 ? 1.060   1.471  -5.090 1.00 0.00 ?  10  ILE A HD13 10 
HETATM 1700 C CA   . IG8 B 2 . ? -1.893  4.763  3.527  1.00 0.00 ?  101 IG8 A CA   10 
HETATM 1701 C C    . IG8 B 2 . ? -2.560  3.539  2.889  1.00 0.00 ?  101 IG8 A C    10 
HETATM 1702 O O    . IG8 B 2 . ? -2.125  3.054  1.862  1.00 0.00 ?  101 IG8 A O    10 
HETATM 1703 C CB   . IG8 B 2 . ? -1.179  5.578  2.448  1.00 0.00 ?  101 IG8 A CB   10 
HETATM 1704 C CG2  . IG8 B 2 . ? -0.887  6.983  2.978  1.00 0.00 ?  101 IG8 A CG2  10 
HETATM 1705 O OG1  . IG8 B 2 . ? 0.041   4.938  2.101  1.00 0.00 ?  101 IG8 A OG1  10 
HETATM 1706 C CD   . IG8 B 2 . ? -0.936  7.986  1.825  1.00 0.00 ?  101 IG8 A CD   10 
HETATM 1707 C CE   . IG8 B 2 . ? -0.494  9.363  2.327  1.00 0.00 ?  101 IG8 A CE   10 
HETATM 1708 C CZ   . IG8 B 2 . ? -1.214  10.454 1.530  1.00 0.00 ?  101 IG8 A CZ   10 
HETATM 1709 C CH   . IG8 B 2 . ? -0.325  10.913 0.370  1.00 0.00 ?  101 IG8 A CH   10 
HETATM 1710 C CI   . IG8 B 2 . ? 0.642   12.992 1.366  1.00 0.00 ?  101 IG8 A CI   10 
HETATM 1711 C CT   . IG8 B 2 . ? -0.315  12.442 0.306  1.00 0.00 ?  101 IG8 A CT   10 
HETATM 1712 H HA1  . IG8 B 2 . ? -1.174  4.437  4.264  1.00 0.00 ?  101 IG8 A HA1  10 
HETATM 1713 H HA2  . IG8 B 2 . ? -2.644  5.377  4.003  1.00 0.00 ?  101 IG8 A HA2  10 
HETATM 1714 H HB   . IG8 B 2 . ? -1.808  5.652  1.575  1.00 0.00 ?  101 IG8 A HB   10 
HETATM 1715 H HG21 . IG8 B 2 . ? 0.093   7.002  3.428  1.00 0.00 ?  101 IG8 A HG21 10 
HETATM 1716 H HG22 . IG8 B 2 . ? -1.629  7.248  3.719  1.00 0.00 ?  101 IG8 A HG22 10 
HETATM 1717 H HG1  . IG8 B 2 . ? 0.530   5.526  1.520  1.00 0.00 ?  101 IG8 A HG1  10 
HETATM 1718 H HD1  . IG8 B 2 . ? -1.943  8.051  1.445  1.00 0.00 ?  101 IG8 A HD1  10 
HETATM 1719 H HD2  . IG8 B 2 . ? -0.272  7.660  1.037  1.00 0.00 ?  101 IG8 A HD2  10 
HETATM 1720 H HE1  . IG8 B 2 . ? 0.573   9.468  2.197  1.00 0.00 ?  101 IG8 A HE1  10 
HETATM 1721 H HE2  . IG8 B 2 . ? -0.740  9.459  3.375  1.00 0.00 ?  101 IG8 A HE2  10 
HETATM 1722 H HZ1  . IG8 B 2 . ? -1.422  11.292 2.177  1.00 0.00 ?  101 IG8 A HZ1  10 
HETATM 1723 H HZ2  . IG8 B 2 . ? -2.141  10.060 1.140  1.00 0.00 ?  101 IG8 A HZ2  10 
HETATM 1724 H HH1  . IG8 B 2 . ? -0.712  10.520 -0.557 1.00 0.00 ?  101 IG8 A HH1  10 
HETATM 1725 H HH2  . IG8 B 2 . ? 0.683   10.553 0.522  1.00 0.00 ?  101 IG8 A HH2  10 
HETATM 1726 H HI2  . IG8 B 2 . ? 1.619   12.549 1.232  1.00 0.00 ?  101 IG8 A HI2  10 
HETATM 1727 H HI3  . IG8 B 2 . ? 0.269   12.749 2.349  1.00 0.00 ?  101 IG8 A HI3  10 
HETATM 1728 H HI1  . IG8 B 2 . ? 0.716   14.065 1.263  1.00 0.00 ?  101 IG8 A HI1  10 
HETATM 1729 H HT1  . IG8 B 2 . ? -1.310  12.817 0.494  1.00 0.00 ?  101 IG8 A HT1  10 
HETATM 1730 H HT2  . IG8 B 2 . ? 0.011   12.760 -0.674 1.00 0.00 ?  101 IG8 A HT2  10 
ATOM   1731 N N    . LEU A 1 1 ? -3.907  2.614  3.255  1.00 0.00 ?  2   LEU A N    11 
ATOM   1732 C CA   . LEU A 1 1 ? -4.397  1.339  2.745  1.00 0.00 ?  2   LEU A CA   11 
ATOM   1733 C C    . LEU A 1 1 ? -3.298  0.267  2.848  1.00 0.00 ?  2   LEU A C    11 
ATOM   1734 O O    . LEU A 1 1 ? -3.070  -0.491 1.925  1.00 0.00 ?  2   LEU A O    11 
ATOM   1735 C CB   . LEU A 1 1 ? -4.821  1.505  1.275  1.00 0.00 ?  2   LEU A CB   11 
ATOM   1736 C CG   . LEU A 1 1 ? -6.248  2.068  1.192  1.00 0.00 ?  2   LEU A CG   11 
ATOM   1737 C CD1  . LEU A 1 1 ? -6.666  2.168  -0.276 1.00 0.00 ?  2   LEU A CD1  11 
ATOM   1738 C CD2  . LEU A 1 1 ? -7.218  1.141  1.930  1.00 0.00 ?  2   LEU A CD2  11 
ATOM   1739 H H1   . LEU A 1 1 ? -4.435  3.105  3.921  1.00 0.00 ?  2   LEU A H1   11 
ATOM   1740 H HA   . LEU A 1 1 ? -5.249  1.026  3.335  1.00 0.00 ?  2   LEU A HA   11 
ATOM   1741 H HB2  . LEU A 1 1 ? -4.139  2.202  0.788  1.00 0.00 ?  2   LEU A HB2  11 
ATOM   1742 H HB3  . LEU A 1 1 ? -4.784  0.536  0.772  1.00 0.00 ?  2   LEU A HB3  11 
ATOM   1743 H HG   . LEU A 1 1 ? -6.277  3.053  1.639  1.00 0.00 ?  2   LEU A HG   11 
ATOM   1744 H HD11 . LEU A 1 1 ? -7.365  2.982  -0.396 1.00 0.00 ?  2   LEU A HD11 11 
ATOM   1745 H HD12 . LEU A 1 1 ? -7.135  1.244  -0.581 1.00 0.00 ?  2   LEU A HD12 11 
ATOM   1746 H HD13 . LEU A 1 1 ? -5.794  2.349  -0.887 1.00 0.00 ?  2   LEU A HD13 11 
ATOM   1747 H HD21 . LEU A 1 1 ? -7.255  1.415  2.974  1.00 0.00 ?  2   LEU A HD21 11 
ATOM   1748 H HD22 . LEU A 1 1 ? -6.880  0.119  1.838  1.00 0.00 ?  2   LEU A HD22 11 
ATOM   1749 H HD23 . LEU A 1 1 ? -8.203  1.234  1.499  1.00 0.00 ?  2   LEU A HD23 11 
HETATM 1750 N N    . DGL A 1 2 ? -2.630  0.192  3.972  1.00 0.00 ?  3   DGL A N    11 
HETATM 1751 C CA   . DGL A 1 2 ? -1.588  -0.810 4.151  1.00 0.00 ?  3   DGL A CA   11 
HETATM 1752 C C    . DGL A 1 2 ? -0.532  -0.710 3.039  1.00 0.00 ?  3   DGL A C    11 
HETATM 1753 O O    . DGL A 1 2 ? -0.206  -1.691 2.399  1.00 0.00 ?  3   DGL A O    11 
HETATM 1754 C CB   . DGL A 1 2 ? -0.913  -0.597 5.507  1.00 0.00 ?  3   DGL A CB   11 
HETATM 1755 C CG   . DGL A 1 2 ? -1.903  -0.914 6.628  1.00 0.00 ?  3   DGL A CG   11 
HETATM 1756 C CD   . DGL A 1 2 ? -1.696  -2.353 7.103  1.00 0.00 ?  3   DGL A CD   11 
HETATM 1757 O OE1  . DGL A 1 2 ? -2.236  -3.247 6.473  1.00 0.00 -1 3   DGL A OE1  11 
HETATM 1758 O OE2  . DGL A 1 2 ? -1.000  -2.536 8.089  1.00 0.00 ?  3   DGL A OE2  11 
HETATM 1759 H H    . DGL A 1 2 ? -2.843  0.804  4.706  1.00 0.00 ?  3   DGL A H    11 
HETATM 1760 H HA   . DGL A 1 2 ? -2.032  -1.793 4.131  1.00 0.00 ?  3   DGL A HA   11 
HETATM 1761 H HB2  . DGL A 1 2 ? -0.055  -1.250 5.588  1.00 0.00 ?  3   DGL A HB2  11 
HETATM 1762 H HB3  . DGL A 1 2 ? -0.591  0.430  5.592  1.00 0.00 ?  3   DGL A HB3  11 
HETATM 1763 H HG2  . DGL A 1 2 ? -1.742  -0.234 7.453  1.00 0.00 ?  3   DGL A HG2  11 
HETATM 1764 H HG3  . DGL A 1 2 ? -2.912  -0.801 6.260  1.00 0.00 ?  3   DGL A HG3  11 
HETATM 1765 N N    . 2TL A 1 3 ? 0.017   0.457  2.814  1.00 0.00 ?  4   2TL A N    11 
HETATM 1766 C CA   . 2TL A 1 3 ? 1.040   0.592  1.778  1.00 0.00 ?  4   2TL A CA   11 
HETATM 1767 C CB   . 2TL A 1 3 ? 1.602   2.026  1.760  1.00 0.00 ?  4   2TL A CB   11 
HETATM 1768 O OG1  . 2TL A 1 3 ? 2.452   2.171  0.632  1.00 0.00 ?  4   2TL A OG1  11 
HETATM 1769 C CG2  . 2TL A 1 3 ? 2.407   2.290  3.037  1.00 0.00 ?  4   2TL A CG2  11 
HETATM 1770 C C    . 2TL A 1 3 ? 0.445   0.264  0.405  1.00 0.00 ?  4   2TL A C    11 
HETATM 1771 O O    . 2TL A 1 3 ? 1.040   -0.448 -0.380 1.00 0.00 ?  4   2TL A O    11 
HETATM 1772 H H    . 2TL A 1 3 ? -0.253  1.234  3.349  1.00 0.00 ?  4   2TL A H    11 
HETATM 1773 H HA   . 2TL A 1 3 ? 1.847   -0.104 1.983  1.00 0.00 ?  4   2TL A HA   11 
HETATM 1774 H HB   . 2TL A 1 3 ? 0.791   2.743  1.690  1.00 0.00 ?  4   2TL A HB   11 
HETATM 1775 H HG21 . 2TL A 1 3 ? 1.884   3.006  3.653  1.00 0.00 ?  4   2TL A HG21 11 
HETATM 1776 H HG22 . 2TL A 1 3 ? 3.377   2.686  2.773  1.00 0.00 ?  4   2TL A HG22 11 
HETATM 1777 H HG23 . 2TL A 1 3 ? 2.534   1.368  3.585  1.00 0.00 ?  4   2TL A HG23 11 
HETATM 1778 N N    . DVA A 1 4 ? -0.720  0.777  0.103  1.00 0.00 ?  5   DVA A N    11 
HETATM 1779 C CA   . DVA A 1 4 ? -1.324  0.499  -1.190 1.00 0.00 ?  5   DVA A CA   11 
HETATM 1780 C CB   . DVA A 1 4 ? -2.636  1.274  -1.321 1.00 0.00 ?  5   DVA A CB   11 
HETATM 1781 C CG1  . DVA A 1 4 ? -2.369  2.769  -1.129 1.00 0.00 ?  5   DVA A CG1  11 
HETATM 1782 C CG2  . DVA A 1 4 ? -3.232  1.039  -2.712 1.00 0.00 ?  5   DVA A CG2  11 
HETATM 1783 C C    . DVA A 1 4 ? -1.600  -1.003 -1.315 1.00 0.00 ?  5   DVA A C    11 
HETATM 1784 O O    . DVA A 1 4 ? -1.573  -1.559 -2.395 1.00 0.00 ?  5   DVA A O    11 
HETATM 1785 H H    . DVA A 1 4 ? -1.183  1.350  0.748  1.00 0.00 ?  5   DVA A H    11 
HETATM 1786 H HA   . DVA A 1 4 ? -0.648  0.806  -1.974 1.00 0.00 ?  5   DVA A HA   11 
HETATM 1787 H HB   . DVA A 1 4 ? -3.330  0.934  -0.568 1.00 0.00 ?  5   DVA A HB   11 
HETATM 1788 H HG11 . DVA A 1 4 ? -1.330  2.979  -1.335 1.00 0.00 ?  5   DVA A HG11 11 
HETATM 1789 H HG12 . DVA A 1 4 ? -2.597  3.048  -0.111 1.00 0.00 ?  5   DVA A HG12 11 
HETATM 1790 H HG13 . DVA A 1 4 ? -2.992  3.336  -1.805 1.00 0.00 ?  5   DVA A HG13 11 
HETATM 1791 H HG21 . DVA A 1 4 ? -4.243  1.416  -2.740 1.00 0.00 ?  5   DVA A HG21 11 
HETATM 1792 H HG22 . DVA A 1 4 ? -3.237  -0.020 -2.928 1.00 0.00 ?  5   DVA A HG22 11 
HETATM 1793 H HG23 . DVA A 1 4 ? -2.635  1.554  -3.451 1.00 0.00 ?  5   DVA A HG23 11 
ATOM   1794 N N    . LEU A 1 5 ? -1.868  -1.662 -0.216 1.00 0.00 ?  6   LEU A N    11 
ATOM   1795 C CA   . LEU A 1 5 ? -2.142  -3.090 -0.259 1.00 0.00 ?  6   LEU A CA   11 
ATOM   1796 C C    . LEU A 1 5 ? -0.927  -3.836 -0.829 1.00 0.00 ?  6   LEU A C    11 
ATOM   1797 O O    . LEU A 1 5 ? -1.053  -4.914 -1.376 1.00 0.00 ?  6   LEU A O    11 
ATOM   1798 C CB   . LEU A 1 5 ? -3.370  -3.358 -1.148 1.00 0.00 ?  6   LEU A CB   11 
ATOM   1799 C CG   . LEU A 1 5 ? -4.630  -3.489 -0.282 1.00 0.00 ?  6   LEU A CG   11 
ATOM   1800 C CD1  . LEU A 1 5 ? -5.833  -3.777 -1.182 1.00 0.00 ?  6   LEU A CD1  11 
ATOM   1801 C CD2  . LEU A 1 5 ? -4.457  -4.642 0.712  1.00 0.00 ?  6   LEU A CD2  11 
ATOM   1802 H H    . LEU A 1 5 ? -1.884  -1.190 0.642  1.00 0.00 ?  6   LEU A H    11 
ATOM   1803 H HA   . LEU A 1 5 ? -2.336  -3.445 0.743  1.00 0.00 ?  6   LEU A HA   11 
ATOM   1804 H HB2  . LEU A 1 5 ? -3.499  -2.523 -1.839 1.00 0.00 ?  6   LEU A HB2  11 
ATOM   1805 H HB3  . LEU A 1 5 ? -3.218  -4.286 -1.705 1.00 0.00 ?  6   LEU A HB3  11 
ATOM   1806 H HG   . LEU A 1 5 ? -4.799  -2.566 0.255  1.00 0.00 ?  6   LEU A HG   11 
ATOM   1807 H HD11 . LEU A 1 5 ? -5.575  -4.548 -1.894 1.00 0.00 ?  6   LEU A HD11 11 
ATOM   1808 H HD12 . LEU A 1 5 ? -6.111  -2.877 -1.711 1.00 0.00 ?  6   LEU A HD12 11 
ATOM   1809 H HD13 . LEU A 1 5 ? -6.664  -4.110 -0.576 1.00 0.00 ?  6   LEU A HD13 11 
ATOM   1810 H HD21 . LEU A 1 5 ? -4.055  -4.261 1.638  1.00 0.00 ?  6   LEU A HD21 11 
ATOM   1811 H HD22 . LEU A 1 5 ? -3.781  -5.375 0.299  1.00 0.00 ?  6   LEU A HD22 11 
ATOM   1812 H HD23 . LEU A 1 5 ? -5.417  -5.102 0.899  1.00 0.00 ?  6   LEU A HD23 11 
HETATM 1813 N N    . DSN A 1 6 ? 0.247   -3.275 -0.694 1.00 0.00 ?  7   DSN A N    11 
HETATM 1814 C CA   . DSN A 1 6 ? 1.436   -3.939 -1.203 1.00 0.00 ?  7   DSN A CA   11 
HETATM 1815 C C    . DSN A 1 6 ? 1.724   -3.484 -2.640 1.00 0.00 ?  7   DSN A C    11 
HETATM 1816 O O    . DSN A 1 6 ? 2.412   -4.160 -3.381 1.00 0.00 ?  7   DSN A O    11 
HETATM 1817 C CB   . DSN A 1 6 ? 2.630   -3.597 -0.312 1.00 0.00 ?  7   DSN A CB   11 
HETATM 1818 O OG   . DSN A 1 6 ? 2.814   -2.189 -0.289 1.00 0.00 ?  7   DSN A OG   11 
HETATM 1819 H H    . DSN A 1 6 ? 0.327   -2.409 -0.242 1.00 0.00 ?  7   DSN A H    11 
HETATM 1820 H HA   . DSN A 1 6 ? 1.281   -5.007 -1.192 1.00 0.00 ?  7   DSN A HA   11 
HETATM 1821 H HB2  . DSN A 1 6 ? 3.522   -4.070 -0.707 1.00 0.00 ?  7   DSN A HB2  11 
HETATM 1822 H HB3  . DSN A 1 6 ? 2.441   -3.952 0.696  1.00 0.00 ?  7   DSN A HB3  11 
HETATM 1823 H HG   . DSN A 1 6 ? 3.086   -1.940 0.597  1.00 0.00 ?  7   DSN A HG   11 
ATOM   1824 N N    . LEU A 1 7 ? 1.211   -2.349 -3.038 1.00 0.00 ?  8   LEU A N    11 
ATOM   1825 C CA   . LEU A 1 7 ? 1.460   -1.875 -4.390 1.00 0.00 ?  8   LEU A CA   11 
ATOM   1826 C C    . LEU A 1 7 ? 2.770   -1.078 -4.434 1.00 0.00 ?  8   LEU A C    11 
ATOM   1827 O O    . LEU A 1 7 ? 3.229   -0.690 -5.490 1.00 0.00 ?  8   LEU A O    11 
ATOM   1828 C CB   . LEU A 1 7 ? 0.306   -0.974 -4.835 1.00 0.00 ?  8   LEU A CB   11 
ATOM   1829 C CG   . LEU A 1 7 ? -0.947  -1.819 -5.071 1.00 0.00 ?  8   LEU A CG   11 
ATOM   1830 C CD1  . LEU A 1 7 ? -2.179  -0.913 -5.056 1.00 0.00 ?  8   LEU A CD1  11 
ATOM   1831 C CD2  . LEU A 1 7 ? -0.843  -2.518 -6.430 1.00 0.00 ?  8   LEU A CD2  11 
ATOM   1832 H H    . LEU A 1 7 ? 0.661   -1.818 -2.427 1.00 0.00 ?  8   LEU A H    11 
ATOM   1833 H HA   . LEU A 1 7 ? 1.534   -2.719 -5.061 1.00 0.00 ?  8   LEU A HA   11 
ATOM   1834 H HB2  . LEU A 1 7 ? 0.104   -0.242 -4.067 1.00 0.00 ?  8   LEU A HB2  11 
ATOM   1835 H HB3  . LEU A 1 7 ? 0.577   -0.470 -5.750 1.00 0.00 ?  8   LEU A HB3  11 
ATOM   1836 H HG   . LEU A 1 7 ? -1.038  -2.560 -4.289 1.00 0.00 ?  8   LEU A HG   11 
ATOM   1837 H HD11 . LEU A 1 7 ? -1.931  0.019  -4.567 1.00 0.00 ?  8   LEU A HD11 11 
ATOM   1838 H HD12 . LEU A 1 7 ? -2.977  -1.400 -4.518 1.00 0.00 ?  8   LEU A HD12 11 
ATOM   1839 H HD13 . LEU A 1 7 ? -2.494  -0.715 -6.069 1.00 0.00 ?  8   LEU A HD13 11 
ATOM   1840 H HD21 . LEU A 1 7 ? -1.269  -1.884 -7.194 1.00 0.00 ?  8   LEU A HD21 11 
ATOM   1841 H HD22 . LEU A 1 7 ? -1.380  -3.454 -6.396 1.00 0.00 ?  8   LEU A HD22 11 
ATOM   1842 H HD23 . LEU A 1 7 ? 0.196   -2.707 -6.658 1.00 0.00 ?  8   LEU A HD23 11 
HETATM 1843 N N    . DSN A 1 8 ? 3.378   -0.836 -3.301 1.00 0.00 ?  9   DSN A N    11 
HETATM 1844 C CA   . DSN A 1 8 ? 4.626   -0.090 -3.287 1.00 0.00 ?  9   DSN A CA   11 
HETATM 1845 C C    . DSN A 1 8 ? 4.389   1.341  -2.786 1.00 0.00 ?  9   DSN A C    11 
HETATM 1846 O O    . DSN A 1 8 ? 5.227   2.206  -2.949 1.00 0.00 ?  9   DSN A O    11 
HETATM 1847 C CB   . DSN A 1 8 ? 5.625   -0.790 -2.366 1.00 0.00 ?  9   DSN A CB   11 
HETATM 1848 O OG   . DSN A 1 8 ? 5.217   -0.617 -1.015 1.00 0.00 ?  9   DSN A OG   11 
HETATM 1849 H H    . DSN A 1 8 ? 2.996   -1.163 -2.461 1.00 0.00 ?  9   DSN A H    11 
HETATM 1850 H HA   . DSN A 1 8 ? 5.033   -0.055 -4.287 1.00 0.00 ?  9   DSN A HA   11 
HETATM 1851 H HB2  . DSN A 1 8 ? 5.652   -1.846 -2.596 1.00 0.00 ?  9   DSN A HB2  11 
HETATM 1852 H HB3  . DSN A 1 8 ? 6.612   -0.359 -2.513 1.00 0.00 ?  9   DSN A HB3  11 
HETATM 1853 H HG   . DSN A 1 8 ? 4.317   -0.943 -0.934 1.00 0.00 ?  9   DSN A HG   11 
ATOM   1854 N N    . ILE A 1 9 ? 3.264   1.598  -2.164 1.00 0.00 ?  10  ILE A N    11 
ATOM   1855 C CA   . ILE A 1 9 ? 2.998   2.933  -1.656 1.00 0.00 ?  10  ILE A CA   11 
ATOM   1856 C C    . ILE A 1 9 ? 2.008   2.835  -0.493 1.00 0.00 ?  10  ILE A C    11 
ATOM   1857 O O    . ILE A 1 9 ? 0.898   3.322  -0.588 1.00 0.00 ?  10  ILE A O    11 
ATOM   1858 C CB   . ILE A 1 9 ? 2.410   3.826  -2.760 1.00 0.00 ?  10  ILE A CB   11 
ATOM   1859 C CG1  . ILE A 1 9 ? 1.202   3.129  -3.420 1.00 0.00 ?  10  ILE A CG1  11 
ATOM   1860 C CG2  . ILE A 1 9 ? 3.489   4.147  -3.802 1.00 0.00 ?  10  ILE A CG2  11 
ATOM   1861 C CD1  . ILE A 1 9 ? 1.644   2.268  -4.613 1.00 0.00 ?  10  ILE A CD1  11 
ATOM   1862 H H    . ILE A 1 9 ? 2.608   0.885  -2.025 1.00 0.00 ?  10  ILE A H    11 
ATOM   1863 H HA   . ILE A 1 9 ? 3.920   3.367  -1.301 1.00 0.00 ?  10  ILE A HA   11 
ATOM   1864 H HB   . ILE A 1 9 ? 2.078   4.753  -2.311 1.00 0.00 ?  10  ILE A HB   11 
ATOM   1865 H HG12 . ILE A 1 9 ? 0.710   2.502  -2.692 1.00 0.00 ?  10  ILE A HG12 11 
ATOM   1866 H HG13 . ILE A 1 9 ? 0.507   3.880  -3.766 1.00 0.00 ?  10  ILE A HG13 11 
ATOM   1867 H HG21 . ILE A 1 9 ? 3.824   3.235  -4.270 1.00 0.00 ?  10  ILE A HG21 11 
ATOM   1868 H HG22 . ILE A 1 9 ? 4.324   4.630  -3.317 1.00 0.00 ?  10  ILE A HG22 11 
ATOM   1869 H HG23 . ILE A 1 9 ? 3.079   4.807  -4.552 1.00 0.00 ?  10  ILE A HG23 11 
ATOM   1870 H HD11 . ILE A 1 9 ? 2.663   1.944  -4.470 1.00 0.00 ?  10  ILE A HD11 11 
ATOM   1871 H HD12 . ILE A 1 9 ? 1.577   2.852  -5.520 1.00 0.00 ?  10  ILE A HD12 11 
ATOM   1872 H HD13 . ILE A 1 9 ? 0.999   1.407  -4.694 1.00 0.00 ?  10  ILE A HD13 11 
HETATM 1873 C CA   . IG8 B 2 . ? -2.342  4.462  3.414  1.00 0.00 ?  101 IG8 A CA   11 
HETATM 1874 C C    . IG8 B 2 . ? -2.777  3.116  2.827  1.00 0.00 ?  101 IG8 A C    11 
HETATM 1875 O O    . IG8 B 2 . ? -2.099  2.540  1.998  1.00 0.00 ?  101 IG8 A O    11 
HETATM 1876 C CB   . IG8 B 2 . ? -1.043  4.923  2.748  1.00 0.00 ?  101 IG8 A CB   11 
HETATM 1877 C CG2  . IG8 B 2 . ? -0.805  6.404  3.054  1.00 0.00 ?  101 IG8 A CG2  11 
HETATM 1878 O OG1  . IG8 B 2 . ? 0.041   4.155  3.249  1.00 0.00 ?  101 IG8 A OG1  11 
HETATM 1879 C CD   . IG8 B 2 . ? -1.327  7.258  1.898  1.00 0.00 ?  101 IG8 A CD   11 
HETATM 1880 C CE   . IG8 B 2 . ? -0.783  8.682  2.028  1.00 0.00 ?  101 IG8 A CE   11 
HETATM 1881 C CZ   . IG8 B 2 . ? -1.492  9.397  3.181  1.00 0.00 ?  101 IG8 A CZ   11 
HETATM 1882 C CH   . IG8 B 2 . ? -1.504  10.905 2.919  1.00 0.00 ?  101 IG8 A CH   11 
HETATM 1883 C CI   . IG8 B 2 . ? 0.887   11.609 2.728  1.00 0.00 ?  101 IG8 A CI   11 
HETATM 1884 C CT   . IG8 B 2 . ? -0.332  11.564 3.651  1.00 0.00 ?  101 IG8 A CT   11 
HETATM 1885 H HA1  . IG8 B 2 . ? -2.179  4.355  4.476  1.00 0.00 ?  101 IG8 A HA1  11 
HETATM 1886 H HA2  . IG8 B 2 . ? -3.115  5.196  3.241  1.00 0.00 ?  101 IG8 A HA2  11 
HETATM 1887 H HB   . IG8 B 2 . ? -1.117  4.788  1.680  1.00 0.00 ?  101 IG8 A HB   11 
HETATM 1888 H HG21 . IG8 B 2 . ? 0.253   6.579  3.179  1.00 0.00 ?  101 IG8 A HG21 11 
HETATM 1889 H HG22 . IG8 B 2 . ? -1.324  6.669  3.964  1.00 0.00 ?  101 IG8 A HG22 11 
HETATM 1890 H HG1  . IG8 B 2 . ? 0.854   4.529  2.903  1.00 0.00 ?  101 IG8 A HG1  11 
HETATM 1891 H HD1  . IG8 B 2 . ? -2.407  7.283  1.928  1.00 0.00 ?  101 IG8 A HD1  11 
HETATM 1892 H HD2  . IG8 B 2 . ? -1.003  6.831  0.960  1.00 0.00 ?  101 IG8 A HD2  11 
HETATM 1893 H HE1  . IG8 B 2 . ? -0.960  9.221  1.110  1.00 0.00 ?  101 IG8 A HE1  11 
HETATM 1894 H HE2  . IG8 B 2 . ? 0.278   8.645  2.225  1.00 0.00 ?  101 IG8 A HE2  11 
HETATM 1895 H HZ1  . IG8 B 2 . ? -0.968  9.199  4.103  1.00 0.00 ?  101 IG8 A HZ1  11 
HETATM 1896 H HZ2  . IG8 B 2 . ? -2.507  9.037  3.258  1.00 0.00 ?  101 IG8 A HZ2  11 
HETATM 1897 H HH1  . IG8 B 2 . ? -2.430  11.326 3.277  1.00 0.00 ?  101 IG8 A HH1  11 
HETATM 1898 H HH2  . IG8 B 2 . ? -1.413  11.087 1.857  1.00 0.00 ?  101 IG8 A HH2  11 
HETATM 1899 H HI2  . IG8 B 2 . ? 0.560   11.606 1.699  1.00 0.00 ?  101 IG8 A HI2  11 
HETATM 1900 H HI3  . IG8 B 2 . ? 1.510   10.747 2.911  1.00 0.00 ?  101 IG8 A HI3  11 
HETATM 1901 H HI1  . IG8 B 2 . ? 1.452   12.509 2.923  1.00 0.00 ?  101 IG8 A HI1  11 
HETATM 1902 H HT1  . IG8 B 2 . ? -0.091  10.990 4.534  1.00 0.00 ?  101 IG8 A HT1  11 
HETATM 1903 H HT2  . IG8 B 2 . ? -0.606  12.568 3.937  1.00 0.00 ?  101 IG8 A HT2  11 
# 
